data_2GBN
# 
_entry.id   2GBN 
# 
_audit_conform.dict_name       mmcif_pdbx.dic 
_audit_conform.dict_version    5.377 
_audit_conform.dict_location   http://mmcif.pdb.org/dictionaries/ascii/mmcif_pdbx.dic 
# 
loop_
_database_2.database_id 
_database_2.database_code 
_database_2.pdbx_database_accession 
_database_2.pdbx_DOI 
PDB   2GBN         pdb_00002gbn 10.2210/pdb2gbn/pdb 
RCSB  RCSB036926   ?            ?                   
WWPDB D_1000036926 ?            ?                   
# 
loop_
_pdbx_database_related.db_name 
_pdbx_database_related.db_id 
_pdbx_database_related.details 
_pdbx_database_related.content_type 
PDB 2GBJ 'Crystal Structure of the 9-10 8 Glycine Insertion Mutant of Ubiquitin'         unspecified 
PDB 2GBK 'Crystal Structure of the 9-10 MoaD Insertion Mutant of the same protein'       unspecified 
PDB 2GBM 'Crystal Structure of the 35-36 8 Glycine Insertion Mutant of the same protein' unspecified 
PDB 2GBR 'Crystal Structure of the 35-36 MoaD Insertion Mutant of the same protein'      unspecified 
# 
_pdbx_database_status.entry_id                        2GBN 
_pdbx_database_status.deposit_site                    RCSB 
_pdbx_database_status.process_site                    RCSB 
_pdbx_database_status.recvd_initial_deposition_date   2006-03-10 
_pdbx_database_status.status_code                     REL 
_pdbx_database_status.status_code_sf                  REL 
_pdbx_database_status.status_code_mr                  ? 
_pdbx_database_status.SG_entry                        ? 
_pdbx_database_status.pdb_format_compatible           Y 
_pdbx_database_status.status_code_cs                  ? 
_pdbx_database_status.status_code_nmr_data            ? 
_pdbx_database_status.methods_development_category    ? 
# 
loop_
_audit_author.name 
_audit_author.pdbx_ordinal 
'Ferraro, D.M.'   1 
'Ferraro, D.J.'   2 
'Ramaswamy, S.'   3 
'Robertson, A.D.' 4 
# 
_citation.id                        primary 
_citation.title                     
'Structures of Ubiquitin Insertion Mutants Support Site-specific Reflex Response to Insertions Hypothesis.' 
_citation.journal_abbrev            J.Mol.Biol. 
_citation.journal_volume            359 
_citation.page_first                390 
_citation.page_last                 402 
_citation.year                      2006 
_citation.journal_id_ASTM           JMOBAK 
_citation.country                   UK 
_citation.journal_id_ISSN           0022-2836 
_citation.journal_id_CSD            0070 
_citation.book_publisher            ? 
_citation.pdbx_database_id_PubMed   16647719 
_citation.pdbx_database_id_DOI      10.1016/j.jmb.2006.03.047 
# 
loop_
_citation_author.citation_id 
_citation_author.name 
_citation_author.ordinal 
_citation_author.identifier_ORCID 
primary 'Ferraro, D.M.'   1 ? 
primary 'Ferraro, D.J.'   2 ? 
primary 'Ramaswamy, S.'   3 ? 
primary 'Robertson, A.D.' 4 ? 
# 
_cell.length_a           45.773 
_cell.length_b           45.773 
_cell.length_c           111.549 
_cell.angle_alpha        90.00 
_cell.angle_beta         90.00 
_cell.angle_gamma        120.00 
_cell.entry_id           2GBN 
_cell.pdbx_unique_axis   ? 
_cell.Z_PDB              12 
_cell.length_a_esd       ? 
_cell.length_b_esd       ? 
_cell.length_c_esd       ? 
_cell.angle_alpha_esd    ? 
_cell.angle_beta_esd     ? 
_cell.angle_gamma_esd    ? 
# 
_symmetry.space_group_name_H-M             'P 65 2 2' 
_symmetry.entry_id                         2GBN 
_symmetry.pdbx_full_space_group_name_H-M   ? 
_symmetry.Int_Tables_number                179 
_symmetry.cell_setting                     ? 
_symmetry.space_group_name_Hall            ? 
# 
loop_
_entity.id 
_entity.type 
_entity.src_method 
_entity.pdbx_description 
_entity.formula_weight 
_entity.pdbx_number_of_molecules 
_entity.pdbx_ec 
_entity.pdbx_mutation 
_entity.pdbx_fragment 
_entity.details 
1 polymer man Ubiquitin 9033.244 1  ? ? ? ? 
2 water   nat water     18.015   83 ? ? ? ? 
# 
_entity_poly.entity_id                      1 
_entity_poly.type                           'polypeptide(L)' 
_entity_poly.nstd_linkage                   no 
_entity_poly.nstd_monomer                   no 
_entity_poly.pdbx_seq_one_letter_code       
;MQIFVKTLTGKTITLEVEPSDTIENVKAKIQDKEGGGGGGGGGIPPDQQRLIFAGKQLEDGRTLSDYNIQKESTLHLVLR
LRGG
;
_entity_poly.pdbx_seq_one_letter_code_can   
;MQIFVKTLTGKTITLEVEPSDTIENVKAKIQDKEGGGGGGGGGIPPDQQRLIFAGKQLEDGRTLSDYNIQKESTLHLVLR
LRGG
;
_entity_poly.pdbx_strand_id                 A 
_entity_poly.pdbx_target_identifier         ? 
# 
loop_
_entity_poly_seq.entity_id 
_entity_poly_seq.num 
_entity_poly_seq.mon_id 
_entity_poly_seq.hetero 
1 1  MET n 
1 2  GLN n 
1 3  ILE n 
1 4  PHE n 
1 5  VAL n 
1 6  LYS n 
1 7  THR n 
1 8  LEU n 
1 9  THR n 
1 10 GLY n 
1 11 LYS n 
1 12 THR n 
1 13 ILE n 
1 14 THR n 
1 15 LEU n 
1 16 GLU n 
1 17 VAL n 
1 18 GLU n 
1 19 PRO n 
1 20 SER n 
1 21 ASP n 
1 22 THR n 
1 23 ILE n 
1 24 GLU n 
1 25 ASN n 
1 26 VAL n 
1 27 LYS n 
1 28 ALA n 
1 29 LYS n 
1 30 ILE n 
1 31 GLN n 
1 32 ASP n 
1 33 LYS n 
1 34 GLU n 
1 35 GLY n 
1 36 GLY n 
1 37 GLY n 
1 38 GLY n 
1 39 GLY n 
1 40 GLY n 
1 41 GLY n 
1 42 GLY n 
1 43 GLY n 
1 44 ILE n 
1 45 PRO n 
1 46 PRO n 
1 47 ASP n 
1 48 GLN n 
1 49 GLN n 
1 50 ARG n 
1 51 LEU n 
1 52 ILE n 
1 53 PHE n 
1 54 ALA n 
1 55 GLY n 
1 56 LYS n 
1 57 GLN n 
1 58 LEU n 
1 59 GLU n 
1 60 ASP n 
1 61 GLY n 
1 62 ARG n 
1 63 THR n 
1 64 LEU n 
1 65 SER n 
1 66 ASP n 
1 67 TYR n 
1 68 ASN n 
1 69 ILE n 
1 70 GLN n 
1 71 LYS n 
1 72 GLU n 
1 73 SER n 
1 74 THR n 
1 75 LEU n 
1 76 HIS n 
1 77 LEU n 
1 78 VAL n 
1 79 LEU n 
1 80 ARG n 
1 81 LEU n 
1 82 ARG n 
1 83 GLY n 
1 84 GLY n 
# 
_entity_src_gen.entity_id                          1 
_entity_src_gen.pdbx_src_id                        1 
_entity_src_gen.pdbx_alt_source_flag               sample 
_entity_src_gen.pdbx_seq_type                      ? 
_entity_src_gen.pdbx_beg_seq_num                   ? 
_entity_src_gen.pdbx_end_seq_num                   ? 
_entity_src_gen.gene_src_common_name               human 
_entity_src_gen.gene_src_genus                     Homo 
_entity_src_gen.pdbx_gene_src_gene                 ? 
_entity_src_gen.gene_src_species                   ? 
_entity_src_gen.gene_src_strain                    ? 
_entity_src_gen.gene_src_tissue                    ? 
_entity_src_gen.gene_src_tissue_fraction           ? 
_entity_src_gen.gene_src_details                   ? 
_entity_src_gen.pdbx_gene_src_fragment             ? 
_entity_src_gen.pdbx_gene_src_scientific_name      'Homo sapiens' 
_entity_src_gen.pdbx_gene_src_ncbi_taxonomy_id     9606 
_entity_src_gen.pdbx_gene_src_variant              ? 
_entity_src_gen.pdbx_gene_src_cell_line            ? 
_entity_src_gen.pdbx_gene_src_atcc                 ? 
_entity_src_gen.pdbx_gene_src_organ                ? 
_entity_src_gen.pdbx_gene_src_organelle            ? 
_entity_src_gen.pdbx_gene_src_cell                 ? 
_entity_src_gen.pdbx_gene_src_cellular_location    ? 
_entity_src_gen.host_org_common_name               ? 
_entity_src_gen.pdbx_host_org_scientific_name      'Escherichia coli BL21(DE3)' 
_entity_src_gen.pdbx_host_org_ncbi_taxonomy_id     469008 
_entity_src_gen.host_org_genus                     Escherichia 
_entity_src_gen.pdbx_host_org_gene                 ? 
_entity_src_gen.pdbx_host_org_organ                ? 
_entity_src_gen.host_org_species                   'Escherichia coli' 
_entity_src_gen.pdbx_host_org_tissue               ? 
_entity_src_gen.pdbx_host_org_tissue_fraction      ? 
_entity_src_gen.pdbx_host_org_strain               'BL21(DE3)' 
_entity_src_gen.pdbx_host_org_variant              ? 
_entity_src_gen.pdbx_host_org_cell_line            ? 
_entity_src_gen.pdbx_host_org_atcc                 ? 
_entity_src_gen.pdbx_host_org_culture_collection   ? 
_entity_src_gen.pdbx_host_org_cell                 ? 
_entity_src_gen.pdbx_host_org_organelle            ? 
_entity_src_gen.pdbx_host_org_cellular_location    ? 
_entity_src_gen.pdbx_host_org_vector_type          PLASMID 
_entity_src_gen.pdbx_host_org_vector               ? 
_entity_src_gen.host_org_details                   ? 
_entity_src_gen.expression_system_id               ? 
_entity_src_gen.plasmid_name                       pRS 
_entity_src_gen.plasmid_details                    ? 
_entity_src_gen.pdbx_description                   ? 
# 
_struct_ref.id                         1 
_struct_ref.db_name                    UNP 
_struct_ref.db_code                    UBIQ_HUMAN 
_struct_ref.pdbx_db_accession          P62988 
_struct_ref.entity_id                  1 
_struct_ref.pdbx_align_begin           1 
_struct_ref.pdbx_db_isoform            ? 
_struct_ref.pdbx_seq_one_letter_code   ? 
# 
_struct_ref_seq.align_id                      1 
_struct_ref_seq.ref_id                        1 
_struct_ref_seq.pdbx_PDB_id_code              2GBN 
_struct_ref_seq.pdbx_strand_id                A 
_struct_ref_seq.seq_align_beg                 1 
_struct_ref_seq.pdbx_seq_align_beg_ins_code   ? 
_struct_ref_seq.seq_align_end                 84 
_struct_ref_seq.pdbx_seq_align_end_ins_code   ? 
_struct_ref_seq.pdbx_db_accession             P62988 
_struct_ref_seq.db_align_beg                  1 
_struct_ref_seq.pdbx_db_align_beg_ins_code    ? 
_struct_ref_seq.db_align_end                  76 
_struct_ref_seq.pdbx_db_align_end_ins_code    ? 
_struct_ref_seq.pdbx_auth_seq_align_beg       1 
_struct_ref_seq.pdbx_auth_seq_align_end       84 
# 
loop_
_struct_ref_seq_dif.align_id 
_struct_ref_seq_dif.pdbx_pdb_id_code 
_struct_ref_seq_dif.mon_id 
_struct_ref_seq_dif.pdbx_pdb_strand_id 
_struct_ref_seq_dif.seq_num 
_struct_ref_seq_dif.pdbx_pdb_ins_code 
_struct_ref_seq_dif.pdbx_seq_db_name 
_struct_ref_seq_dif.pdbx_seq_db_accession_code 
_struct_ref_seq_dif.db_mon_id 
_struct_ref_seq_dif.pdbx_seq_db_seq_num 
_struct_ref_seq_dif.details 
_struct_ref_seq_dif.pdbx_auth_seq_num 
_struct_ref_seq_dif.pdbx_ordinal 
1 2GBN GLY A 35 ? UNP P62988 ? ? insertion 35 1 
1 2GBN GLY A 36 ? UNP P62988 ? ? insertion 36 2 
1 2GBN GLY A 37 ? UNP P62988 ? ? insertion 37 3 
1 2GBN GLY A 38 ? UNP P62988 ? ? insertion 38 4 
1 2GBN GLY A 39 ? UNP P62988 ? ? insertion 39 5 
1 2GBN GLY A 40 ? UNP P62988 ? ? insertion 40 6 
1 2GBN GLY A 41 ? UNP P62988 ? ? insertion 41 7 
1 2GBN GLY A 42 ? UNP P62988 ? ? insertion 42 8 
# 
loop_
_chem_comp.id 
_chem_comp.type 
_chem_comp.mon_nstd_flag 
_chem_comp.name 
_chem_comp.pdbx_synonyms 
_chem_comp.formula 
_chem_comp.formula_weight 
ALA 'L-peptide linking' y ALANINE         ? 'C3 H7 N O2'     89.093  
ARG 'L-peptide linking' y ARGININE        ? 'C6 H15 N4 O2 1' 175.209 
ASN 'L-peptide linking' y ASPARAGINE      ? 'C4 H8 N2 O3'    132.118 
ASP 'L-peptide linking' y 'ASPARTIC ACID' ? 'C4 H7 N O4'     133.103 
GLN 'L-peptide linking' y GLUTAMINE       ? 'C5 H10 N2 O3'   146.144 
GLU 'L-peptide linking' y 'GLUTAMIC ACID' ? 'C5 H9 N O4'     147.129 
GLY 'peptide linking'   y GLYCINE         ? 'C2 H5 N O2'     75.067  
HIS 'L-peptide linking' y HISTIDINE       ? 'C6 H10 N3 O2 1' 156.162 
HOH non-polymer         . WATER           ? 'H2 O'           18.015  
ILE 'L-peptide linking' y ISOLEUCINE      ? 'C6 H13 N O2'    131.173 
LEU 'L-peptide linking' y LEUCINE         ? 'C6 H13 N O2'    131.173 
LYS 'L-peptide linking' y LYSINE          ? 'C6 H15 N2 O2 1' 147.195 
MET 'L-peptide linking' y METHIONINE      ? 'C5 H11 N O2 S'  149.211 
PHE 'L-peptide linking' y PHENYLALANINE   ? 'C9 H11 N O2'    165.189 
PRO 'L-peptide linking' y PROLINE         ? 'C5 H9 N O2'     115.130 
SER 'L-peptide linking' y SERINE          ? 'C3 H7 N O3'     105.093 
THR 'L-peptide linking' y THREONINE       ? 'C4 H9 N O3'     119.119 
TYR 'L-peptide linking' y TYROSINE        ? 'C9 H11 N O3'    181.189 
VAL 'L-peptide linking' y VALINE          ? 'C5 H11 N O2'    117.146 
# 
_exptl.entry_id          2GBN 
_exptl.crystals_number   1 
_exptl.method            'X-RAY DIFFRACTION' 
# 
_exptl_crystal.id                    1 
_exptl_crystal.density_Matthews      1.87 
_exptl_crystal.density_meas          ? 
_exptl_crystal.density_percent_sol   34.10 
_exptl_crystal.description           ? 
_exptl_crystal.F_000                 ? 
_exptl_crystal.preparation           ? 
# 
_exptl_crystal_grow.crystal_id      1 
_exptl_crystal_grow.method          'VAPOR DIFFUSION, HANGING DROP' 
_exptl_crystal_grow.pH              5.5 
_exptl_crystal_grow.temp            279.15 
_exptl_crystal_grow.temp_details    ? 
_exptl_crystal_grow.pdbx_details    
'25-30% PEG 4000, 50 mM Sodium Cacodylate, pH 5.5, VAPOR DIFFUSION, HANGING DROP, temperature 279.15K' 
_exptl_crystal_grow.pdbx_pH_range   . 
# 
_diffrn.id                     1 
_diffrn.ambient_temp           100 
_diffrn.ambient_temp_details   ? 
_diffrn.crystal_id             1 
# 
_diffrn_detector.diffrn_id              1 
_diffrn_detector.detector               CCD 
_diffrn_detector.type                   'ADSC QUANTUM 4' 
_diffrn_detector.pdbx_collection_date   2005-03-13 
_diffrn_detector.details                ? 
# 
_diffrn_radiation.diffrn_id                        1 
_diffrn_radiation.wavelength_id                    1 
_diffrn_radiation.pdbx_diffrn_protocol             'SINGLE WAVELENGTH' 
_diffrn_radiation.monochromator                    'Cryogenically-cooled Si(111) double-crystal system' 
_diffrn_radiation.pdbx_monochromatic_or_laue_m_l   M 
_diffrn_radiation.pdbx_scattering_type             x-ray 
# 
_diffrn_radiation_wavelength.id           1 
_diffrn_radiation_wavelength.wavelength   1.00808 
_diffrn_radiation_wavelength.wt           1.0 
# 
_diffrn_source.diffrn_id                   1 
_diffrn_source.source                      SYNCHROTRON 
_diffrn_source.type                        'APS BEAMLINE 17-ID' 
_diffrn_source.pdbx_wavelength             ? 
_diffrn_source.pdbx_wavelength_list        1.00808 
_diffrn_source.pdbx_synchrotron_site       APS 
_diffrn_source.pdbx_synchrotron_beamline   17-ID 
# 
_reflns.entry_id                     2GBN 
_reflns.d_resolution_high            1.600 
_reflns.d_resolution_low             37.350 
_reflns.number_obs                   9821 
_reflns.pdbx_scaling_rejects         1425 
_reflns.pdbx_Rmerge_I_obs            0.094 
_reflns.pdbx_netI_over_sigmaI        16.500 
_reflns.pdbx_chi_squared             0.980 
_reflns.pdbx_redundancy              19.170 
_reflns.percent_possible_obs         100.000 
_reflns.observed_criterion_sigma_F   0.00 
_reflns.observed_criterion_sigma_I   0.00 
_reflns.number_all                   9821 
_reflns.pdbx_Rsym_value              ? 
_reflns.B_iso_Wilson_estimate        ? 
_reflns.R_free_details               ? 
_reflns.limit_h_max                  ? 
_reflns.limit_h_min                  ? 
_reflns.limit_k_max                  ? 
_reflns.limit_k_min                  ? 
_reflns.limit_l_max                  ? 
_reflns.limit_l_min                  ? 
_reflns.observed_criterion_F_max     ? 
_reflns.observed_criterion_F_min     ? 
_reflns.pdbx_diffrn_id               1 
_reflns.pdbx_ordinal                 1 
# 
_reflns_shell.d_res_high             1.60 
_reflns_shell.d_res_low              1.66 
_reflns_shell.number_measured_obs    ? 
_reflns_shell.number_measured_all    13241 
_reflns_shell.number_unique_obs      942 
_reflns_shell.Rmerge_I_obs           0.654 
_reflns_shell.meanI_over_sigI_obs    3.8 
_reflns_shell.pdbx_Rsym_value        ? 
_reflns_shell.pdbx_chi_squared       1.060 
_reflns_shell.pdbx_redundancy        14.02 
_reflns_shell.percent_possible_obs   100.00 
_reflns_shell.number_unique_all      ? 
_reflns_shell.percent_possible_all   100.0 
_reflns_shell.pdbx_diffrn_id         ? 
_reflns_shell.pdbx_ordinal           1 
# 
_refine.ls_d_res_high                            1.600 
_refine.ls_d_res_low                             37.35 
_refine.pdbx_ls_sigma_F                          0.00 
_refine.ls_percent_reflns_obs                    99.960 
_refine.ls_number_reflns_obs                     9768 
_refine.pdbx_ls_cross_valid_method               THROUGHOUT 
_refine.pdbx_R_Free_selection_details            RANDOM 
_refine.details                                  'HYDROGENS HAVE BEEN ADDED IN THE RIDING POSITIONS' 
_refine.ls_R_factor_all                          0.20591 
_refine.ls_R_factor_R_work                       0.20298 
_refine.ls_R_factor_R_free                       0.26491 
_refine.ls_percent_reflns_R_free                 4.800 
_refine.ls_number_reflns_R_free                  469 
_refine.B_iso_mean                               20.801 
_refine.aniso_B[1][1]                            0.930 
_refine.aniso_B[2][2]                            0.930 
_refine.aniso_B[3][3]                            -1.400 
_refine.aniso_B[1][2]                            0.470 
_refine.aniso_B[1][3]                            0.000 
_refine.aniso_B[2][3]                            0.000 
_refine.correlation_coeff_Fo_to_Fc               0.955 
_refine.correlation_coeff_Fo_to_Fc_free          0.932 
_refine.pdbx_overall_ESU_R                       0.150 
_refine.pdbx_overall_ESU_R_Free                  0.118 
_refine.overall_SU_ML                            0.092 
_refine.overall_SU_B                             5.227 
_refine.solvent_model_details                    'BABINET MODEL WITH MASK' 
_refine.pdbx_solvent_vdw_probe_radii             1.200 
_refine.pdbx_solvent_ion_probe_radii             0.800 
_refine.pdbx_solvent_shrinkage_radii             0.800 
_refine.pdbx_stereochemistry_target_values       'MAXIMUM LIKELIHOOD' 
_refine.entry_id                                 2GBN 
_refine.pdbx_ls_sigma_I                          ? 
_refine.ls_number_reflns_all                     9821 
_refine.ls_R_factor_obs                          0.20591 
_refine.ls_redundancy_reflns_obs                 ? 
_refine.pdbx_data_cutoff_high_absF               ? 
_refine.pdbx_data_cutoff_low_absF                ? 
_refine.ls_number_parameters                     ? 
_refine.ls_number_restraints                     ? 
_refine.ls_R_factor_R_free_error                 ? 
_refine.ls_R_factor_R_free_error_details         ? 
_refine.pdbx_method_to_determine_struct          'MOLECULAR REPLACEMENT' 
_refine.pdbx_starting_model                      'PDB ENTRY 2GBM' 
_refine.pdbx_stereochem_target_val_spec_case     ? 
_refine.solvent_model_param_bsol                 ? 
_refine.solvent_model_param_ksol                 ? 
_refine.occupancy_max                            ? 
_refine.occupancy_min                            ? 
_refine.pdbx_isotropic_thermal_model             ? 
_refine.B_iso_min                                ? 
_refine.B_iso_max                                ? 
_refine.overall_SU_R_Cruickshank_DPI             ? 
_refine.overall_SU_R_free                        ? 
_refine.pdbx_data_cutoff_high_rms_absF           ? 
_refine.ls_wR_factor_R_free                      ? 
_refine.ls_wR_factor_R_work                      ? 
_refine.overall_FOM_free_R_set                   ? 
_refine.overall_FOM_work_R_set                   ? 
_refine.pdbx_refine_id                           'X-RAY DIFFRACTION' 
_refine.pdbx_diffrn_id                           1 
_refine.pdbx_TLS_residual_ADP_flag               ? 
_refine.pdbx_overall_phase_error                 ? 
_refine.pdbx_overall_SU_R_free_Cruickshank_DPI   ? 
_refine.pdbx_overall_SU_R_Blow_DPI               ? 
_refine.pdbx_overall_SU_R_free_Blow_DPI          ? 
# 
_refine_hist.pdbx_refine_id                   'X-RAY DIFFRACTION' 
_refine_hist.cycle_id                         LAST 
_refine_hist.pdbx_number_atoms_protein        620 
_refine_hist.pdbx_number_atoms_nucleic_acid   0 
_refine_hist.pdbx_number_atoms_ligand         0 
_refine_hist.number_atoms_solvent             83 
_refine_hist.number_atoms_total               703 
_refine_hist.d_res_high                       1.600 
_refine_hist.d_res_low                        37.35 
# 
loop_
_refine_ls_restr.type 
_refine_ls_restr.number 
_refine_ls_restr.dev_ideal 
_refine_ls_restr.dev_ideal_target 
_refine_ls_restr.weight 
_refine_ls_restr.pdbx_refine_id 
_refine_ls_restr.pdbx_restraint_function 
r_bond_refined_d         627  0.024  0.022  ? 'X-RAY DIFFRACTION' ? 
r_bond_other_d           589  0.001  0.020  ? 'X-RAY DIFFRACTION' ? 
r_angle_refined_deg      842  1.947  1.990  ? 'X-RAY DIFFRACTION' ? 
r_angle_other_deg        1384 1.036  3.000  ? 'X-RAY DIFFRACTION' ? 
r_dihedral_angle_1_deg   80   6.517  5.000  ? 'X-RAY DIFFRACTION' ? 
r_dihedral_angle_2_deg   27   32.081 25.926 ? 'X-RAY DIFFRACTION' ? 
r_dihedral_angle_3_deg   122  15.170 15.000 ? 'X-RAY DIFFRACTION' ? 
r_dihedral_angle_4_deg   3    16.802 15.000 ? 'X-RAY DIFFRACTION' ? 
r_chiral_restr           97   0.126  0.200  ? 'X-RAY DIFFRACTION' ? 
r_gen_planes_refined     688  0.008  0.020  ? 'X-RAY DIFFRACTION' ? 
r_gen_planes_other       107  0.001  0.020  ? 'X-RAY DIFFRACTION' ? 
r_nbd_refined            102  0.250  0.200  ? 'X-RAY DIFFRACTION' ? 
r_nbd_other              573  0.202  0.200  ? 'X-RAY DIFFRACTION' ? 
r_nbtor_refined          294  0.191  0.200  ? 'X-RAY DIFFRACTION' ? 
r_nbtor_other            403  0.089  0.200  ? 'X-RAY DIFFRACTION' ? 
r_xyhbond_nbd_refined    58   0.191  0.200  ? 'X-RAY DIFFRACTION' ? 
r_symmetry_vdw_refined   9    0.188  0.200  ? 'X-RAY DIFFRACTION' ? 
r_symmetry_vdw_other     36   0.248  0.200  ? 'X-RAY DIFFRACTION' ? 
r_symmetry_hbond_refined 14   0.244  0.200  ? 'X-RAY DIFFRACTION' ? 
r_mcbond_it              510  2.192  1.500  ? 'X-RAY DIFFRACTION' ? 
r_mcbond_other           173  0.617  1.500  ? 'X-RAY DIFFRACTION' ? 
r_mcangle_it             637  2.798  2.000  ? 'X-RAY DIFFRACTION' ? 
r_scbond_it              253  5.035  3.000  ? 'X-RAY DIFFRACTION' ? 
r_scangle_it             205  5.992  4.500  ? 'X-RAY DIFFRACTION' ? 
r_rigid_bond_restr       760  4.046  3.000  ? 'X-RAY DIFFRACTION' ? 
r_sphericity_bonded      619  4.217  3.000  ? 'X-RAY DIFFRACTION' ? 
# 
_refine_ls_shell.d_res_high                       1.600 
_refine_ls_shell.d_res_low                        1.642 
_refine_ls_shell.pdbx_total_number_of_bins_used   20 
_refine_ls_shell.percent_reflns_obs               99.860 
_refine_ls_shell.number_reflns_R_work             668 
_refine_ls_shell.R_factor_all                     ? 
_refine_ls_shell.R_factor_R_work                  0.249 
_refine_ls_shell.R_factor_R_free                  0.414 
_refine_ls_shell.percent_reflns_R_free            ? 
_refine_ls_shell.number_reflns_R_free             30 
_refine_ls_shell.R_factor_R_free_error            ? 
_refine_ls_shell.number_reflns_all                ? 
_refine_ls_shell.number_reflns_obs                698 
_refine_ls_shell.redundancy_reflns_obs            ? 
_refine_ls_shell.pdbx_refine_id                   'X-RAY DIFFRACTION' 
# 
_struct.entry_id                  2GBN 
_struct.title                     'Crystal Structure of the 35-36 8 Glycine Insertion Mutant of Ubiquitin' 
_struct.pdbx_model_details        ? 
_struct.pdbx_CASP_flag            ? 
_struct.pdbx_model_type_details   ? 
# 
_struct_keywords.entry_id        2GBN 
_struct_keywords.pdbx_keywords   'PROTEIN BINDING' 
_struct_keywords.text            'LOOP INSERTION, PROTEIN BINDING' 
# 
loop_
_struct_asym.id 
_struct_asym.pdbx_blank_PDB_chainid_flag 
_struct_asym.pdbx_modified 
_struct_asym.entity_id 
_struct_asym.details 
A N N 1 ? 
B N N 2 ? 
# 
_struct_biol.id                    1 
_struct_biol.details               'The monomer is believed to be the active biological assembly.' 
_struct_biol.pdbx_parent_biol_id   ? 
# 
loop_
_struct_conf.conf_type_id 
_struct_conf.id 
_struct_conf.pdbx_PDB_helix_id 
_struct_conf.beg_label_comp_id 
_struct_conf.beg_label_asym_id 
_struct_conf.beg_label_seq_id 
_struct_conf.pdbx_beg_PDB_ins_code 
_struct_conf.end_label_comp_id 
_struct_conf.end_label_asym_id 
_struct_conf.end_label_seq_id 
_struct_conf.pdbx_end_PDB_ins_code 
_struct_conf.beg_auth_comp_id 
_struct_conf.beg_auth_asym_id 
_struct_conf.beg_auth_seq_id 
_struct_conf.end_auth_comp_id 
_struct_conf.end_auth_asym_id 
_struct_conf.end_auth_seq_id 
_struct_conf.pdbx_PDB_helix_class 
_struct_conf.details 
_struct_conf.pdbx_PDB_helix_length 
HELX_P HELX_P1 1 THR A 22 ? GLY A 35 ? THR A 22 GLY A 35 1 ? 14 
HELX_P HELX_P2 2 PRO A 45 ? ASP A 47 ? PRO A 45 ASP A 47 5 ? 3  
HELX_P HELX_P3 3 THR A 63 ? ASN A 68 ? THR A 63 ASN A 68 5 ? 6  
# 
_struct_conf_type.id          HELX_P 
_struct_conf_type.criteria    ? 
_struct_conf_type.reference   ? 
# 
_struct_sheet.id               A 
_struct_sheet.type             ? 
_struct_sheet.number_strands   5 
_struct_sheet.details          ? 
# 
loop_
_struct_sheet_order.sheet_id 
_struct_sheet_order.range_id_1 
_struct_sheet_order.range_id_2 
_struct_sheet_order.offset 
_struct_sheet_order.sense 
A 1 2 ? anti-parallel 
A 2 3 ? parallel      
A 3 4 ? anti-parallel 
A 4 5 ? anti-parallel 
# 
loop_
_struct_sheet_range.sheet_id 
_struct_sheet_range.id 
_struct_sheet_range.beg_label_comp_id 
_struct_sheet_range.beg_label_asym_id 
_struct_sheet_range.beg_label_seq_id 
_struct_sheet_range.pdbx_beg_PDB_ins_code 
_struct_sheet_range.end_label_comp_id 
_struct_sheet_range.end_label_asym_id 
_struct_sheet_range.end_label_seq_id 
_struct_sheet_range.pdbx_end_PDB_ins_code 
_struct_sheet_range.beg_auth_comp_id 
_struct_sheet_range.beg_auth_asym_id 
_struct_sheet_range.beg_auth_seq_id 
_struct_sheet_range.end_auth_comp_id 
_struct_sheet_range.end_auth_asym_id 
_struct_sheet_range.end_auth_seq_id 
A 1 THR A 12 ? GLU A 16 ? THR A 12 GLU A 16 
A 2 GLN A 2  ? LYS A 6  ? GLN A 2  LYS A 6  
A 3 THR A 74 ? LEU A 79 ? THR A 74 LEU A 79 
A 4 GLN A 49 ? PHE A 53 ? GLN A 49 PHE A 53 
A 5 LYS A 56 ? GLN A 57 ? LYS A 56 GLN A 57 
# 
loop_
_pdbx_struct_sheet_hbond.sheet_id 
_pdbx_struct_sheet_hbond.range_id_1 
_pdbx_struct_sheet_hbond.range_id_2 
_pdbx_struct_sheet_hbond.range_1_label_atom_id 
_pdbx_struct_sheet_hbond.range_1_label_comp_id 
_pdbx_struct_sheet_hbond.range_1_label_asym_id 
_pdbx_struct_sheet_hbond.range_1_label_seq_id 
_pdbx_struct_sheet_hbond.range_1_PDB_ins_code 
_pdbx_struct_sheet_hbond.range_1_auth_atom_id 
_pdbx_struct_sheet_hbond.range_1_auth_comp_id 
_pdbx_struct_sheet_hbond.range_1_auth_asym_id 
_pdbx_struct_sheet_hbond.range_1_auth_seq_id 
_pdbx_struct_sheet_hbond.range_2_label_atom_id 
_pdbx_struct_sheet_hbond.range_2_label_comp_id 
_pdbx_struct_sheet_hbond.range_2_label_asym_id 
_pdbx_struct_sheet_hbond.range_2_label_seq_id 
_pdbx_struct_sheet_hbond.range_2_PDB_ins_code 
_pdbx_struct_sheet_hbond.range_2_auth_atom_id 
_pdbx_struct_sheet_hbond.range_2_auth_comp_id 
_pdbx_struct_sheet_hbond.range_2_auth_asym_id 
_pdbx_struct_sheet_hbond.range_2_auth_seq_id 
A 1 2 O LEU A 15 ? O LEU A 15 N ILE A 3  ? N ILE A 3  
A 2 3 N PHE A 4  ? N PHE A 4  O LEU A 75 ? O LEU A 75 
A 3 4 O HIS A 76 ? O HIS A 76 N ILE A 52 ? N ILE A 52 
A 4 5 N PHE A 53 ? N PHE A 53 O LYS A 56 ? O LYS A 56 
# 
_atom_sites.entry_id                    2GBN 
_atom_sites.fract_transf_matrix[1][1]   -0.02166895 
_atom_sites.fract_transf_matrix[1][2]   0.00496124 
_atom_sites.fract_transf_matrix[1][3]   -0.01192801 
_atom_sites.fract_transf_matrix[2][1]   -0.00071078 
_atom_sites.fract_transf_matrix[2][2]   0.00039528 
_atom_sites.fract_transf_matrix[2][3]   -0.02521689 
_atom_sites.fract_transf_matrix[3][1]   -0.00195676 
_atom_sites.fract_transf_matrix[3][2]   -0.00874334 
_atom_sites.fract_transf_matrix[3][3]   -0.00008190 
_atom_sites.fract_transf_vector[1]      -0.074829 
_atom_sites.fract_transf_vector[2]      -0.460773 
_atom_sites.fract_transf_vector[3]      0.042857 
# 
loop_
_atom_type.symbol 
C 
N 
O 
S 
# 
loop_
_atom_site.group_PDB 
_atom_site.id 
_atom_site.type_symbol 
_atom_site.label_atom_id 
_atom_site.label_alt_id 
_atom_site.label_comp_id 
_atom_site.label_asym_id 
_atom_site.label_entity_id 
_atom_site.label_seq_id 
_atom_site.pdbx_PDB_ins_code 
_atom_site.Cartn_x 
_atom_site.Cartn_y 
_atom_site.Cartn_z 
_atom_site.occupancy 
_atom_site.B_iso_or_equiv 
_atom_site.pdbx_formal_charge 
_atom_site.auth_seq_id 
_atom_site.auth_comp_id 
_atom_site.auth_asym_id 
_atom_site.auth_atom_id 
_atom_site.pdbx_PDB_model_num 
ATOM   1   N N   . MET A 1 1  ? 1.095   -0.138  -14.349 1.00 35.25 ? 1   MET A N   1 
ATOM   2   C CA  . MET A 1 1  ? 2.416   -0.650  -13.946 1.00 34.96 ? 1   MET A CA  1 
ATOM   3   C C   . MET A 1 1  ? 2.134   -1.411  -12.684 1.00 33.01 ? 1   MET A C   1 
ATOM   4   O O   . MET A 1 1  ? 1.342   -0.968  -11.883 1.00 33.45 ? 1   MET A O   1 
ATOM   5   C CB  . MET A 1 1  ? 3.414   0.479   -13.667 1.00 35.79 ? 1   MET A CB  1 
ATOM   6   C CG  . MET A 1 1  ? 3.118   1.375   -12.428 1.00 36.98 ? 1   MET A CG  1 
ATOM   7   S SD  . MET A 1 1  ? 4.554   2.262   -11.890 1.00 40.23 ? 1   MET A SD  1 
ATOM   8   C CE  . MET A 1 1  ? 4.673   3.399   -13.281 1.00 39.82 ? 1   MET A CE  1 
ATOM   9   N N   . GLN A 1 2  ? 2.744   -2.561  -12.515 1.00 30.36 ? 2   GLN A N   1 
ATOM   10  C CA  . GLN A 1 2  ? 2.499   -3.360  -11.315 1.00 29.58 ? 2   GLN A CA  1 
ATOM   11  C C   . GLN A 1 2  ? 3.435   -2.902  -10.250 1.00 24.27 ? 2   GLN A C   1 
ATOM   12  O O   . GLN A 1 2  ? 4.583   -2.623  -10.550 1.00 25.33 ? 2   GLN A O   1 
ATOM   13  C CB  . GLN A 1 2  ? 2.821   -4.825  -11.560 1.00 29.66 ? 2   GLN A CB  1 
ATOM   14  C CG  . GLN A 1 2  ? 1.677   -5.573  -11.934 1.00 29.97 ? 2   GLN A CG  1 
ATOM   15  C CD  . GLN A 1 2  ? 2.004   -7.033  -12.169 1.00 31.84 ? 2   GLN A CD  1 
ATOM   16  O OE1 . GLN A 1 2  ? 3.206   -7.452  -12.324 1.00 33.58 ? 2   GLN A OE1 1 
ATOM   17  N NE2 . GLN A 1 2  ? 0.944   -7.828  -12.221 1.00 33.03 ? 2   GLN A NE2 1 
ATOM   18  N N   . ILE A 1 3  ? 2.957   -2.892  -9.021  1.00 22.16 ? 3   ILE A N   1 
ATOM   19  C CA  . ILE A 1 3  ? 3.808   -2.940  -7.850  1.00 19.40 ? 3   ILE A CA  1 
ATOM   20  C C   . ILE A 1 3  ? 3.342   -4.081  -6.959  1.00 17.44 ? 3   ILE A C   1 
ATOM   21  O O   . ILE A 1 3  ? 2.177   -4.614  -7.114  1.00 18.59 ? 3   ILE A O   1 
ATOM   22  C CB  . ILE A 1 3  ? 3.832   -1.603  -7.018  1.00 18.73 ? 3   ILE A CB  1 
ATOM   23  C CG1 . ILE A 1 3  ? 2.463   -1.293  -6.443  1.00 18.38 ? 3   ILE A CG1 1 
ATOM   24  C CG2 . ILE A 1 3  ? 4.376   -0.507  -7.930  1.00 20.41 ? 3   ILE A CG2 1 
ATOM   25  C CD1 . ILE A 1 3  ? 2.427   -0.047  -5.596  1.00 19.94 ? 3   ILE A CD1 1 
ATOM   26  N N   . PHE A 1 4  ? 4.224   -4.428  -6.003  1.00 17.29 ? 4   PHE A N   1 
ATOM   27  C CA  . PHE A 1 4  ? 3.874   -5.430  -5.045  1.00 15.15 ? 4   PHE A CA  1 
ATOM   28  C C   . PHE A 1 4  ? 3.901   -4.801  -3.654  1.00 16.04 ? 4   PHE A C   1 
ATOM   29  O O   . PHE A 1 4  ? 4.801   -4.027  -3.348  1.00 16.30 ? 4   PHE A O   1 
ATOM   30  C CB  . PHE A 1 4  ? 4.904   -6.535  -5.091  1.00 15.97 ? 4   PHE A CB  1 
ATOM   31  C CG  . PHE A 1 4  ? 5.377   -6.918  -6.506  1.00 15.24 ? 4   PHE A CG  1 
ATOM   32  C CD1 . PHE A 1 4  ? 4.505   -7.224  -7.492  1.00 18.03 ? 4   PHE A CD1 1 
ATOM   33  C CD2 . PHE A 1 4  ? 6.706   -7.121  -6.737  1.00 16.17 ? 4   PHE A CD2 1 
ATOM   34  C CE1 . PHE A 1 4  ? 4.990   -7.651  -8.716  1.00 18.33 ? 4   PHE A CE1 1 
ATOM   35  C CE2 . PHE A 1 4  ? 7.210   -7.567  -7.915  1.00 19.73 ? 4   PHE A CE2 1 
ATOM   36  C CZ  . PHE A 1 4  ? 6.399   -7.822  -8.897  1.00 18.56 ? 4   PHE A CZ  1 
ATOM   37  N N   . VAL A 1 5  ? 2.920   -5.168  -2.840  1.00 15.59 ? 5   VAL A N   1 
ATOM   38  C CA  . VAL A 1 5  ? 2.755   -4.615  -1.524  1.00 15.48 ? 5   VAL A CA  1 
ATOM   39  C C   . VAL A 1 5  ? 2.602   -5.733  -0.467  1.00 15.99 ? 5   VAL A C   1 
ATOM   40  O O   . VAL A 1 5  ? 1.676   -6.578  -0.504  1.00 12.40 ? 5   VAL A O   1 
ATOM   41  C CB  . VAL A 1 5  ? 1.526   -3.620  -1.459  1.00 15.51 ? 5   VAL A CB  1 
ATOM   42  C CG1 . VAL A 1 5  ? 1.375   -3.063  0.000   1.00 17.18 ? 5   VAL A CG1 1 
ATOM   43  C CG2 . VAL A 1 5  ? 1.714   -2.482  -2.461  1.00 14.78 ? 5   VAL A CG2 1 
ATOM   44  N N   . LYS A 1 6  ? 3.528   -5.769  0.485   1.00 15.44 ? 6   LYS A N   1 
ATOM   45  C CA  . LYS A 1 6  ? 3.394   -6.654  1.671   1.00 17.82 ? 6   LYS A CA  1 
ATOM   46  C C   . LYS A 1 6  ? 2.489   -6.028  2.692   1.00 16.77 ? 6   LYS A C   1 
ATOM   47  O O   . LYS A 1 6  ? 2.753   -4.907  3.124   1.00 17.69 ? 6   LYS A O   1 
ATOM   48  C CB  . LYS A 1 6  ? 4.748   -6.911  2.287   1.00 17.61 ? 6   LYS A CB  1 
ATOM   49  C CG  . LYS A 1 6  ? 4.698   -8.030  3.341   1.00 18.53 ? 6   LYS A CG  1 
ATOM   50  C CD  . LYS A 1 6  ? 6.111   -8.363  3.826   1.00 20.77 ? 6   LYS A CD  1 
ATOM   51  C CE  . LYS A 1 6  ? 6.180   -9.617  4.622   1.00 22.89 ? 6   LYS A CE  1 
ATOM   52  N NZ  . LYS A 1 6  ? 7.557   -10.041 4.419   1.00 27.56 ? 6   LYS A NZ  1 
ATOM   53  N N   . THR A 1 7  ? 1.418   -6.726  3.045   1.00 16.68 ? 7   THR A N   1 
ATOM   54  C CA  . THR A 1 7  ? 0.398   -6.231  3.963   1.00 17.33 ? 7   THR A CA  1 
ATOM   55  C C   . THR A 1 7  ? 0.785   -6.531  5.405   1.00 17.66 ? 7   THR A C   1 
ATOM   56  O O   . THR A 1 7  ? 1.714   -7.279  5.658   1.00 17.95 ? 7   THR A O   1 
ATOM   57  C CB  . THR A 1 7  ? -0.963  -6.913  3.700   1.00 18.74 ? 7   THR A CB  1 
ATOM   58  O OG1 . THR A 1 7  ? -0.911  -8.308  4.061   1.00 18.27 ? 7   THR A OG1 1 
ATOM   59  C CG2 . THR A 1 7  ? -1.429  -6.732  2.195   1.00 20.56 ? 7   THR A CG2 1 
ATOM   60  N N   . LEU A 1 8  ? 0.055   -6.015  6.369   1.00 17.00 ? 8   LEU A N   1 
ATOM   61  C CA  . LEU A 1 8  ? 0.343   -6.264  7.793   1.00 17.57 ? 8   LEU A CA  1 
ATOM   62  C C   . LEU A 1 8  ? 0.219   -7.738  8.123   1.00 16.67 ? 8   LEU A C   1 
ATOM   63  O O   . LEU A 1 8  ? 0.813   -8.168  9.090   1.00 15.19 ? 8   LEU A O   1 
ATOM   64  C CB  . LEU A 1 8  ? -0.617  -5.506  8.702   1.00 18.03 ? 8   LEU A CB  1 
ATOM   65  C CG  . LEU A 1 8  ? -0.523  -3.981  8.764   1.00 18.59 ? 8   LEU A CG  1 
ATOM   66  C CD1 . LEU A 1 8  ? -1.625  -3.399  9.624   1.00 20.16 ? 8   LEU A CD1 1 
ATOM   67  C CD2 . LEU A 1 8  ? 0.759   -3.604  9.326   1.00 24.16 ? 8   LEU A CD2 1 
ATOM   68  N N   . THR A 1 9  ? -0.574  -8.503  7.368   1.00 18.24 ? 9   THR A N   1 
ATOM   69  C CA  . THR A 1 9  ? -0.726  -9.938  7.603   1.00 20.09 ? 9   THR A CA  1 
ATOM   70  C C   . THR A 1 9  ? 0.427   -10.760 7.078   1.00 20.41 ? 9   THR A C   1 
ATOM   71  O O   . THR A 1 9  ? 0.537   -11.945 7.378   1.00 21.90 ? 9   THR A O   1 
ATOM   72  C CB  . THR A 1 9  ? -2.030  -10.533 7.044   1.00 21.58 ? 9   THR A CB  1 
ATOM   73  O OG1 . THR A 1 9  ? -2.120  -10.332 5.615   1.00 25.30 ? 9   THR A OG1 1 
ATOM   74  C CG2 . THR A 1 9  ? -3.221  -9.907  7.729   1.00 22.39 ? 9   THR A CG2 1 
ATOM   75  N N   . GLY A 1 10 ? 1.274   -10.138 6.277   1.00 19.05 ? 10  GLY A N   1 
ATOM   76  C CA  . GLY A 1 10 ? 2.463   -10.770 5.730   1.00 20.48 ? 10  GLY A CA  1 
ATOM   77  C C   . GLY A 1 10 ? 2.150   -11.281 4.318   1.00 21.28 ? 10  GLY A C   1 
ATOM   78  O O   . GLY A 1 10 ? 3.008   -11.846 3.676   1.00 22.65 ? 10  GLY A O   1 
ATOM   79  N N   . LYS A 1 11 ? 0.934   -11.034 3.832   1.00 21.39 ? 11  LYS A N   1 
ATOM   80  C CA  . LYS A 1 11 ? 0.535   -11.394 2.456   1.00 22.86 ? 11  LYS A CA  1 
ATOM   81  C C   . LYS A 1 11 ? 1.178   -10.433 1.455   1.00 21.28 ? 11  LYS A C   1 
ATOM   82  O O   . LYS A 1 11 ? 1.272   -9.257  1.748   1.00 22.62 ? 11  LYS A O   1 
ATOM   83  C CB  . LYS A 1 11 ? -0.975  -11.258 2.266   1.00 24.86 ? 11  LYS A CB  1 
ATOM   84  C CG  . LYS A 1 11 ? -1.890  -12.256 2.924   1.00 27.98 ? 11  LYS A CG  1 
ATOM   85  C CD  . LYS A 1 11 ? -3.383  -11.864 2.648   1.00 28.76 ? 11  LYS A CD  1 
ATOM   86  C CE  . LYS A 1 11 ? -4.395  -12.500 3.608   1.00 31.39 ? 11  LYS A CE  1 
ATOM   87  N NZ  . LYS A 1 11 ? -5.641  -11.677 3.810   1.00 32.65 ? 11  LYS A NZ  1 
ATOM   88  N N   . THR A 1 12 ? 1.613   -10.916 0.305   1.00 19.89 ? 12  THR A N   1 
ATOM   89  C CA  . THR A 1 12 ? 2.075   -10.003 -0.776  1.00 19.99 ? 12  THR A CA  1 
ATOM   90  C C   . THR A 1 12 ? 1.055   -9.911  -1.922  1.00 19.53 ? 12  THR A C   1 
ATOM   91  O O   . THR A 1 12 ? 0.714   -10.905 -2.582  1.00 20.54 ? 12  THR A O   1 
ATOM   92  C CB  . THR A 1 12 ? 3.486   -10.281 -1.304  1.00 20.58 ? 12  THR A CB  1 
ATOM   93  O OG1 . THR A 1 12 ? 4.400   -10.326 -0.219  1.00 21.19 ? 12  THR A OG1 1 
ATOM   94  C CG2 . THR A 1 12 ? 3.902   -9.162  -2.253  1.00 22.46 ? 12  THR A CG2 1 
ATOM   95  N N   . ILE A 1 13 ? 0.563   -8.705  -2.125  1.00 19.24 ? 13  ILE A N   1 
ATOM   96  C CA  . ILE A 1 13 ? -0.507  -8.365  -3.078  1.00 20.11 ? 13  ILE A CA  1 
ATOM   97  C C   . ILE A 1 13 ? 0.103   -7.651  -4.232  1.00 20.17 ? 13  ILE A C   1 
ATOM   98  O O   . ILE A 1 13 ? 0.815   -6.679  -4.053  1.00 19.09 ? 13  ILE A O   1 
ATOM   99  C CB  . ILE A 1 13 ? -1.520  -7.382  -2.447  1.00 18.48 ? 13  ILE A CB  1 
ATOM   100 C CG1 . ILE A 1 13 ? -2.170  -7.925  -1.186  1.00 22.03 ? 13  ILE A CG1 1 
ATOM   101 C CG2 . ILE A 1 13 ? -2.656  -6.997  -3.433  1.00 21.39 ? 13  ILE A CG2 1 
ATOM   102 C CD1 . ILE A 1 13 ? -2.730  -9.188  -1.353  1.00 23.24 ? 13  ILE A CD1 1 
ATOM   103 N N   . THR A 1 14 ? -0.260  -8.057  -5.441  1.00 21.62 ? 14  THR A N   1 
ATOM   104 C CA  . THR A 1 14 ? 0.150   -7.359  -6.656  1.00 21.82 ? 14  THR A CA  1 
ATOM   105 C C   . THR A 1 14 ? -0.940  -6.322  -7.042  1.00 22.13 ? 14  THR A C   1 
ATOM   106 O O   . THR A 1 14 ? -2.095  -6.595  -6.865  1.00 24.04 ? 14  THR A O   1 
ATOM   107 C CB  . THR A 1 14 ? 0.483   -8.398  -7.754  1.00 23.56 ? 14  THR A CB  1 
ATOM   108 O OG1 . THR A 1 14 ? 1.579   -9.198  -7.299  1.00 22.70 ? 14  THR A OG1 1 
ATOM   109 C CG2 . THR A 1 14 ? 0.927   -7.742  -9.000  1.00 23.64 ? 14  THR A CG2 1 
ATOM   110 N N   . LEU A 1 15 ? -0.564  -5.142  -7.521  1.00 22.52 ? 15  LEU A N   1 
ATOM   111 C CA  . LEU A 1 15 ? -1.555  -4.100  -7.850  1.00 24.11 ? 15  LEU A CA  1 
ATOM   112 C C   . LEU A 1 15 ? -1.135  -3.285  -9.056  1.00 24.66 ? 15  LEU A C   1 
ATOM   113 O O   . LEU A 1 15 ? 0.006   -2.888  -9.141  1.00 24.47 ? 15  LEU A O   1 
ATOM   114 C CB  . LEU A 1 15 ? -1.732  -3.200  -6.634  1.00 24.88 ? 15  LEU A CB  1 
ATOM   115 C CG  . LEU A 1 15 ? -2.679  -2.033  -6.827  1.00 25.42 ? 15  LEU A CG  1 
ATOM   116 C CD1 . LEU A 1 15 ? -4.081  -2.511  -7.092  1.00 28.24 ? 15  LEU A CD1 1 
ATOM   117 C CD2 . LEU A 1 15 ? -2.637  -1.150  -5.578  1.00 25.07 ? 15  LEU A CD2 1 
ATOM   118 N N   . GLU A 1 16 ? -2.059  -3.018  -10.001 1.00 26.62 ? 16  GLU A N   1 
ATOM   119 C CA  . GLU A 1 16 ? -1.750  -2.147  -11.140 1.00 27.59 ? 16  GLU A CA  1 
ATOM   120 C C   . GLU A 1 16 ? -1.919  -0.740  -10.598 1.00 26.60 ? 16  GLU A C   1 
ATOM   121 O O   . GLU A 1 16 ? -2.874  -0.484  -9.932  1.00 26.10 ? 16  GLU A O   1 
ATOM   122 C CB  . GLU A 1 16 ? -2.735  -2.372  -12.317 1.00 29.10 ? 16  GLU A CB  1 
ATOM   123 C CG  . GLU A 1 16 ? -4.249  -1.920  -12.036 1.00 32.05 ? 16  GLU A CG  1 
ATOM   124 C CD  . GLU A 1 16 ? -5.147  -1.796  -13.282 1.00 31.99 ? 16  GLU A CD  1 
ATOM   125 O OE1 . GLU A 1 16 ? -4.614  -1.836  -14.427 1.00 39.33 ? 16  GLU A OE1 1 
ATOM   126 O OE2 . GLU A 1 16 ? -6.381  -1.555  -13.111 1.00 34.32 ? 16  GLU A OE2 1 
ATOM   127 N N   . VAL A 1 17 ? -0.941  0.120   -10.836 1.00 26.67 ? 17  VAL A N   1 
ATOM   128 C CA  . VAL A 1 17 ? -1.032  1.493   -10.345 1.00 26.68 ? 17  VAL A CA  1 
ATOM   129 C C   . VAL A 1 17 ? -0.547  2.438   -11.401 1.00 26.68 ? 17  VAL A C   1 
ATOM   130 O O   . VAL A 1 17 ? 0.181   2.028   -12.328 1.00 27.64 ? 17  VAL A O   1 
ATOM   131 C CB  . VAL A 1 17 ? -0.180  1.664   -9.062  1.00 25.23 ? 17  VAL A CB  1 
ATOM   132 C CG1 . VAL A 1 17 ? -0.781  0.830   -7.953  1.00 24.26 ? 17  VAL A CG1 1 
ATOM   133 C CG2 . VAL A 1 17 ? 1.278   1.329   -9.316  1.00 26.66 ? 17  VAL A CG2 1 
ATOM   134 N N   . GLU A 1 18 ? -0.933  3.705   -11.278 1.00 25.05 ? 18  GLU A N   1 
ATOM   135 C CA  . GLU A 1 18 ? -0.348  4.706   -12.116 1.00 25.18 ? 18  GLU A CA  1 
ATOM   136 C C   . GLU A 1 18 ? 0.481   5.688   -11.334 1.00 22.80 ? 18  GLU A C   1 
ATOM   137 O O   . GLU A 1 18 ? 0.367   5.795   -10.096 1.00 21.00 ? 18  GLU A O   1 
ATOM   138 C CB  . GLU A 1 18 ? -1.419  5.462   -12.900 1.00 24.92 ? 18  GLU A CB  1 
ATOM   139 C CG  . GLU A 1 18 ? -2.203  4.526   -13.839 1.00 28.44 ? 18  GLU A CG  1 
ATOM   140 C CD  . GLU A 1 18 ? -1.390  4.000   -15.036 1.00 42.30 ? 18  GLU A CD  1 
ATOM   141 O OE1 . GLU A 1 18 ? -0.298  4.552   -15.344 1.00 32.93 ? 18  GLU A OE1 1 
ATOM   142 O OE2 . GLU A 1 18 ? -1.881  3.038   -15.713 1.00 34.92 ? 18  GLU A OE2 1 
ATOM   143 N N   . PRO A 1 19 ? 1.421   6.318   -12.004 1.00 23.45 ? 19  PRO A N   1 
ATOM   144 C CA  . PRO A 1 19 ? 2.164   7.347   -11.314 1.00 22.82 ? 19  PRO A CA  1 
ATOM   145 C C   . PRO A 1 19 ? 1.304   8.415   -10.610 1.00 21.17 ? 19  PRO A C   1 
ATOM   146 O O   . PRO A 1 19 ? 1.706   8.964   -9.593  1.00 20.12 ? 19  PRO A O   1 
ATOM   147 C CB  . PRO A 1 19 ? 3.050   7.908   -12.416 1.00 24.38 ? 19  PRO A CB  1 
ATOM   148 C CG  . PRO A 1 19 ? 3.383   6.729   -13.173 1.00 26.23 ? 19  PRO A CG  1 
ATOM   149 C CD  . PRO A 1 19 ? 2.015   6.089   -13.330 1.00 24.99 ? 19  PRO A CD  1 
ATOM   150 N N   . SER A 1 20 ? 0.150   8.709   -11.178 1.00 20.39 ? 20  SER A N   1 
ATOM   151 C CA  . SER A 1 20 ? -0.766  9.657   -10.558 1.00 19.53 ? 20  SER A CA  1 
ATOM   152 C C   . SER A 1 20 ? -1.518  9.163   -9.327  1.00 18.40 ? 20  SER A C   1 
ATOM   153 O O   . SER A 1 20 ? -2.145  9.993   -8.675  1.00 15.70 ? 20  SER A O   1 
ATOM   154 C CB  . SER A 1 20 ? -1.796  10.138  -11.570 1.00 19.74 ? 20  SER A CB  1 
ATOM   155 O OG  . SER A 1 20 ? -2.631  9.080   -11.997 1.00 20.76 ? 20  SER A OG  1 
ATOM   156 N N   . ASP A 1 21 ? -1.488  7.861   -9.007  1.00 17.06 ? 21  ASP A N   1 
ATOM   157 C CA  . ASP A 1 21 ? -2.151  7.369   -7.833  1.00 17.54 ? 21  ASP A CA  1 
ATOM   158 C C   . ASP A 1 21 ? -1.525  7.962   -6.600  1.00 17.63 ? 21  ASP A C   1 
ATOM   159 O O   . ASP A 1 21 ? -0.284  7.980   -6.471  1.00 16.22 ? 21  ASP A O   1 
ATOM   160 C CB  . ASP A 1 21 ? -2.124  5.845   -7.722  1.00 19.41 ? 21  ASP A CB  1 
ATOM   161 C CG  . ASP A 1 21 ? -2.942  5.155   -8.835  1.00 21.63 ? 21  ASP A CG  1 
ATOM   162 O OD1 . ASP A 1 21 ? -3.895  5.758   -9.422  1.00 24.88 ? 21  ASP A OD1 1 
ATOM   163 O OD2 . ASP A 1 21 ? -2.636  3.992   -9.150  1.00 30.29 ? 21  ASP A OD2 1 
ATOM   164 N N   . THR A 1 22 ? -2.400  8.459   -5.712  1.00 16.13 ? 22  THR A N   1 
ATOM   165 C CA  . THR A 1 22 ? -1.972  8.908   -4.391  1.00 17.56 ? 22  THR A CA  1 
ATOM   166 C C   . THR A 1 22 ? -1.683  7.663   -3.538  1.00 15.02 ? 22  THR A C   1 
ATOM   167 O O   . THR A 1 22 ? -2.309  6.585   -3.727  1.00 14.70 ? 22  THR A O   1 
ATOM   168 C CB  . THR A 1 22 ? -3.041  9.744   -3.676  1.00 17.19 ? 22  THR A CB  1 
ATOM   169 O OG1 . THR A 1 22 ? -4.255  8.987   -3.543  1.00 16.83 ? 22  THR A OG1 1 
ATOM   170 C CG2 . THR A 1 22 ? -3.278  11.110  -4.404  1.00 18.49 ? 22  THR A CG2 1 
ATOM   171 N N   . ILE A 1 23 ? -0.785  7.793   -2.595  1.00 16.05 ? 23  ILE A N   1 
ATOM   172 C CA  . ILE A 1 23 ? -0.551  6.741   -1.613  1.00 16.61 ? 23  ILE A CA  1 
ATOM   173 C C   . ILE A 1 23 ? -1.814  6.300   -0.869  1.00 16.31 ? 23  ILE A C   1 
ATOM   174 O O   . ILE A 1 23 ? -2.061  5.108   -0.725  1.00 13.75 ? 23  ILE A O   1 
ATOM   175 C CB  . ILE A 1 23 ? 0.586   7.174   -0.618  1.00 16.59 ? 23  ILE A CB  1 
ATOM   176 C CG1 . ILE A 1 23 ? 1.927   7.466   -1.344  1.00 20.55 ? 23  ILE A CG1 1 
ATOM   177 C CG2 . ILE A 1 23 ? 0.676   6.213   0.547   1.00 16.84 ? 23  ILE A CG2 1 
ATOM   178 C CD1 . ILE A 1 23 ? 2.302   6.612   -2.367  1.00 25.37 ? 23  ILE A CD1 1 
ATOM   179 N N   . GLU A 1 24 ? -2.667  7.279   -0.469  1.00 15.54 ? 24  GLU A N   1 
ATOM   180 C CA  . GLU A 1 24 ? -3.971  6.977   0.047   1.00 17.13 ? 24  GLU A CA  1 
ATOM   181 C C   . GLU A 1 24 ? -4.741  6.025   -0.875  1.00 14.89 ? 24  GLU A C   1 
ATOM   182 O O   . GLU A 1 24 ? -5.392  5.071   -0.407  1.00 14.34 ? 24  GLU A O   1 
ATOM   183 C CB  . GLU A 1 24 ? -4.709  8.317   0.167   1.00 17.27 ? 24  GLU A CB  1 
ATOM   184 C CG  . GLU A 1 24 ? -5.972  8.236   0.779   1.00 21.52 ? 24  GLU A CG  1 
ATOM   185 C CD  . GLU A 1 24 ? -6.551  9.575   1.104   1.00 20.64 ? 24  GLU A CD  1 
ATOM   186 O OE1 . GLU A 1 24 ? -7.121  10.199  0.199   1.00 25.91 ? 24  GLU A OE1 1 
ATOM   187 O OE2 . GLU A 1 24 ? -6.480  9.996   2.264   1.00 24.07 ? 24  GLU A OE2 1 
ATOM   188 N N   . ASN A 1 25 ? -4.709  6.267   -2.180  1.00 14.51 ? 25  ASN A N   1 
ATOM   189 C CA  . ASN A 1 25 ? -5.519  5.473   -3.075  1.00 17.62 ? 25  ASN A CA  1 
ATOM   190 C C   . ASN A 1 25 ? -4.925  4.057   -3.240  1.00 16.44 ? 25  ASN A C   1 
ATOM   191 O O   . ASN A 1 25 ? -5.647  3.083   -3.254  1.00 16.55 ? 25  ASN A O   1 
ATOM   192 C CB  . ASN A 1 25 ? -5.695  6.161   -4.414  1.00 19.05 ? 25  ASN A CB  1 
ATOM   193 C CG  . ASN A 1 25 ? -6.821  7.218   -4.391  1.00 23.30 ? 25  ASN A CG  1 
ATOM   194 O OD1 . ASN A 1 25 ? -7.622  7.295   -3.437  1.00 27.59 ? 25  ASN A OD1 1 
ATOM   195 N ND2 . ASN A 1 25 ? -6.869  8.065   -5.440  1.00 27.17 ? 25  ASN A ND2 1 
ATOM   196 N N   . VAL A 1 26 ? -3.609  3.953   -3.278  1.00 15.82 ? 26  VAL A N   1 
ATOM   197 C CA  . VAL A 1 26 ? -2.940  2.647   -3.325  1.00 16.35 ? 26  VAL A CA  1 
ATOM   198 C C   . VAL A 1 26 ? -3.284  1.824   -2.075  1.00 16.57 ? 26  VAL A C   1 
ATOM   199 O O   . VAL A 1 26 ? -3.655  0.651   -2.167  1.00 14.99 ? 26  VAL A O   1 
ATOM   200 C CB  . VAL A 1 26 ? -1.409  2.864   -3.434  1.00 17.11 ? 26  VAL A CB  1 
ATOM   201 C CG1 . VAL A 1 26 ? -0.617  1.561   -3.248  1.00 14.54 ? 26  VAL A CG1 1 
ATOM   202 C CG2 . VAL A 1 26 ? -1.023  3.517   -4.752  1.00 19.03 ? 26  VAL A CG2 1 
ATOM   203 N N   . LYS A 1 27 ? -3.219  2.453   -0.895  1.00 17.08 ? 27  LYS A N   1 
ATOM   204 C CA  . LYS A 1 27 ? -3.591  1.767   0.345   1.00 17.74 ? 27  LYS A CA  1 
ATOM   205 C C   . LYS A 1 27 ? -5.015  1.227   0.304   1.00 17.79 ? 27  LYS A C   1 
ATOM   206 O O   . LYS A 1 27 ? -5.265  0.103   0.691   1.00 17.80 ? 27  LYS A O   1 
ATOM   207 C CB  . LYS A 1 27 ? -3.398  2.614   1.582   1.00 17.67 ? 27  LYS A CB  1 
ATOM   208 C CG  . LYS A 1 27 ? -1.919  3.012   1.859   1.00 17.48 ? 27  LYS A CG  1 
ATOM   209 C CD  . LYS A 1 27 ? -1.783  3.666   3.269   1.00 16.59 ? 27  LYS A CD  1 
ATOM   210 C CE  . LYS A 1 27 ? -2.661  4.771   3.603   1.00 19.53 ? 27  LYS A CE  1 
ATOM   211 N NZ  . LYS A 1 27 ? -2.314  5.301   4.944   1.00 16.07 ? 27  LYS A NZ  1 
ATOM   212 N N   . ALA A 1 28 ? -5.963  2.030   -0.174  1.00 18.11 ? 28  ALA A N   1 
ATOM   213 C CA  . ALA A 1 28 ? -7.316  1.589   -0.257  1.00 19.58 ? 28  ALA A CA  1 
ATOM   214 C C   . ALA A 1 28 ? -7.483  0.420   -1.245  1.00 19.19 ? 28  ALA A C   1 
ATOM   215 O O   . ALA A 1 28 ? -8.215  -0.531  -0.964  1.00 20.44 ? 28  ALA A O   1 
ATOM   216 C CB  . ALA A 1 28 ? -8.202  2.742   -0.610  1.00 19.77 ? 28  ALA A CB  1 
ATOM   217 N N   . LYS A 1 29 ? -6.823  0.489   -2.374  1.00 17.98 ? 29  LYS A N   1 
ATOM   218 C CA  . LYS A 1 29 ? -6.916  -0.619  -3.327  1.00 20.30 ? 29  LYS A CA  1 
ATOM   219 C C   . LYS A 1 29 ? -6.324  -1.916  -2.780  1.00 20.17 ? 29  LYS A C   1 
ATOM   220 O O   . LYS A 1 29 ? -6.896  -3.022  -2.990  1.00 16.43 ? 29  LYS A O   1 
ATOM   221 C CB  . LYS A 1 29 ? -6.248  -0.232  -4.631  1.00 20.06 ? 29  LYS A CB  1 
ATOM   222 C CG  . LYS A 1 29 ? -6.926  0.906   -5.373  1.00 23.31 ? 29  LYS A CG  1 
ATOM   223 C CD  . LYS A 1 29 ? -6.446  0.978   -6.822  1.00 24.20 ? 29  LYS A CD  1 
ATOM   224 C CE  . LYS A 1 29 ? -5.165  1.780   -7.114  1.00 29.24 ? 29  LYS A CE  1 
ATOM   225 N NZ  . LYS A 1 29 ? -4.801  2.049   -8.645  1.00 29.62 ? 29  LYS A NZ  1 
ATOM   226 N N   . ILE A 1 30 ? -5.177  -1.800  -2.076  1.00 20.91 ? 30  ILE A N   1 
ATOM   227 C CA  . ILE A 1 30 ? -4.529  -3.000  -1.472  1.00 22.95 ? 30  ILE A CA  1 
ATOM   228 C C   . ILE A 1 30 ? -5.477  -3.678  -0.484  1.00 24.41 ? 30  ILE A C   1 
ATOM   229 O O   . ILE A 1 30 ? -5.662  -4.903  -0.552  1.00 23.79 ? 30  ILE A O   1 
ATOM   230 C CB  . ILE A 1 30 ? -3.159  -2.680  -0.797  1.00 22.58 ? 30  ILE A CB  1 
ATOM   231 C CG1 . ILE A 1 30 ? -2.144  -2.245  -1.842  1.00 21.03 ? 30  ILE A CG1 1 
ATOM   232 C CG2 . ILE A 1 30 ? -2.649  -3.916  0.000   1.00 22.57 ? 30  ILE A CG2 1 
ATOM   233 C CD1 . ILE A 1 30 ? -1.869  -3.193  -2.984  1.00 24.69 ? 30  ILE A CD1 1 
ATOM   234 N N   . GLN A 1 31 ? -6.121  -2.887  0.369   1.00 26.50 ? 31  GLN A N   1 
ATOM   235 C CA  . GLN A 1 31 ? -7.058  -3.386  1.347   1.00 28.68 ? 31  GLN A CA  1 
ATOM   236 C C   . GLN A 1 31 ? -8.327  -3.992  0.726   1.00 29.45 ? 31  GLN A C   1 
ATOM   237 O O   . GLN A 1 31 ? -8.792  -5.056  1.141   1.00 29.01 ? 31  GLN A O   1 
ATOM   238 C CB  . GLN A 1 31 ? -7.405  -2.272  2.361   1.00 30.18 ? 31  GLN A CB  1 
ATOM   239 C CG  . GLN A 1 31 ? -7.991  -2.817  3.657   1.00 31.37 ? 31  GLN A CG  1 
ATOM   240 C CD  . GLN A 1 31 ? -6.967  -3.004  4.773   1.00 38.51 ? 31  GLN A CD  1 
ATOM   241 O OE1 . GLN A 1 31 ? -5.764  -3.206  4.529   1.00 40.92 ? 31  GLN A OE1 1 
ATOM   242 N NE2 . GLN A 1 31 ? -7.449  -2.911  6.036   1.00 41.54 ? 31  GLN A NE2 1 
ATOM   243 N N   . ASP A 1 32 ? -8.828  -3.368  -0.323  1.00 30.24 ? 32  ASP A N   1 
ATOM   244 C CA  . ASP A 1 32 ? -9.905  -3.973  -1.097  1.00 32.34 ? 32  ASP A CA  1 
ATOM   245 C C   . ASP A 1 32 ? -9.512  -5.334  -1.707  1.00 32.58 ? 32  ASP A C   1 
ATOM   246 O O   . ASP A 1 32 ? -10.249 -6.314  -1.606  1.00 33.28 ? 32  ASP A O   1 
ATOM   247 C CB  . ASP A 1 32 ? -10.360 -3.032  -2.203  1.00 33.35 ? 32  ASP A CB  1 
ATOM   248 C CG  . ASP A 1 32 ? -11.346 -2.007  -1.713  1.00 31.88 ? 32  ASP A CG  1 
ATOM   249 O OD1 . ASP A 1 32 ? -11.884 -2.153  -0.570  1.00 46.14 ? 32  ASP A OD1 1 
ATOM   250 O OD2 . ASP A 1 32 ? -11.600 -1.047  -2.483  1.00 50.05 ? 32  ASP A OD2 1 
ATOM   251 N N   . LYS A 1 33 ? -8.382  -5.389  -2.363  1.00 33.34 ? 33  LYS A N   1 
ATOM   252 C CA  . LYS A 1 33 ? -7.848  -6.653  -2.846  1.00 35.19 ? 33  LYS A CA  1 
ATOM   253 C C   . LYS A 1 33 ? -7.743  -7.756  -1.815  1.00 36.18 ? 33  LYS A C   1 
ATOM   254 O O   . LYS A 1 33 ? -8.179  -8.869  -2.069  1.00 35.16 ? 33  LYS A O   1 
ATOM   255 C CB  . LYS A 1 33 ? -6.446  -6.423  -3.348  1.00 35.32 ? 33  LYS A CB  1 
ATOM   256 C CG  . LYS A 1 33 ? -6.387  -6.000  -4.733  1.00 34.97 ? 33  LYS A CG  1 
ATOM   257 C CD  . LYS A 1 33 ? -6.304  -7.183  -5.597  1.00 34.63 ? 33  LYS A CD  1 
ATOM   258 C CE  . LYS A 1 33 ? -5.082  -7.052  -6.444  1.00 35.00 ? 33  LYS A CE  1 
ATOM   259 N NZ  . LYS A 1 33 ? -5.149  -7.881  -7.652  1.00 33.01 ? 33  LYS A NZ  1 
ATOM   260 N N   . GLU A 1 34 ? -7.129  -7.491  -0.665  1.00 38.39 ? 34  GLU A N   1 
ATOM   261 C CA  . GLU A 1 34 ? -6.887  -8.580  0.290   1.00 40.72 ? 34  GLU A CA  1 
ATOM   262 C C   . GLU A 1 34 ? -8.192  -8.894  1.034   1.00 42.33 ? 34  GLU A C   1 
ATOM   263 O O   . GLU A 1 34 ? -8.398  -9.999  1.532   1.00 43.53 ? 34  GLU A O   1 
ATOM   264 C CB  . GLU A 1 34 ? -5.672  -8.315  1.201   1.00 40.72 ? 34  GLU A CB  1 
ATOM   265 C CG  . GLU A 1 34 ? -5.876  -7.407  2.352   1.00 42.31 ? 34  GLU A CG  1 
ATOM   266 C CD  . GLU A 1 34 ? -4.841  -7.640  3.499   1.00 43.52 ? 34  GLU A CD  1 
ATOM   267 O OE1 . GLU A 1 34 ? -4.025  -8.604  3.446   1.00 47.79 ? 34  GLU A OE1 1 
ATOM   268 O OE2 . GLU A 1 34 ? -4.866  -6.869  4.477   1.00 46.24 ? 34  GLU A OE2 1 
ATOM   269 N N   . GLY A 1 35 ? -9.084  -7.918  1.066   1.00 43.83 ? 35  GLY A N   1 
ATOM   270 C CA  . GLY A 1 35 ? -10.492 -8.135  1.368   1.00 45.22 ? 35  GLY A CA  1 
ATOM   271 C C   . GLY A 1 35 ? -10.753 -8.883  2.647   1.00 46.89 ? 35  GLY A C   1 
ATOM   272 O O   . GLY A 1 35 ? -11.180 -10.044 2.604   1.00 48.52 ? 35  GLY A O   1 
ATOM   273 N N   . GLY A 1 36 ? -10.508 -8.232  3.785   0.30 47.36 ? 36  GLY A N   1 
ATOM   274 C CA  . GLY A 1 36 ? -10.878 -8.779  5.096   0.30 47.52 ? 36  GLY A CA  1 
ATOM   275 C C   . GLY A 1 36 ? -10.432 -10.210 5.360   0.30 48.00 ? 36  GLY A C   1 
ATOM   276 O O   . GLY A 1 36 ? -11.220 -11.040 5.818   0.30 47.97 ? 36  GLY A O   1 
ATOM   277 N N   . GLY A 1 37 ? -9.169  -10.503 5.066   0.30 48.29 ? 37  GLY A N   1 
ATOM   278 C CA  . GLY A 1 37 ? -8.596  -11.806 5.382   0.30 48.43 ? 37  GLY A CA  1 
ATOM   279 C C   . GLY A 1 37 ? -7.535  -11.669 6.459   0.30 48.70 ? 37  GLY A C   1 
ATOM   280 O O   . GLY A 1 37 ? -7.016  -10.576 6.686   0.30 48.70 ? 37  GLY A O   1 
ATOM   281 N N   . GLY A 1 38 ? -7.213  -12.774 7.130   0.30 48.75 ? 38  GLY A N   1 
ATOM   282 C CA  . GLY A 1 38 ? -6.194  -12.764 8.179   0.30 48.62 ? 38  GLY A CA  1 
ATOM   283 C C   . GLY A 1 38 ? -6.790  -12.207 9.449   0.30 48.59 ? 38  GLY A C   1 
ATOM   284 O O   . GLY A 1 38 ? -6.111  -11.515 10.222  0.30 48.31 ? 38  GLY A O   1 
ATOM   285 N N   . GLY A 1 39 ? -8.073  -12.517 9.648   0.30 48.40 ? 39  GLY A N   1 
ATOM   286 C CA  . GLY A 1 39 ? -8.850  -11.972 10.755  0.30 48.17 ? 39  GLY A CA  1 
ATOM   287 C C   . GLY A 1 39 ? -9.616  -10.745 10.299  0.30 48.03 ? 39  GLY A C   1 
ATOM   288 O O   . GLY A 1 39 ? -10.416 -10.180 11.045  0.30 48.21 ? 39  GLY A O   1 
ATOM   289 N N   . GLY A 1 40 ? -9.361  -10.336 9.062   0.30 47.63 ? 40  GLY A N   1 
ATOM   290 C CA  . GLY A 1 40 ? -9.987  -9.155  8.486   0.30 47.06 ? 40  GLY A CA  1 
ATOM   291 C C   . GLY A 1 40 ? -11.481 -9.057  8.725   0.30 46.66 ? 40  GLY A C   1 
ATOM   292 O O   . GLY A 1 40 ? -12.264 -8.982  7.776   0.30 46.55 ? 40  GLY A O   1 
ATOM   293 N N   . GLY A 1 41 ? -11.880 -9.057  9.993   0.30 46.00 ? 41  GLY A N   1 
ATOM   294 C CA  . GLY A 1 41 ? -13.277 -8.809  10.343  0.30 45.19 ? 41  GLY A CA  1 
ATOM   295 C C   . GLY A 1 41 ? -13.651 -7.479  9.724   0.30 44.43 ? 41  GLY A C   1 
ATOM   296 O O   . GLY A 1 41 ? -14.500 -7.402  8.837   0.30 44.37 ? 41  GLY A O   1 
ATOM   297 N N   . GLY A 1 42 ? -13.007 -6.429  10.216  0.30 43.34 ? 42  GLY A N   1 
ATOM   298 C CA  . GLY A 1 42 ? -12.929 -5.159  9.503   0.30 42.31 ? 42  GLY A CA  1 
ATOM   299 C C   . GLY A 1 42 ? -11.487 -4.669  9.444   0.30 41.53 ? 42  GLY A C   1 
ATOM   300 O O   . GLY A 1 42 ? -11.247 -3.466  9.381   0.30 41.66 ? 42  GLY A O   1 
ATOM   301 N N   . GLY A 1 43 ? -10.542 -5.620  9.475   1.00 40.77 ? 43  GLY A N   1 
ATOM   302 C CA  . GLY A 1 43 ? -9.083  -5.385  9.484   1.00 38.60 ? 43  GLY A CA  1 
ATOM   303 C C   . GLY A 1 43 ? -8.636  -4.157  10.246  1.00 37.05 ? 43  GLY A C   1 
ATOM   304 O O   . GLY A 1 43 ? -9.323  -3.691  11.170  1.00 38.09 ? 43  GLY A O   1 
ATOM   305 N N   . ILE A 1 44 ? -7.460  -3.655  9.874   1.00 33.76 ? 44  ILE A N   1 
ATOM   306 C CA  . ILE A 1 44 ? -6.995  -2.343  10.313  1.00 31.13 ? 44  ILE A CA  1 
ATOM   307 C C   . ILE A 1 44 ? -7.357  -1.353  9.211   1.00 28.00 ? 44  ILE A C   1 
ATOM   308 O O   . ILE A 1 44 ? -7.006  -1.569  8.075   1.00 26.85 ? 44  ILE A O   1 
ATOM   309 C CB  . ILE A 1 44 ? -5.454  -2.288  10.518  1.00 31.02 ? 44  ILE A CB  1 
ATOM   310 C CG1 . ILE A 1 44 ? -4.955  -3.458  11.402  1.00 30.16 ? 44  ILE A CG1 1 
ATOM   311 C CG2 . ILE A 1 44 ? -5.076  -0.926  11.107  1.00 31.32 ? 44  ILE A CG2 1 
ATOM   312 C CD1 . ILE A 1 44 ? -5.307  -3.349  12.909  1.00 31.16 ? 44  ILE A CD1 1 
ATOM   313 N N   . PRO A 1 45 ? -8.073  -0.262  9.554   1.00 25.67 ? 45  PRO A N   1 
ATOM   314 C CA  . PRO A 1 45 ? -8.415  0.772   8.617   1.00 25.50 ? 45  PRO A CA  1 
ATOM   315 C C   . PRO A 1 45 ? -7.156  1.329   7.916   1.00 24.15 ? 45  PRO A C   1 
ATOM   316 O O   . PRO A 1 45 ? -6.129  1.509   8.540   1.00 19.93 ? 45  PRO A O   1 
ATOM   317 C CB  . PRO A 1 45 ? -9.115  1.835   9.469   1.00 25.79 ? 45  PRO A CB  1 
ATOM   318 C CG  . PRO A 1 45 ? -9.273  1.239   10.805  1.00 25.58 ? 45  PRO A CG  1 
ATOM   319 C CD  . PRO A 1 45 ? -8.665  -0.050  10.875  1.00 25.89 ? 45  PRO A CD  1 
ATOM   320 N N   . PRO A 1 46 ? -7.216  1.548   6.595   1.00 24.01 ? 46  PRO A N   1 
ATOM   321 C CA  . PRO A 1 46 ? -5.969  1.964   5.960   1.00 22.58 ? 46  PRO A CA  1 
ATOM   322 C C   . PRO A 1 46 ? -5.441  3.311   6.425   1.00 21.49 ? 46  PRO A C   1 
ATOM   323 O O   . PRO A 1 46 ? -4.226  3.569   6.324   1.00 20.38 ? 46  PRO A O   1 
ATOM   324 C CB  . PRO A 1 46 ? -6.309  2.021   4.476   1.00 22.31 ? 46  PRO A CB  1 
ATOM   325 C CG  . PRO A 1 46 ? -7.715  1.800   4.358   1.00 25.01 ? 46  PRO A CG  1 
ATOM   326 C CD  . PRO A 1 46 ? -8.330  1.472   5.653   1.00 25.38 ? 46  PRO A CD  1 
ATOM   327 N N   . ASP A 1 47 ? -6.305  4.181   6.956   1.00 20.09 ? 47  ASP A N   1 
ATOM   328 C CA  . ASP A 1 47 ? -5.779  5.455   7.496   1.00 21.15 ? 47  ASP A CA  1 
ATOM   329 C C   . ASP A 1 47 ? -4.920  5.231   8.784   1.00 20.12 ? 47  ASP A C   1 
ATOM   330 O O   . ASP A 1 47 ? -4.189  6.129   9.204   1.00 17.61 ? 47  ASP A O   1 
ATOM   331 C CB  . ASP A 1 47 ? -6.909  6.437   7.722   1.00 22.43 ? 47  ASP A CB  1 
ATOM   332 C CG  . ASP A 1 47 ? -7.725  6.082   8.919   1.00 24.30 ? 47  ASP A CG  1 
ATOM   333 O OD1 . ASP A 1 47 ? -8.266  4.974   8.878   1.00 31.79 ? 47  ASP A OD1 1 
ATOM   334 O OD2 . ASP A 1 47 ? -7.773  6.881   9.887   1.00 29.43 ? 47  ASP A OD2 1 
ATOM   335 N N   . GLN A 1 48 ? -4.976  4.040   9.367   1.00 20.82 ? 48  GLN A N   1 
ATOM   336 C CA  . GLN A 1 48 ? -4.109  3.657   10.505  1.00 19.99 ? 48  GLN A CA  1 
ATOM   337 C C   . GLN A 1 48 ? -2.916  2.757   10.075  1.00 19.92 ? 48  GLN A C   1 
ATOM   338 O O   . GLN A 1 48 ? -2.370  2.037   10.832  1.00 19.99 ? 48  GLN A O   1 
ATOM   339 C CB  . GLN A 1 48 ? -4.962  2.976   11.555  1.00 21.79 ? 48  GLN A CB  1 
ATOM   340 C CG  . GLN A 1 48 ? -6.109  3.891   11.920  1.00 25.11 ? 48  GLN A CG  1 
ATOM   341 C CD  . GLN A 1 48 ? -6.668  3.600   13.243  1.00 30.14 ? 48  GLN A CD  1 
ATOM   342 O OE1 . GLN A 1 48 ? -5.926  3.453   14.206  1.00 29.97 ? 48  GLN A OE1 1 
ATOM   343 N NE2 . GLN A 1 48 ? -8.003  3.586   13.334  1.00 33.14 ? 48  GLN A NE2 1 
ATOM   344 N N   . GLN A 1 49 ? -2.581  2.861   8.801   1.00 18.74 ? 49  GLN A N   1 
ATOM   345 C CA  . GLN A 1 49 ? -1.429  2.223   8.187   1.00 16.55 ? 49  GLN A CA  1 
ATOM   346 C C   . GLN A 1 49 ? -0.640  3.263   7.423   1.00 15.94 ? 49  GLN A C   1 
ATOM   347 O O   . GLN A 1 49 ? -1.165  4.363   7.043   1.00 15.92 ? 49  GLN A O   1 
ATOM   348 C CB  . GLN A 1 49 ? -1.884  1.124   7.239   1.00 16.41 ? 49  GLN A CB  1 
ATOM   349 C CG  . GLN A 1 49 ? -2.719  0.072   7.934   1.00 16.08 ? 49  GLN A CG  1 
ATOM   350 C CD  . GLN A 1 49 ? -3.031  -1.075  7.044   1.00 16.11 ? 49  GLN A CD  1 
ATOM   351 O OE1 . GLN A 1 49 ? -2.120  -1.704  6.455   1.00 17.39 ? 49  GLN A OE1 1 
ATOM   352 N NE2 . GLN A 1 49 ? -4.281  -1.416  6.968   1.00 17.89 ? 49  GLN A NE2 1 
ATOM   353 N N   . ARG A 1 50 ? 0.632   2.939   7.196   1.00 16.61 ? 50  ARG A N   1 
ATOM   354 C CA  . ARG A 1 50 ? 1.518   3.739   6.333   1.00 16.02 ? 50  ARG A CA  1 
ATOM   355 C C   . ARG A 1 50 ? 2.239   2.835   5.355   1.00 15.14 ? 50  ARG A C   1 
ATOM   356 O O   . ARG A 1 50 ? 2.506   1.681   5.669   1.00 14.61 ? 50  ARG A O   1 
ATOM   357 C CB  . ARG A 1 50 ? 2.546   4.525   7.132   1.00 16.13 ? 50  ARG A CB  1 
ATOM   358 C CG  . ARG A 1 50 ? 1.947   5.489   8.146   1.00 15.01 ? 50  ARG A CG  1 
ATOM   359 C CD  . ARG A 1 50 ? 1.166   6.723   7.541   1.00 19.94 ? 50  ARG A CD  1 
ATOM   360 N NE  . ARG A 1 50 ? 0.756   7.684   8.587   1.00 19.90 ? 50  ARG A NE  1 
ATOM   361 C CZ  . ARG A 1 50 ? -0.342  7.565   9.338   1.00 20.01 ? 50  ARG A CZ  1 
ATOM   362 N NH1 . ARG A 1 50 ? -1.118  6.545   9.195   1.00 23.05 ? 50  ARG A NH1 1 
ATOM   363 N NH2 . ARG A 1 50 ? -0.608  8.460   10.276  1.00 22.64 ? 50  ARG A NH2 1 
ATOM   364 N N   . LEU A 1 51 ? 2.515   3.372   4.183   1.00 15.16 ? 51  LEU A N   1 
ATOM   365 C CA  . LEU A 1 51 ? 3.148   2.636   3.109   1.00 14.60 ? 51  LEU A CA  1 
ATOM   366 C C   . LEU A 1 51 ? 4.629   3.055   3.093   1.00 15.25 ? 51  LEU A C   1 
ATOM   367 O O   . LEU A 1 51 ? 4.927   4.262   3.107   1.00 15.57 ? 51  LEU A O   1 
ATOM   368 C CB  . LEU A 1 51 ? 2.453   2.995   1.770   1.00 14.54 ? 51  LEU A CB  1 
ATOM   369 C CG  . LEU A 1 51 ? 2.821   2.099   0.606   1.00 17.37 ? 51  LEU A CG  1 
ATOM   370 C CD1 . LEU A 1 51 ? 2.431   0.646   0.795   1.00 16.14 ? 51  LEU A CD1 1 
ATOM   371 C CD2 . LEU A 1 51 ? 2.100   2.690   -0.564  1.00 17.04 ? 51  LEU A CD2 1 
ATOM   372 N N   . ILE A 1 52 ? 5.523   2.071   3.120   1.00 15.13 ? 52  ILE A N   1 
ATOM   373 C CA  . ILE A 1 52 ? 6.946   2.294   3.147   1.00 15.23 ? 52  ILE A CA  1 
ATOM   374 C C   . ILE A 1 52 ? 7.548   1.812   1.839   1.00 14.28 ? 52  ILE A C   1 
ATOM   375 O O   . ILE A 1 52 ? 7.211   0.721   1.380   1.00 14.51 ? 52  ILE A O   1 
ATOM   376 C CB  . ILE A 1 52 ? 7.563   1.469   4.279   1.00 15.89 ? 52  ILE A CB  1 
ATOM   377 C CG1 . ILE A 1 52 ? 6.844   1.684   5.632   1.00 18.56 ? 52  ILE A CG1 1 
ATOM   378 C CG2 . ILE A 1 52 ? 9.167   1.618   4.439   1.00 16.22 ? 52  ILE A CG2 1 
ATOM   379 C CD1 . ILE A 1 52 ? 6.721   3.133   6.101   1.00 20.04 ? 52  ILE A CD1 1 
ATOM   380 N N   . PHE A 1 53 ? 8.350   2.656   1.221   1.00 16.37 ? 53  PHE A N   1 
ATOM   381 C CA  . PHE A 1 53 ? 9.134   2.307   0.049   1.00 16.05 ? 53  PHE A CA  1 
ATOM   382 C C   . PHE A 1 53 ? 10.672  2.534   0.245   1.00 17.52 ? 53  PHE A C   1 
ATOM   383 O O   . PHE A 1 53 ? 11.135  3.649   0.562   1.00 14.93 ? 53  PHE A O   1 
ATOM   384 C CB  . PHE A 1 53 ? 8.644   3.124   -1.155  1.00 18.39 ? 53  PHE A CB  1 
ATOM   385 C CG  . PHE A 1 53 ? 9.557   3.051   -2.368  1.00 19.33 ? 53  PHE A CG  1 
ATOM   386 C CD1 . PHE A 1 53 ? 9.838   1.858   -2.982  1.00 24.19 ? 53  PHE A CD1 1 
ATOM   387 C CD2 . PHE A 1 53 ? 10.071  4.225   -2.896  1.00 19.42 ? 53  PHE A CD2 1 
ATOM   388 C CE1 . PHE A 1 53 ? 10.684  1.831   -4.110  1.00 22.77 ? 53  PHE A CE1 1 
ATOM   389 C CE2 . PHE A 1 53 ? 10.944  4.179   -4.016  1.00 22.38 ? 53  PHE A CE2 1 
ATOM   390 C CZ  . PHE A 1 53 ? 11.212  2.963   -4.598  1.00 21.87 ? 53  PHE A CZ  1 
ATOM   391 N N   . ALA A 1 54 ? 11.426  1.460   0.146   1.00 18.35 ? 54  ALA A N   1 
ATOM   392 C CA  . ALA A 1 54 ? 12.891  1.601   0.152   1.00 18.16 ? 54  ALA A CA  1 
ATOM   393 C C   . ALA A 1 54 ? 13.395  2.339   1.401   1.00 19.42 ? 54  ALA A C   1 
ATOM   394 O O   . ALA A 1 54 ? 14.267  3.219   1.323   1.00 20.07 ? 54  ALA A O   1 
ATOM   395 C CB  . ALA A 1 54 ? 13.384  2.295   -1.132  1.00 20.63 ? 54  ALA A CB  1 
ATOM   396 N N   . GLY A 1 55 ? 12.805  2.001   2.541   1.00 18.36 ? 55  GLY A N   1 
ATOM   397 C CA  . GLY A 1 55 ? 13.193  2.628   3.815   1.00 18.88 ? 55  GLY A CA  1 
ATOM   398 C C   . GLY A 1 55 ? 12.554  3.973   4.092   1.00 19.48 ? 55  GLY A C   1 
ATOM   399 O O   . GLY A 1 55 ? 12.756  4.566   5.160   1.00 21.92 ? 55  GLY A O   1 
ATOM   400 N N   . LYS A 1 56 ? 11.769  4.480   3.150   1.00 6.04  ? 56  LYS A N   1 
ATOM   401 C CA  . LYS A 1 56 ? 11.094  5.752   3.371   1.00 19.05 ? 56  LYS A CA  1 
ATOM   402 C C   . LYS A 1 56 ? 9.561   5.644   3.605   1.00 16.76 ? 56  LYS A C   1 
ATOM   403 O O   . LYS A 1 56 ? 8.816   4.995   2.819   1.00 17.16 ? 56  LYS A O   1 
ATOM   404 C CB  . LYS A 1 56 ? 11.316  6.669   2.171   1.00 18.59 ? 56  LYS A CB  1 
ATOM   405 C CG  . LYS A 1 56 ? 10.715  8.075   2.336   1.00 22.66 ? 56  LYS A CG  1 
ATOM   406 C CD  . LYS A 1 56 ? 11.146  8.921   1.153   1.00 24.33 ? 56  LYS A CD  1 
ATOM   407 C CE  . LYS A 1 56 ? 11.285  10.433  1.419   1.00 27.61 ? 56  LYS A CE  1 
ATOM   408 N NZ  . LYS A 1 56 ? 11.637  11.136  0.052   1.00 31.26 ? 56  LYS A NZ  1 
ATOM   409 N N   . GLN A 1 57 ? 9.097   6.287   4.657   1.00 17.84 ? 57  GLN A N   1 
ATOM   410 C CA  . GLN A 1 57 ? 7.654   6.473   4.908   1.00 18.12 ? 57  GLN A CA  1 
ATOM   411 C C   . GLN A 1 57 ? 7.035   7.482   3.934   1.00 18.21 ? 57  GLN A C   1 
ATOM   412 O O   . GLN A 1 57 ? 7.304   8.674   3.970   1.00 18.41 ? 57  GLN A O   1 
ATOM   413 C CB  . GLN A 1 57 ? 7.399   6.902   6.364   1.00 18.81 ? 57  GLN A CB  1 
ATOM   414 C CG  . GLN A 1 57 ? 5.939   6.745   6.756   1.00 18.37 ? 57  GLN A CG  1 
ATOM   415 C CD  . GLN A 1 57 ? 5.651   7.145   8.188   1.00 20.61 ? 57  GLN A CD  1 
ATOM   416 O OE1 . GLN A 1 57 ? 6.293   6.630   9.103   1.00 28.84 ? 57  GLN A OE1 1 
ATOM   417 N NE2 . GLN A 1 57 ? 4.656   7.999   8.399   1.00 24.11 ? 57  GLN A NE2 1 
ATOM   418 N N   . LEU A 1 58 ? 6.108   6.979   3.133   1.00 15.86 ? 58  LEU A N   1 
ATOM   419 C CA  . LEU A 1 58 ? 5.432   7.764   2.087   1.00 17.12 ? 58  LEU A CA  1 
ATOM   420 C C   . LEU A 1 58 ? 4.281   8.592   2.692   1.00 16.66 ? 58  LEU A C   1 
ATOM   421 O O   . LEU A 1 58 ? 3.572   8.135   3.620   1.00 20.38 ? 58  LEU A O   1 
ATOM   422 C CB  . LEU A 1 58 ? 4.936   6.801   1.005   1.00 16.04 ? 58  LEU A CB  1 
ATOM   423 C CG  . LEU A 1 58 ? 6.039   5.907   0.391   1.00 14.28 ? 58  LEU A CG  1 
ATOM   424 C CD1 . LEU A 1 58 ? 5.453   5.175   -0.803  1.00 16.04 ? 58  LEU A CD1 1 
ATOM   425 C CD2 . LEU A 1 58 ? 7.223   6.680   -0.110  1.00 16.96 ? 58  LEU A CD2 1 
ATOM   426 N N   . GLU A 1 59 ? 4.049   9.785   2.129   1.00 17.01 ? 59  GLU A N   1 
ATOM   427 C CA  . GLU A 1 59 ? 2.927   10.645  2.537   1.00 17.23 ? 59  GLU A CA  1 
ATOM   428 C C   . GLU A 1 59 ? 1.682   10.197  1.785   1.00 16.01 ? 59  GLU A C   1 
ATOM   429 O O   . GLU A 1 59 ? 1.702   10.083  0.568   1.00 16.86 ? 59  GLU A O   1 
ATOM   430 C CB  . GLU A 1 59 ? 3.209   12.098  2.229   1.00 16.85 ? 59  GLU A CB  1 
ATOM   431 C CG  . GLU A 1 59 ? 4.368   12.673  3.024   1.00 15.94 ? 59  GLU A CG  1 
ATOM   432 C CD  . GLU A 1 59 ? 4.589   14.122  2.718   1.00 20.05 ? 59  GLU A CD  1 
ATOM   433 O OE1 . GLU A 1 59 ? 3.667   14.848  2.244   1.00 19.23 ? 59  GLU A OE1 1 
ATOM   434 O OE2 . GLU A 1 59 ? 5.750   14.547  2.971   1.00 27.05 ? 59  GLU A OE2 1 
ATOM   435 N N   . ASP A 1 60 ? 0.618   9.943   2.540   1.00 17.21 ? 60  ASP A N   1 
ATOM   436 C CA  . ASP A 1 60 ? -0.694  9.520   2.101   1.00 17.00 ? 60  ASP A CA  1 
ATOM   437 C C   . ASP A 1 60 ? -1.222  10.401  0.945   1.00 16.89 ? 60  ASP A C   1 
ATOM   438 O O   . ASP A 1 60 ? -1.735  9.933   -0.066  1.00 16.06 ? 60  ASP A O   1 
ATOM   439 C CB  . ASP A 1 60 ? -1.639  9.549   3.281   1.00 16.91 ? 60  ASP A CB  1 
ATOM   440 C CG  . ASP A 1 60 ? -1.586  8.313   4.152   1.00 14.54 ? 60  ASP A CG  1 
ATOM   441 O OD1 . ASP A 1 60 ? -0.835  7.333   3.837   1.00 22.04 ? 60  ASP A OD1 1 
ATOM   442 O OD2 . ASP A 1 60 ? -2.374  8.259   5.158   1.00 22.68 ? 60  ASP A OD2 1 
ATOM   443 N N   . GLY A 1 61 ? -0.991  11.682  1.063   1.00 16.69 ? 61  GLY A N   1 
ATOM   444 C CA  . GLY A 1 61 ? -1.540  12.618  0.107   1.00 16.90 ? 61  GLY A CA  1 
ATOM   445 C C   . GLY A 1 61 ? -0.747  12.816  -1.142  1.00 16.60 ? 61  GLY A C   1 
ATOM   446 O O   . GLY A 1 61 ? -1.203  13.477  -2.014  1.00 17.91 ? 61  GLY A O   1 
ATOM   447 N N   . ARG A 1 62 ? 0.469   12.272  -1.243  1.00 15.10 ? 62  ARG A N   1 
ATOM   448 C CA  . ARG A 1 62 ? 1.342   12.453  -2.396  1.00 17.08 ? 62  ARG A CA  1 
ATOM   449 C C   . ARG A 1 62 ? 1.156   11.316  -3.372  1.00 15.75 ? 62  ARG A C   1 
ATOM   450 O O   . ARG A 1 62 ? 0.494   10.377  -3.079  1.00 15.64 ? 62  ARG A O   1 
ATOM   451 C CB  . ARG A 1 62 ? 2.777   12.534  -1.957  1.00 17.27 ? 62  ARG A CB  1 
ATOM   452 C CG  . ARG A 1 62 ? 3.115   13.864  -1.258  1.00 15.39 ? 62  ARG A CG  1 
ATOM   453 C CD  . ARG A 1 62 ? 4.603   14.022  -1.058  1.00 19.06 ? 62  ARG A CD  1 
ATOM   454 N NE  . ARG A 1 62 ? 4.843   15.383  -0.578  1.00 20.83 ? 62  ARG A NE  1 
ATOM   455 C CZ  . ARG A 1 62 ? 4.902   16.460  -1.323  1.00 17.22 ? 62  ARG A CZ  1 
ATOM   456 N NH1 . ARG A 1 62 ? 4.822   16.381  -2.669  1.00 23.16 ? 62  ARG A NH1 1 
ATOM   457 N NH2 . ARG A 1 62 ? 5.034   17.656  -0.706  1.00 24.86 ? 62  ARG A NH2 1 
ATOM   458 N N   . THR A 1 63 ? 1.695   11.452  -4.578  1.00 17.71 ? 63  THR A N   1 
ATOM   459 C CA  . THR A 1 63 ? 1.561   10.433  -5.610  1.00 17.11 ? 63  THR A CA  1 
ATOM   460 C C   . THR A 1 63 ? 2.791   9.561   -5.732  1.00 18.37 ? 63  THR A C   1 
ATOM   461 O O   . THR A 1 63 ? 3.843   9.923   -5.255  1.00 19.25 ? 63  THR A O   1 
ATOM   462 C CB  . THR A 1 63 ? 1.310   11.074  -6.936  1.00 17.61 ? 63  THR A CB  1 
ATOM   463 O OG1 . THR A 1 63 ? 2.461   11.852  -7.346  1.00 19.86 ? 63  THR A OG1 1 
ATOM   464 C CG2 . THR A 1 63 ? 0.109   11.955  -6.872  1.00 17.45 ? 63  THR A CG2 1 
ATOM   465 N N   . LEU A 1 64 ? 2.647   8.378   -6.309  1.00 17.26 ? 64  LEU A N   1 
ATOM   466 C CA  . LEU A 1 64 ? 3.790   7.479   -6.572  1.00 17.21 ? 64  LEU A CA  1 
ATOM   467 C C   . LEU A 1 64 ? 4.870   8.218   -7.360  1.00 18.46 ? 64  LEU A C   1 
ATOM   468 O O   . LEU A 1 64 ? 6.057   8.061   -7.106  1.00 18.15 ? 64  LEU A O   1 
ATOM   469 C CB  . LEU A 1 64 ? 3.295   6.251   -7.351  1.00 16.04 ? 64  LEU A CB  1 
ATOM   470 C CG  . LEU A 1 64 ? 2.349   5.332   -6.610  1.00 15.19 ? 64  LEU A CG  1 
ATOM   471 C CD1 . LEU A 1 64 ? 1.949   4.175   -7.491  1.00 19.66 ? 64  LEU A CD1 1 
ATOM   472 C CD2 . LEU A 1 64 ? 2.899   4.823   -5.288  1.00 14.68 ? 64  LEU A CD2 1 
ATOM   473 N N   . SER A 1 65 ? 4.448   9.057   -8.290  1.00 19.06 ? 65  SER A N   1 
ATOM   474 C CA  . SER A 1 65 ? 5.379   9.823   -9.164  1.00 20.40 ? 65  SER A CA  1 
ATOM   475 C C   . SER A 1 65 ? 6.361   10.611  -8.326  1.00 20.39 ? 65  SER A C   1 
ATOM   476 O O   . SER A 1 65 ? 7.535   10.721  -8.699  1.00 23.00 ? 65  SER A O   1 
ATOM   477 C CB  . SER A 1 65 ? 4.657   10.802  -10.114 1.00 21.27 ? 65  SER A CB  1 
ATOM   478 O OG  . SER A 1 65 ? 3.890   11.734  -9.374  1.00 23.77 ? 65  SER A OG  1 
ATOM   479 N N   . ASP A 1 66 ? 5.882   11.143  -7.186  1.00 21.34 ? 66  ASP A N   1 
ATOM   480 C CA  . ASP A 1 66 ? 6.619   12.015  -6.348  1.00 21.75 ? 66  ASP A CA  1 
ATOM   481 C C   . ASP A 1 66 ? 7.831   11.239  -5.825  1.00 21.46 ? 66  ASP A C   1 
ATOM   482 O O   . ASP A 1 66 ? 8.782   11.864  -5.437  1.00 22.38 ? 66  ASP A O   1 
ATOM   483 C CB  . ASP A 1 66 ? 5.840   12.515  -5.142  1.00 21.85 ? 66  ASP A CB  1 
ATOM   484 C CG  . ASP A 1 66 ? 4.931   13.664  -5.440  1.00 25.23 ? 66  ASP A CG  1 
ATOM   485 O OD1 . ASP A 1 66 ? 5.104   14.307  -6.492  1.00 25.69 ? 66  ASP A OD1 1 
ATOM   486 O OD2 . ASP A 1 66 ? 4.037   13.950  -4.572  1.00 22.96 ? 66  ASP A OD2 1 
ATOM   487 N N   . TYR A 1 67 ? 7.728   9.903   -5.766  1.00 20.25 ? 67  TYR A N   1 
ATOM   488 C CA  . TYR A 1 67 ? 8.795   9.059   -5.202  1.00 20.98 ? 67  TYR A CA  1 
ATOM   489 C C   . TYR A 1 67 ? 9.552   8.275   -6.230  1.00 21.34 ? 67  TYR A C   1 
ATOM   490 O O   . TYR A 1 67 ? 10.451  7.514   -5.886  1.00 20.88 ? 67  TYR A O   1 
ATOM   491 C CB  . TYR A 1 67 ? 8.206   8.129   -4.118  1.00 20.04 ? 67  TYR A CB  1 
ATOM   492 C CG  . TYR A 1 67 ? 7.634   8.866   -2.948  1.00 18.23 ? 67  TYR A CG  1 
ATOM   493 C CD1 . TYR A 1 67 ? 8.481   9.410   -1.969  1.00 16.50 ? 67  TYR A CD1 1 
ATOM   494 C CD2 . TYR A 1 67 ? 6.227   9.097   -2.850  1.00 17.28 ? 67  TYR A CD2 1 
ATOM   495 C CE1 . TYR A 1 67 ? 7.959   10.118  -0.884  1.00 19.79 ? 67  TYR A CE1 1 
ATOM   496 C CE2 . TYR A 1 67 ? 5.671   9.814   -1.801  1.00 17.21 ? 67  TYR A CE2 1 
ATOM   497 C CZ  . TYR A 1 67 ? 6.571   10.345  -0.794  1.00 17.39 ? 67  TYR A CZ  1 
ATOM   498 O OH  . TYR A 1 67 ? 6.047   11.018  0.302   1.00 19.37 ? 67  TYR A OH  1 
ATOM   499 N N   . ASN A 1 68 ? 9.227   8.487   -7.497  1.00 21.87 ? 68  ASN A N   1 
ATOM   500 C CA  . ASN A 1 68 ? 9.871   7.768   -8.600  1.00 24.20 ? 68  ASN A CA  1 
ATOM   501 C C   . ASN A 1 68 ? 9.822   6.260   -8.380  1.00 24.61 ? 68  ASN A C   1 
ATOM   502 O O   . ASN A 1 68 ? 10.806  5.577   -8.535  1.00 25.77 ? 68  ASN A O   1 
ATOM   503 C CB  . ASN A 1 68 ? 11.294  8.270   -8.812  1.00 25.05 ? 68  ASN A CB  1 
ATOM   504 C CG  . ASN A 1 68 ? 11.300  9.743   -9.307  1.00 30.01 ? 68  ASN A CG  1 
ATOM   505 O OD1 . ASN A 1 68 ? 11.850  10.620  -8.655  1.00 36.58 ? 68  ASN A OD1 1 
ATOM   506 N ND2 . ASN A 1 68 ? 10.608  9.999   -10.401 1.00 31.12 ? 68  ASN A ND2 1 
ATOM   507 N N   . ILE A 1 69 ? 8.654   5.785   -7.983  1.00 24.29 ? 69  ILE A N   1 
ATOM   508 C CA  . ILE A 1 69 ? 8.373   4.374   -7.818  1.00 25.54 ? 69  ILE A CA  1 
ATOM   509 C C   . ILE A 1 69 ? 8.087   3.746   -9.188  1.00 25.70 ? 69  ILE A C   1 
ATOM   510 O O   . ILE A 1 69 ? 7.093   4.094   -9.890  1.00 27.87 ? 69  ILE A O   1 
ATOM   511 C CB  . ILE A 1 69 ? 7.212   4.136   -6.819  1.00 25.04 ? 69  ILE A CB  1 
ATOM   512 C CG1 . ILE A 1 69 ? 7.698   4.537   -5.438  1.00 24.95 ? 69  ILE A CG1 1 
ATOM   513 C CG2 . ILE A 1 69 ? 6.741   2.665   -6.844  1.00 25.84 ? 69  ILE A CG2 1 
ATOM   514 C CD1 . ILE A 1 69 ? 6.597   4.835   -4.509  1.00 23.47 ? 69  ILE A CD1 1 
ATOM   515 N N   . GLN A 1 70 ? 8.966   2.815   -9.518  1.00 26.11 ? 70  GLN A N   1 
ATOM   516 C CA  . GLN A 1 70 ? 8.950   2.058   -10.745 1.00 27.37 ? 70  GLN A CA  1 
ATOM   517 C C   . GLN A 1 70 ? 8.162   0.750   -10.681 1.00 27.37 ? 70  GLN A C   1 
ATOM   518 O O   . GLN A 1 70 ? 7.762   0.268   -9.613  1.00 26.60 ? 70  GLN A O   1 
ATOM   519 C CB  . GLN A 1 70 ? 10.401  1.747   -11.116 1.00 28.78 ? 70  GLN A CB  1 
ATOM   520 C CG  . GLN A 1 70 ? 11.314  2.976   -11.173 1.00 33.95 ? 70  GLN A CG  1 
ATOM   521 C CD  . GLN A 1 70 ? 11.798  3.311   -12.547 1.00 32.91 ? 70  GLN A CD  1 
ATOM   522 O OE1 . GLN A 1 70 ? 12.206  4.435   -12.800 1.00 43.10 ? 70  GLN A OE1 1 
ATOM   523 N NE2 . GLN A 1 70 ? 11.787  2.335   -13.440 1.00 47.69 ? 70  GLN A NE2 1 
ATOM   524 N N   . LYS A 1 71 ? 7.907   0.180   -11.849 1.00 26.83 ? 71  LYS A N   1 
ATOM   525 C CA  . LYS A 1 71 ? 7.201   -1.074  -11.943 1.00 26.92 ? 71  LYS A CA  1 
ATOM   526 C C   . LYS A 1 71 ? 7.934   -2.195  -11.164 1.00 24.96 ? 71  LYS A C   1 
ATOM   527 O O   . LYS A 1 71 ? 9.158   -2.247  -11.075 1.00 23.42 ? 71  LYS A O   1 
ATOM   528 C CB  . LYS A 1 71 ? 7.017   -1.456  -13.425 1.00 27.88 ? 71  LYS A CB  1 
ATOM   529 C CG  . LYS A 1 71 ? 8.240   -1.852  -14.166 1.00 29.30 ? 71  LYS A CG  1 
ATOM   530 C CD  . LYS A 1 71 ? 7.800   -2.476  -15.529 1.00 31.11 ? 71  LYS A CD  1 
ATOM   531 C CE  . LYS A 1 71 ? 8.616   -3.723  -15.941 1.00 34.70 ? 71  LYS A CE  1 
ATOM   532 N NZ  . LYS A 1 71 ? 7.939   -4.492  -17.083 1.00 36.27 ? 71  LYS A NZ  1 
ATOM   533 N N   . GLU A 1 72 ? 7.130   -3.058  -10.573 1.00 24.59 ? 72  GLU A N   1 
ATOM   534 C CA  . GLU A 1 72 ? 7.577   -4.273  -9.904  1.00 24.29 ? 72  GLU A CA  1 
ATOM   535 C C   . GLU A 1 72 ? 8.522   -4.011  -8.715  1.00 22.69 ? 72  GLU A C   1 
ATOM   536 O O   . GLU A 1 72 ? 9.379   -4.822  -8.376  1.00 23.25 ? 72  GLU A O   1 
ATOM   537 C CB  . GLU A 1 72 ? 8.133   -5.254  -10.940 1.00 23.07 ? 72  GLU A CB  1 
ATOM   538 C CG  . GLU A 1 72 ? 7.139   -5.565  -12.071 1.00 25.35 ? 72  GLU A CG  1 
ATOM   539 C CD  . GLU A 1 72 ? 7.719   -6.535  -13.087 1.00 28.33 ? 72  GLU A CD  1 
ATOM   540 O OE1 . GLU A 1 72 ? 8.950   -6.534  -13.370 1.00 32.73 ? 72  GLU A OE1 1 
ATOM   541 O OE2 . GLU A 1 72 ? 6.918   -7.330  -13.589 1.00 34.22 ? 72  GLU A OE2 1 
ATOM   542 N N   . SER A 1 73 ? 8.277   -2.889  -8.037  1.00 21.95 ? 73  SER A N   1 
ATOM   543 C CA  . SER A 1 73 ? 8.939   -2.509  -6.808  1.00 20.23 ? 73  SER A CA  1 
ATOM   544 C C   . SER A 1 73 ? 8.086   -3.140  -5.735  1.00 17.99 ? 73  SER A C   1 
ATOM   545 O O   . SER A 1 73 ? 6.903   -3.292  -5.909  1.00 15.79 ? 73  SER A O   1 
ATOM   546 C CB  . SER A 1 73 ? 8.894   -1.010  -6.558  1.00 20.05 ? 73  SER A CB  1 
ATOM   547 O OG  . SER A 1 73 ? 9.527   -0.246  -7.586  1.00 25.94 ? 73  SER A OG  1 
ATOM   548 N N   . THR A 1 74 ? 8.670   -3.505  -4.616  1.00 17.88 ? 74  THR A N   1 
ATOM   549 C CA  . THR A 1 74 ? 7.951   -4.026  -3.465  1.00 18.20 ? 74  THR A CA  1 
ATOM   550 C C   . THR A 1 74 ? 7.927   -2.956  -2.372  1.00 16.90 ? 74  THR A C   1 
ATOM   551 O O   . THR A 1 74 ? 8.980   -2.399  -1.990  1.00 20.81 ? 74  THR A O   1 
ATOM   552 C CB  . THR A 1 74 ? 8.640   -5.274  -2.960  1.00 18.46 ? 74  THR A CB  1 
ATOM   553 O OG1 . THR A 1 74 ? 8.516   -6.356  -3.918  1.00 18.18 ? 74  THR A OG1 1 
ATOM   554 C CG2 . THR A 1 74 ? 8.028   -5.740  -1.615  1.00 19.71 ? 74  THR A CG2 1 
ATOM   555 N N   . LEU A 1 75 ? 6.752   -2.687  -1.864  1.00 15.83 ? 75  LEU A N   1 
ATOM   556 C CA  . LEU A 1 75 ? 6.495   -1.707  -0.839  1.00 16.12 ? 75  LEU A CA  1 
ATOM   557 C C   . LEU A 1 75 ? 5.920   -2.515  0.302   1.00 15.04 ? 75  LEU A C   1 
ATOM   558 O O   . LEU A 1 75 ? 5.547   -3.675  0.100   1.00 15.27 ? 75  LEU A O   1 
ATOM   559 C CB  . LEU A 1 75 ? 5.458   -0.654  -1.301  1.00 15.30 ? 75  LEU A CB  1 
ATOM   560 C CG  . LEU A 1 75 ? 5.988   0.335   -2.351  1.00 18.63 ? 75  LEU A CG  1 
ATOM   561 C CD1 . LEU A 1 75 ? 6.154   -0.201  -3.789  1.00 19.36 ? 75  LEU A CD1 1 
ATOM   562 C CD2 . LEU A 1 75 ? 5.018   1.453   -2.461  1.00 17.79 ? 75  LEU A CD2 1 
ATOM   563 N N   . HIS A 1 76 ? 5.803   -1.905  1.463   1.00 14.50 ? 76  HIS A N   1 
ATOM   564 C CA  . HIS A 1 76 ? 5.267   -2.581  2.651   1.00 14.61 ? 76  HIS A CA  1 
ATOM   565 C C   . HIS A 1 76 ? 4.420   -1.670  3.486   0.50 11.59 ? 76  HIS A C   1 
ATOM   566 O O   . HIS A 1 76 ? 4.686   -0.464  3.545   0.50 7.68  ? 76  HIS A O   1 
ATOM   567 C CB  A HIS A 1 76 ? 6.509   -2.948  3.578   0.35 14.86 ? 76  HIS A CB  1 
ATOM   568 C CB  B HIS A 1 76 ? 6.172   -3.441  3.476   0.65 14.44 ? 76  HIS A CB  1 
ATOM   569 C CG  A HIS A 1 76 ? 7.678   -3.672  2.912   0.65 18.11 ? 76  HIS A CG  1 
ATOM   570 C CG  B HIS A 1 76 ? 7.219   -2.715  4.221   0.35 12.88 ? 76  HIS A CG  1 
ATOM   571 N ND1 A HIS A 1 76 ? 8.744   -3.014  2.333   0.65 22.48 ? 76  HIS A ND1 1 
ATOM   572 N ND1 B HIS A 1 76 ? 7.134   -2.483  5.572   0.35 12.11 ? 76  HIS A ND1 1 
ATOM   573 C CD2 A HIS A 1 76 ? 7.965   -5.003  2.811   0.65 22.54 ? 76  HIS A CD2 1 
ATOM   574 C CD2 B HIS A 1 76 ? 8.410   -2.226  3.831   0.35 9.15  ? 76  HIS A CD2 1 
ATOM   575 C CE1 A HIS A 1 76 ? 9.601   -3.907  1.862   0.65 22.30 ? 76  HIS A CE1 1 
ATOM   576 C CE1 B HIS A 1 76 ? 8.222   -1.852  5.981   0.35 8.90  ? 76  HIS A CE1 1 
ATOM   577 N NE2 A HIS A 1 76 ? 9.155   -5.118  2.143   0.65 24.73 ? 76  HIS A NE2 1 
ATOM   578 N NE2 B HIS A 1 76 ? 9.029   -1.717  4.945   0.35 11.96 ? 76  HIS A NE2 1 
ATOM   579 N N   . LEU A 1 77 ? 3.397   -2.254  4.120   1.00 13.39 ? 77  LEU A N   1 
ATOM   580 C CA  . LEU A 1 77 ? 2.480   -1.554  5.013   1.00 13.48 ? 77  LEU A CA  1 
ATOM   581 C C   . LEU A 1 77 ? 2.920   -1.778  6.430   1.00 14.43 ? 77  LEU A C   1 
ATOM   582 O O   . LEU A 1 77 ? 3.304   -2.906  6.825   1.00 15.87 ? 77  LEU A O   1 
ATOM   583 C CB  . LEU A 1 77 ? 1.074   -2.025  4.824   1.00 15.57 ? 77  LEU A CB  1 
ATOM   584 C CG  . LEU A 1 77 ? 0.468   -1.448  3.566   1.00 17.40 ? 77  LEU A CG  1 
ATOM   585 C CD1 . LEU A 1 77 ? -0.681  -2.316  3.075   1.00 19.77 ? 77  LEU A CD1 1 
ATOM   586 C CD2 . LEU A 1 77 ? -0.015  -0.036  3.826   1.00 19.15 ? 77  LEU A CD2 1 
ATOM   587 N N   . VAL A 1 78 ? 2.865   -0.698  7.180   1.00 15.14 ? 78  VAL A N   1 
ATOM   588 C CA  . VAL A 1 78 ? 3.151   -0.763  8.592   1.00 14.29 ? 78  VAL A CA  1 
ATOM   589 C C   . VAL A 1 78 ? 1.987   -0.144  9.378   1.00 14.96 ? 78  VAL A C   1 
ATOM   590 O O   . VAL A 1 78 ? 1.176   0.658   8.889   1.00 14.68 ? 78  VAL A O   1 
ATOM   591 C CB  . VAL A 1 78 ? 4.433   -0.044  9.018   1.00 14.82 ? 78  VAL A CB  1 
ATOM   592 C CG1 . VAL A 1 78 ? 5.665   -0.778  8.482   1.00 13.76 ? 78  VAL A CG1 1 
ATOM   593 C CG2 . VAL A 1 78 ? 4.439   1.414   8.679   1.00 12.66 ? 78  VAL A CG2 1 
ATOM   594 N N   . LEU A 1 79 ? 1.945   -0.472  10.629  1.00 18.20 ? 79  LEU A N   1 
ATOM   595 C CA  . LEU A 1 79 ? 0.865   -0.021  11.480  1.00 20.91 ? 79  LEU A CA  1 
ATOM   596 C C   . LEU A 1 79 ? 1.157   1.372   12.058  1.00 21.95 ? 79  LEU A C   1 
ATOM   597 O O   . LEU A 1 79 ? 2.222   1.618   12.600  1.00 19.67 ? 79  LEU A O   1 
ATOM   598 C CB  . LEU A 1 79 ? 0.707   -1.018  12.639  1.00 19.29 ? 79  LEU A CB  1 
ATOM   599 C CG  . LEU A 1 79 ? -0.485  -0.808  13.554  1.00 20.32 ? 79  LEU A CG  1 
ATOM   600 C CD1 . LEU A 1 79 ? -1.810  -0.870  12.813  1.00 24.23 ? 79  LEU A CD1 1 
ATOM   601 C CD2 . LEU A 1 79 ? -0.473  -1.847  14.616  1.00 22.43 ? 79  LEU A CD2 1 
ATOM   602 N N   . ARG A 1 80 ? 0.221   2.285   11.956  1.00 24.75 ? 80  ARG A N   1 
ATOM   603 C CA  . ARG A 1 80 ? 0.321   3.577   12.686  1.00 26.10 ? 80  ARG A CA  1 
ATOM   604 C C   . ARG A 1 80 ? -1.087  3.902   13.269  1.00 27.47 ? 80  ARG A C   1 
ATOM   605 O O   . ARG A 1 80 ? -1.950  4.511   12.616  1.00 27.24 ? 80  ARG A O   1 
ATOM   606 C CB  . ARG A 1 80 ? 0.847   4.658   11.736  1.00 26.24 ? 80  ARG A CB  1 
ATOM   607 C CG  . ARG A 1 80 ? 1.405   5.865   12.419  1.00 29.33 ? 80  ARG A CG  1 
ATOM   608 C CD  . ARG A 1 80 ? 2.860   5.600   12.889  1.00 34.96 ? 80  ARG A CD  1 
ATOM   609 N NE  . ARG A 1 80 ? 3.913   5.605   11.846  1.00 35.39 ? 80  ARG A NE  1 
ATOM   610 C CZ  . ARG A 1 80 ? 4.673   4.556   11.510  1.00 37.83 ? 80  ARG A CZ  1 
ATOM   611 N NH1 . ARG A 1 80 ? 4.528   3.332   12.072  1.00 34.39 ? 80  ARG A NH1 1 
ATOM   612 N NH2 . ARG A 1 80 ? 5.595   4.736   10.574  1.00 37.47 ? 80  ARG A NH2 1 
ATOM   613 N N   . LEU A 1 81 ? -1.334  3.432   14.482  1.00 29.00 ? 81  LEU A N   1 
ATOM   614 C CA  . LEU A 1 81 ? -2.686  3.487   15.105  1.00 29.64 ? 81  LEU A CA  1 
ATOM   615 C C   . LEU A 1 81 ? -2.995  4.879   15.700  1.00 30.52 ? 81  LEU A C   1 
ATOM   616 O O   . LEU A 1 81 ? -2.072  5.647   16.002  1.00 32.09 ? 81  LEU A O   1 
ATOM   617 C CB  . LEU A 1 81 ? -2.794  2.435   16.220  1.00 30.57 ? 81  LEU A CB  1 
ATOM   618 C CG  . LEU A 1 81 ? -2.918  0.953   15.902  1.00 30.12 ? 81  LEU A CG  1 
ATOM   619 C CD1 . LEU A 1 81 ? -3.077  0.126   17.202  1.00 32.05 ? 81  LEU A CD1 1 
ATOM   620 C CD2 . LEU A 1 81 ? -4.105  0.715   14.970  1.00 32.21 ? 81  LEU A CD2 1 
HETATM 621 O O   . HOH B 2 .  ? 1.821   6.147   4.055   1.00 4.64  ? 85  HOH A O   1 
HETATM 622 O O   . HOH B 2 .  ? 1.080   15.312  1.978   1.00 5.59  ? 86  HOH A O   1 
HETATM 623 O O   . HOH B 2 .  ? -2.778  12.672  -8.608  1.00 6.02  ? 87  HOH A O   1 
HETATM 624 O O   . HOH B 2 .  ? 16.701  2.730   0.746   1.00 6.20  ? 88  HOH A O   1 
HETATM 625 O O   . HOH B 2 .  ? -2.014  -4.222  5.453   1.00 6.61  ? 89  HOH A O   1 
HETATM 626 O O   . HOH B 2 .  ? 4.259   17.418  2.171   1.00 6.89  ? 90  HOH A O   1 
HETATM 627 O O   . HOH B 2 .  ? 3.404   9.299   6.246   1.00 7.85  ? 91  HOH A O   1 
HETATM 628 O O   . HOH B 2 .  ? -4.963  9.173   -7.095  1.00 7.09  ? 92  HOH A O   1 
HETATM 629 O O   . HOH B 2 .  ? 1.966   15.080  -5.062  1.00 8.43  ? 93  HOH A O   1 
HETATM 630 O O   . HOH B 2 .  ? 4.408   -12.334 1.681   1.00 8.19  ? 94  HOH A O   1 
HETATM 631 O O   . HOH B 2 .  ? 3.739   -10.024 -11.541 1.00 8.67  ? 95  HOH A O   1 
HETATM 632 O O   . HOH B 2 .  ? -4.922  6.339   4.175   1.00 8.45  ? 96  HOH A O   1 
HETATM 633 O O   . HOH B 2 .  ? 3.294   -11.174 -8.807  1.00 8.23  ? 97  HOH A O   1 
HETATM 634 O O   . HOH B 2 .  ? 4.978   13.919  -9.240  1.00 8.59  ? 98  HOH A O   1 
HETATM 635 O O   . HOH B 2 .  ? -4.719  8.098   -10.079 1.00 9.23  ? 99  HOH A O   1 
HETATM 636 O O   . HOH B 2 .  ? 10.300  -6.281  -6.160  1.00 8.81  ? 100 HOH A O   1 
HETATM 637 O O   . HOH B 2 .  ? -2.079  -10.294 -5.704  1.00 8.73  ? 101 HOH A O   1 
HETATM 638 O O   . HOH B 2 .  ? 11.618  -3.377  -4.596  1.00 9.02  ? 102 HOH A O   1 
HETATM 639 O O   . HOH B 2 .  ? -2.902  13.018  3.764   1.00 8.57  ? 103 HOH A O   1 
HETATM 640 O O   . HOH B 2 .  ? -6.278  10.523  -2.724  1.00 9.72  ? 104 HOH A O   1 
HETATM 641 O O   . HOH B 2 .  ? -3.404  -6.567  6.560   1.00 10.28 ? 105 HOH A O   1 
HETATM 642 O O   . HOH B 2 .  ? 4.193   16.938  -6.675  1.00 9.92  ? 106 HOH A O   1 
HETATM 643 O O   . HOH B 2 .  ? 4.200   -4.162  9.352   1.00 9.10  ? 107 HOH A O   1 
HETATM 644 O O   . HOH B 2 .  ? -5.673  8.805   4.344   1.00 9.51  ? 108 HOH A O   1 
HETATM 645 O O   . HOH B 2 .  ? 12.650  5.700   -1.056  1.00 10.13 ? 109 HOH A O   1 
HETATM 646 O O   . HOH B 2 .  ? 1.443   -11.259 -5.144  1.00 9.92  ? 110 HOH A O   1 
HETATM 647 O O   . HOH B 2 .  ? 7.145   -9.632  -0.784  1.00 10.55 ? 111 HOH A O   1 
HETATM 648 O O   . HOH B 2 .  ? 2.023   10.352  9.079   1.00 10.34 ? 112 HOH A O   1 
HETATM 649 O O   . HOH B 2 .  ? -2.613  7.138   12.491  1.00 10.40 ? 113 HOH A O   1 
HETATM 650 O O   . HOH B 2 .  ? -4.161  11.757  1.999   1.00 10.68 ? 114 HOH A O   1 
HETATM 651 O O   . HOH B 2 .  ? 9.189   12.230  -9.981  1.00 11.47 ? 115 HOH A O   1 
HETATM 652 O O   . HOH B 2 .  ? 10.968  2.037   -7.880  1.00 10.45 ? 116 HOH A O   1 
HETATM 653 O O   . HOH B 2 .  ? 7.648   12.613  1.492   1.00 10.29 ? 117 HOH A O   1 
HETATM 654 O O   . HOH B 2 .  ? 4.760   19.041  -3.978  1.00 10.86 ? 118 HOH A O   1 
HETATM 655 O O   . HOH B 2 .  ? 4.106   -7.580  6.902   1.00 11.49 ? 119 HOH A O   1 
HETATM 656 O O   . HOH B 2 .  ? 1.212   -13.624 -0.328  1.00 10.55 ? 120 HOH A O   1 
HETATM 657 O O   . HOH B 2 .  ? 10.735  -0.982  -0.963  1.00 10.82 ? 121 HOH A O   1 
HETATM 658 O O   . HOH B 2 .  ? 10.873  7.825   6.491   1.00 10.87 ? 122 HOH A O   1 
HETATM 659 O O   . HOH B 2 .  ? 12.822  -1.074  -3.027  1.00 10.10 ? 123 HOH A O   1 
HETATM 660 O O   . HOH B 2 .  ? 4.311   -5.144  5.841   1.00 11.45 ? 124 HOH A O   1 
HETATM 661 O O   . HOH B 2 .  ? 4.382   -3.447  -14.878 1.00 12.70 ? 125 HOH A O   1 
HETATM 662 O O   . HOH B 2 .  ? 8.955   -8.516  0.778   1.00 12.08 ? 126 HOH A O   1 
HETATM 663 O O   . HOH B 2 .  ? 9.429   -9.351  5.176   1.00 11.35 ? 127 HOH A O   1 
HETATM 664 O O   . HOH B 2 .  ? 12.229  -3.350  -9.341  1.00 13.12 ? 128 HOH A O   1 
HETATM 665 O O   . HOH B 2 .  ? -8.539  -3.154  -5.347  1.00 12.66 ? 129 HOH A O   1 
HETATM 666 O O   . HOH B 2 .  ? 4.164   8.276   11.511  1.00 13.60 ? 130 HOH A O   1 
HETATM 667 O O   . HOH B 2 .  ? 13.031  9.958   -5.312  1.00 12.48 ? 131 HOH A O   1 
HETATM 668 O O   . HOH B 2 .  ? -7.085  -8.796  9.590   1.00 14.29 ? 132 HOH A O   1 
HETATM 669 O O   . HOH B 2 .  ? -4.145  -4.468  3.498   1.00 12.96 ? 133 HOH A O   1 
HETATM 670 O O   . HOH B 2 .  ? 5.952   -12.546 5.868   1.00 12.60 ? 134 HOH A O   1 
HETATM 671 O O   . HOH B 2 .  ? -4.584  1.767   -11.950 1.00 14.10 ? 135 HOH A O   1 
HETATM 672 O O   . HOH B 2 .  ? 2.197   -3.925  -15.719 1.00 13.88 ? 136 HOH A O   1 
HETATM 673 O O   . HOH B 2 .  ? -1.350  14.533  -4.412  1.00 12.21 ? 137 HOH A O   1 
HETATM 674 O O   . HOH B 2 .  ? -9.870  9.840   0.397   1.00 13.38 ? 138 HOH A O   1 
HETATM 675 O O   . HOH B 2 .  ? -8.324  -8.994  -7.488  1.00 13.76 ? 139 HOH A O   1 
HETATM 676 O O   . HOH B 2 .  ? -9.449  4.629   11.276  1.00 13.48 ? 140 HOH A O   1 
HETATM 677 O O   . HOH B 2 .  ? 8.130   10.627  -11.544 1.00 12.43 ? 141 HOH A O   1 
HETATM 678 O O   . HOH B 2 .  ? 8.824   1.829   -14.156 1.00 13.45 ? 142 HOH A O   1 
HETATM 679 O O   . HOH B 2 .  ? -10.743 -1.038  4.290   1.00 13.27 ? 143 HOH A O   1 
HETATM 680 O O   . HOH B 2 .  ? 12.320  8.024   -3.887  1.00 14.57 ? 144 HOH A O   1 
HETATM 681 O O   . HOH B 2 .  ? -1.122  7.043   -16.148 1.00 14.93 ? 145 HOH A O   1 
HETATM 682 O O   . HOH B 2 .  ? 2.070   -13.869 -2.967  1.00 16.09 ? 146 HOH A O   1 
HETATM 683 O O   . HOH B 2 .  ? -3.686  14.210  -2.385  1.00 17.00 ? 147 HOH A O   1 
HETATM 684 O O   . HOH B 2 .  ? 9.772   9.771   7.455   1.00 15.31 ? 148 HOH A O   1 
HETATM 685 O O   . HOH B 2 .  ? -6.941  3.918   16.903  1.00 16.24 ? 149 HOH A O   1 
HETATM 686 O O   . HOH B 2 .  ? 11.365  0.201   -14.991 1.00 15.16 ? 150 HOH A O   1 
HETATM 687 O O   . HOH B 2 .  ? -1.128  11.813  12.433  1.00 13.88 ? 151 HOH A O   1 
HETATM 688 O O   . HOH B 2 .  ? 10.724  4.518   7.626   1.00 14.98 ? 152 HOH A O   1 
HETATM 689 O O   . HOH B 2 .  ? -10.873 1.496   -3.203  1.00 15.15 ? 153 HOH A O   1 
HETATM 690 O O   . HOH B 2 .  ? 5.869   6.584   -10.167 1.00 15.38 ? 154 HOH A O   1 
HETATM 691 O O   . HOH B 2 .  ? -5.097  -4.957  7.552   1.00 15.56 ? 155 HOH A O   1 
HETATM 692 O O   . HOH B 2 .  ? 6.573   8.250   -12.370 1.00 17.01 ? 156 HOH A O   1 
HETATM 693 O O   . HOH B 2 .  ? -3.501  8.089   7.638   1.00 15.52 ? 157 HOH A O   1 
HETATM 694 O O   . HOH B 2 .  ? -2.334  -15.251 3.915   1.00 16.43 ? 158 HOH A O   1 
HETATM 695 O O   . HOH B 2 .  ? -9.579  -10.091 -4.829  1.00 17.39 ? 159 HOH A O   1 
HETATM 696 O O   . HOH B 2 .  ? -5.214  -10.392 -3.229  1.00 16.64 ? 160 HOH A O   1 
HETATM 697 O O   . HOH B 2 .  ? 7.433   12.935  4.488   1.00 18.22 ? 161 HOH A O   1 
HETATM 698 O O   . HOH B 2 .  ? -10.756 -0.863  -5.005  1.00 17.71 ? 162 HOH A O   1 
HETATM 699 O O   . HOH B 2 .  ? -5.428  5.062   18.624  1.00 20.10 ? 163 HOH A O   1 
HETATM 700 O O   . HOH B 2 .  ? -11.136 -9.408  13.418  1.00 15.66 ? 164 HOH A O   1 
HETATM 701 O O   . HOH B 2 .  ? 8.869   14.189  -1.208  1.00 18.27 ? 165 HOH A O   1 
HETATM 702 O O   . HOH B 2 .  ? -3.787  7.514   17.545  1.00 19.59 ? 166 HOH A O   1 
HETATM 703 O O   . HOH B 2 .  ? -5.321  6.196   15.874  1.00 23.93 ? 167 HOH A O   1 
# 
loop_
_atom_site_anisotrop.id 
_atom_site_anisotrop.type_symbol 
_atom_site_anisotrop.pdbx_label_atom_id 
_atom_site_anisotrop.pdbx_label_alt_id 
_atom_site_anisotrop.pdbx_label_comp_id 
_atom_site_anisotrop.pdbx_label_asym_id 
_atom_site_anisotrop.pdbx_label_seq_id 
_atom_site_anisotrop.pdbx_PDB_ins_code 
_atom_site_anisotrop.U[1][1] 
_atom_site_anisotrop.U[2][2] 
_atom_site_anisotrop.U[3][3] 
_atom_site_anisotrop.U[1][2] 
_atom_site_anisotrop.U[1][3] 
_atom_site_anisotrop.U[2][3] 
_atom_site_anisotrop.pdbx_auth_seq_id 
_atom_site_anisotrop.pdbx_auth_comp_id 
_atom_site_anisotrop.pdbx_auth_asym_id 
_atom_site_anisotrop.pdbx_auth_atom_id 
1   N N   . MET A 1  ? 0.4550 0.4455 0.4387 0.0045  0.0022  0.0071  1   MET A N   
2   C CA  . MET A 1  ? 0.4564 0.4388 0.4328 0.0053  0.0056  0.0098  1   MET A CA  
3   C C   . MET A 1  ? 0.4373 0.4082 0.4086 0.0088  0.0085  0.0078  1   MET A C   
4   O O   . MET A 1  ? 0.4744 0.3992 0.3969 0.0207  0.0286  0.0267  1   MET A O   
5   C CB  . MET A 1  ? 0.4710 0.4449 0.4439 -0.0004 0.0086  0.0030  1   MET A CB  
6   C CG  . MET A 1  ? 0.4771 0.4816 0.4464 0.0091  0.0134  0.0030  1   MET A CG  
7   S SD  . MET A 1  ? 0.5345 0.5003 0.4937 -0.0011 0.0188  0.0240  1   MET A SD  
8   C CE  . MET A 1  ? 0.5156 0.5007 0.4964 0.0239  0.0010  0.0082  1   MET A CE  
9   N N   . GLN A 2  ? 0.4096 0.3767 0.3672 0.0057  -0.0042 0.0020  2   GLN A N   
10  C CA  . GLN A 2  ? 0.3877 0.3653 0.3706 0.0059  -0.0031 0.0018  2   GLN A CA  
11  C C   . GLN A 2  ? 0.3216 0.2913 0.3089 0.0076  -0.0093 0.0096  2   GLN A C   
12  O O   . GLN A 2  ? 0.3560 0.3094 0.2970 0.0099  -0.0229 0.0230  2   GLN A O   
13  C CB  . GLN A 2  ? 0.3924 0.3670 0.3674 0.0019  -0.0078 -0.0037 2   GLN A CB  
14  C CG  . GLN A 2  ? 0.3853 0.3652 0.3881 -0.0028 0.0047  0.0021  2   GLN A CG  
15  C CD  . GLN A 2  ? 0.4137 0.3866 0.4094 0.0095  -0.0005 0.0005  2   GLN A CD  
16  O OE1 . GLN A 2  ? 0.4177 0.4226 0.4354 0.0232  -0.0126 0.0029  2   GLN A OE1 
17  N NE2 . GLN A 2  ? 0.4311 0.3688 0.4551 0.0037  -0.0077 -0.0007 2   GLN A NE2 
18  N N   . ILE A 3  ? 0.2866 0.2591 0.2961 0.0161  -0.0227 0.0046  3   ILE A N   
19  C CA  . ILE A 3  ? 0.2384 0.2476 0.2509 0.0050  -0.0192 -0.0008 3   ILE A CA  
20  C C   . ILE A 3  ? 0.2037 0.2299 0.2289 0.0136  -0.0205 0.0078  3   ILE A C   
21  O O   . ILE A 3  ? 0.2321 0.2469 0.2271 -0.0068 -0.0437 0.0145  3   ILE A O   
22  C CB  . ILE A 3  ? 0.2155 0.2428 0.2533 0.0214  -0.0051 0.0029  3   ILE A CB  
23  C CG1 . ILE A 3  ? 0.2204 0.2368 0.2411 0.0313  -0.0224 -0.0003 3   ILE A CG1 
24  C CG2 . ILE A 3  ? 0.2615 0.2715 0.2424 0.0195  0.0021  -0.0021 3   ILE A CG2 
25  C CD1 . ILE A 3  ? 0.2595 0.2581 0.2399 0.0025  -0.0115 -0.0199 3   ILE A CD1 
26  N N   . PHE A 4  ? 0.2347 0.2194 0.2027 0.0077  -0.0123 0.0079  4   PHE A N   
27  C CA  . PHE A 4  ? 0.2011 0.2034 0.1708 0.0096  -0.0011 -0.0046 4   PHE A CA  
28  C C   . PHE A 4  ? 0.2062 0.2131 0.1901 0.0105  -0.0054 -0.0076 4   PHE A C   
29  O O   . PHE A 4  ? 0.2157 0.2307 0.1728 0.0222  -0.0297 -0.0268 4   PHE A O   
30  C CB  . PHE A 4  ? 0.2151 0.2151 0.1765 0.0176  -0.0010 0.0007  4   PHE A CB  
31  C CG  . PHE A 4  ? 0.2248 0.2263 0.1278 0.0106  -0.0039 0.0205  4   PHE A CG  
32  C CD1 . PHE A 4  ? 0.2145 0.2427 0.2276 0.0160  -0.0119 -0.0046 4   PHE A CD1 
33  C CD2 . PHE A 4  ? 0.2258 0.2300 0.1583 0.0107  -0.0242 0.0012  4   PHE A CD2 
34  C CE1 . PHE A 4  ? 0.2267 0.2718 0.1979 0.0304  0.0291  0.0038  4   PHE A CE1 
35  C CE2 . PHE A 4  ? 0.2481 0.2573 0.2440 0.0259  -0.0024 -0.0017 4   PHE A CE2 
36  C CZ  . PHE A 4  ? 0.2423 0.2738 0.1891 -0.0008 -0.0195 -0.0264 4   PHE A CZ  
37  N N   . VAL A 5  ? 0.1892 0.2038 0.1994 0.0120  -0.0042 0.0033  5   VAL A N   
38  C CA  . VAL A 5  ? 0.1904 0.2088 0.1888 0.0045  -0.0117 -0.0051 5   VAL A CA  
39  C C   . VAL A 5  ? 0.2009 0.2246 0.1821 0.0015  -0.0053 -0.0002 5   VAL A C   
40  O O   . VAL A 5  ? 0.1970 0.2170 0.0570 -0.0112 -0.0196 0.0218  5   VAL A O   
41  C CB  . VAL A 5  ? 0.2048 0.2139 0.1706 0.0018  -0.0257 -0.0103 5   VAL A CB  
42  C CG1 . VAL A 5  ? 0.2410 0.2235 0.1884 0.0016  0.0238  -0.0113 5   VAL A CG1 
43  C CG2 . VAL A 5  ? 0.1641 0.2008 0.1964 -0.0055 -0.0290 -0.0215 5   VAL A CG2 
44  N N   . LYS A 6  ? 0.1938 0.2157 0.1769 0.0062  -0.0202 -0.0012 6   LYS A N   
45  C CA  . LYS A 6  ? 0.2255 0.2265 0.2250 0.0000  0.0005  -0.0069 6   LYS A CA  
46  C C   . LYS A 6  ? 0.2303 0.2117 0.1950 -0.0054 0.0016  -0.0031 6   LYS A C   
47  O O   . LYS A 6  ? 0.2687 0.2179 0.1856 -0.0160 0.0061  -0.0067 6   LYS A O   
48  C CB  . LYS A 6  ? 0.2189 0.2255 0.2246 -0.0110 -0.0073 -0.0049 6   LYS A CB  
49  C CG  . LYS A 6  ? 0.2055 0.2704 0.2280 0.0147  -0.0190 0.0014  6   LYS A CG  
50  C CD  . LYS A 6  ? 0.2047 0.2875 0.2966 0.0283  -0.0021 0.0051  6   LYS A CD  
51  C CE  . LYS A 6  ? 0.2121 0.3304 0.3273 0.0192  0.0246  0.0145  6   LYS A CE  
52  N NZ  . LYS A 6  ? 0.2420 0.4110 0.3938 0.0806  -0.0073 0.0113  6   LYS A NZ  
53  N N   . THR A 7  ? 0.2271 0.2140 0.1924 -0.0055 -0.0094 -0.0049 7   THR A N   
54  C CA  . THR A 7  ? 0.2292 0.2067 0.2223 0.0076  -0.0056 0.0058  7   THR A CA  
55  C C   . THR A 7  ? 0.2273 0.2110 0.2326 0.0141  -0.0166 -0.0021 7   THR A C   
56  O O   . THR A 7  ? 0.2168 0.2069 0.2582 0.0364  -0.0132 -0.0044 7   THR A O   
57  C CB  . THR A 7  ? 0.2587 0.2287 0.2246 -0.0018 -0.0252 0.0068  7   THR A CB  
58  O OG1 . THR A 7  ? 0.2566 0.2127 0.2245 0.0040  -0.0353 -0.0090 7   THR A OG1 
59  C CG2 . THR A 7  ? 0.2698 0.2620 0.2490 -0.0052 -0.0237 0.0086  7   THR A CG2 
60  N N   . LEU A 8  ? 0.2159 0.2208 0.2091 0.0188  -0.0163 0.0057  8   LEU A N   
61  C CA  . LEU A 8  ? 0.2225 0.2304 0.2146 0.0078  -0.0021 0.0081  8   LEU A CA  
62  C C   . LEU A 8  ? 0.2113 0.2288 0.1930 0.0064  -0.0007 0.0176  8   LEU A C   
63  O O   . LEU A 8  ? 0.1643 0.2246 0.1882 0.0245  -0.0119 0.0333  8   LEU A O   
64  C CB  . LEU A 8  ? 0.2142 0.2462 0.2246 0.0122  -0.0006 0.0002  8   LEU A CB  
65  C CG  . LEU A 8  ? 0.2433 0.2407 0.2221 0.0185  0.0234  0.0020  8   LEU A CG  
66  C CD1 . LEU A 8  ? 0.2721 0.2499 0.2437 0.0048  0.0255  0.0048  8   LEU A CD1 
67  C CD2 . LEU A 8  ? 0.3255 0.3029 0.2893 -0.0197 0.0194  -0.0170 8   LEU A CD2 
68  N N   . THR A 9  ? 0.2353 0.2395 0.2182 0.0051  -0.0050 0.0170  9   THR A N   
69  C CA  . THR A 9  ? 0.2710 0.2567 0.2355 -0.0043 -0.0028 0.0141  9   THR A CA  
70  C C   . THR A 9  ? 0.2720 0.2548 0.2488 0.0023  -0.0075 0.0080  9   THR A C   
71  O O   . THR A 9  ? 0.3044 0.2757 0.2517 -0.0184 -0.0089 0.0195  9   THR A O   
72  C CB  . THR A 9  ? 0.2944 0.2843 0.2408 -0.0073 -0.0077 0.0175  9   THR A CB  
73  O OG1 . THR A 9  ? 0.3620 0.3479 0.2511 -0.0580 -0.0282 0.0212  9   THR A OG1 
74  C CG2 . THR A 9  ? 0.3018 0.2823 0.2666 -0.0038 -0.0096 0.0223  9   THR A CG2 
75  N N   . GLY A 10 ? 0.2587 0.2387 0.2262 0.0010  -0.0012 0.0120  10  GLY A N   
76  C CA  . GLY A 10 ? 0.2784 0.2591 0.2404 0.0094  -0.0059 0.0074  10  GLY A CA  
77  C C   . GLY A 10 ? 0.2865 0.2717 0.2501 0.0044  -0.0079 -0.0028 10  GLY A C   
78  O O   . GLY A 10 ? 0.3066 0.2996 0.2545 0.0213  -0.0181 0.0097  10  GLY A O   
79  N N   . LYS A 11 ? 0.2841 0.2650 0.2632 0.0044  -0.0110 -0.0053 11  LYS A N   
80  C CA  . LYS A 11 ? 0.3080 0.2909 0.2694 0.0047  -0.0020 0.0008  11  LYS A CA  
81  C C   . LYS A 11 ? 0.2843 0.2598 0.2641 0.0050  -0.0167 0.0057  11  LYS A C   
82  O O   . LYS A 11 ? 0.3225 0.2596 0.2773 -0.0018 -0.0072 0.0052  11  LYS A O   
83  C CB  . LYS A 11 ? 0.3312 0.3214 0.2917 -0.0010 -0.0095 0.0012  11  LYS A CB  
84  C CG  . LYS A 11 ? 0.3643 0.3599 0.3388 -0.0011 0.0019  0.0009  11  LYS A CG  
85  C CD  . LYS A 11 ? 0.3694 0.3712 0.3520 0.0015  -0.0013 0.0021  11  LYS A CD  
86  C CE  . LYS A 11 ? 0.3779 0.3934 0.4214 0.0011  0.0153  0.0137  11  LYS A CE  
87  N NZ  . LYS A 11 ? 0.3924 0.4241 0.4238 0.0268  -0.0004 0.0045  11  LYS A NZ  
88  N N   . THR A 12 ? 0.2551 0.2512 0.2491 0.0036  -0.0084 0.0056  12  THR A N   
89  C CA  . THR A 12 ? 0.2657 0.2474 0.2463 0.0127  -0.0056 -0.0042 12  THR A CA  
90  C C   . THR A 12 ? 0.2549 0.2464 0.2406 0.0074  -0.0026 -0.0072 12  THR A C   
91  O O   . THR A 12 ? 0.2764 0.2396 0.2642 0.0201  -0.0331 -0.0157 12  THR A O   
92  C CB  . THR A 12 ? 0.2634 0.2691 0.2493 -0.0138 -0.0143 0.0139  12  THR A CB  
93  O OG1 . THR A 12 ? 0.2500 0.2986 0.2562 0.0261  -0.0210 -0.0075 12  THR A OG1 
94  C CG2 . THR A 12 ? 0.2812 0.2952 0.2768 0.0038  -0.0050 0.0180  12  THR A CG2 
95  N N   . ILE A 13 ? 0.2480 0.2515 0.2315 0.0092  -0.0018 0.0020  13  ILE A N   
96  C CA  . ILE A 13 ? 0.2580 0.2576 0.2482 0.0023  -0.0125 -0.0052 13  ILE A CA  
97  C C   . ILE A 13 ? 0.2529 0.2544 0.2588 0.0040  -0.0139 -0.0055 13  ILE A C   
98  O O   . ILE A 13 ? 0.2204 0.2545 0.2504 -0.0206 -0.0386 -0.0023 13  ILE A O   
99  C CB  . ILE A 13 ? 0.2174 0.2457 0.2389 0.0159  -0.0275 0.0234  13  ILE A CB  
100 C CG1 . ILE A 13 ? 0.2653 0.3036 0.2680 0.0150  -0.0110 -0.0035 13  ILE A CG1 
101 C CG2 . ILE A 13 ? 0.2611 0.2966 0.2547 0.0117  -0.0203 0.0087  13  ILE A CG2 
102 C CD1 . ILE A 13 ? 0.2695 0.3204 0.2929 -0.0024 0.0116  0.0152  13  ILE A CD1 
103 N N   . THR A 14 ? 0.2721 0.2697 0.2794 0.0050  -0.0097 -0.0147 14  THR A N   
104 C CA  . THR A 14 ? 0.2803 0.2784 0.2700 0.0087  -0.0101 -0.0103 14  THR A CA  
105 C C   . THR A 14 ? 0.2868 0.3019 0.2520 0.0058  -0.0182 -0.0101 14  THR A C   
106 O O   . THR A 14 ? 0.3255 0.3406 0.2472 0.0242  -0.0197 -0.0090 14  THR A O   
107 C CB  . THR A 14 ? 0.3004 0.3065 0.2883 0.0030  -0.0018 -0.0063 14  THR A CB  
108 O OG1 . THR A 14 ? 0.3152 0.2641 0.2829 0.0349  0.0075  -0.0194 14  THR A OG1 
109 C CG2 . THR A 14 ? 0.3038 0.3027 0.2914 0.0047  -0.0072 -0.0055 14  THR A CG2 
110 N N   . LEU A 15 ? 0.2958 0.2934 0.2664 0.0140  -0.0199 -0.0161 15  LEU A N   
111 C CA  . LEU A 15 ? 0.3035 0.3106 0.3019 0.0059  -0.0157 -0.0162 15  LEU A CA  
112 C C   . LEU A 15 ? 0.3165 0.2991 0.3212 0.0105  -0.0233 -0.0087 15  LEU A C   
113 O O   . LEU A 15 ? 0.3208 0.2991 0.3096 0.0349  -0.0200 -0.0083 15  LEU A O   
114 C CB  . LEU A 15 ? 0.3079 0.3102 0.3270 0.0100  -0.0053 -0.0137 15  LEU A CB  
115 C CG  . LEU A 15 ? 0.3300 0.3219 0.3140 0.0067  -0.0012 -0.0085 15  LEU A CG  
116 C CD1 . LEU A 15 ? 0.3647 0.3604 0.3476 -0.0054 0.0004  -0.0072 15  LEU A CD1 
117 C CD2 . LEU A 15 ? 0.3250 0.3140 0.3133 0.0041  -0.0098 -0.0275 15  LEU A CD2 
118 N N   . GLU A 16 ? 0.3532 0.3214 0.3365 0.0031  -0.0225 -0.0125 16  GLU A N   
119 C CA  . GLU A 16 ? 0.3617 0.3410 0.3457 0.0035  -0.0202 -0.0084 16  GLU A CA  
120 C C   . GLU A 16 ? 0.3511 0.3207 0.3386 0.0043  -0.0238 -0.0027 16  GLU A C   
121 O O   . GLU A 16 ? 0.3429 0.2954 0.3531 0.0048  -0.0528 -0.0127 16  GLU A O   
122 C CB  . GLU A 16 ? 0.3860 0.3642 0.3551 0.0031  -0.0165 -0.0084 16  GLU A CB  
123 C CG  . GLU A 16 ? 0.3905 0.4149 0.4124 -0.0093 -0.0194 -0.0097 16  GLU A CG  
124 C CD  . GLU A 16 ? 0.3976 0.4236 0.3941 0.0064  -0.0165 0.0002  16  GLU A CD  
125 O OE1 . GLU A 16 ? 0.4776 0.5475 0.4690 0.0294  -0.0005 -0.0565 16  GLU A OE1 
126 O OE2 . GLU A 16 ? 0.3923 0.5136 0.3979 -0.0185 -0.0339 -0.0119 16  GLU A OE2 
127 N N   . VAL A 17 ? 0.3611 0.3159 0.3362 0.0119  -0.0278 -0.0082 17  VAL A N   
128 C CA  . VAL A 17 ? 0.3575 0.3222 0.3337 0.0071  -0.0138 -0.0087 17  VAL A CA  
129 C C   . VAL A 17 ? 0.3548 0.3286 0.3299 0.0166  -0.0088 -0.0048 17  VAL A C   
130 O O   . VAL A 17 ? 0.3904 0.3279 0.3318 0.0352  -0.0031 -0.0122 17  VAL A O   
131 C CB  . VAL A 17 ? 0.3392 0.3011 0.3180 0.0055  -0.0146 -0.0169 17  VAL A CB  
132 C CG1 . VAL A 17 ? 0.3150 0.3009 0.3058 -0.0015 -0.0050 -0.0173 17  VAL A CG1 
133 C CG2 . VAL A 17 ? 0.3523 0.3190 0.3413 0.0061  -0.0174 -0.0119 17  VAL A CG2 
134 N N   . GLU A 18 ? 0.3421 0.3015 0.3080 0.0155  -0.0072 -0.0086 18  GLU A N   
135 C CA  . GLU A 18 ? 0.3265 0.3172 0.3128 0.0128  -0.0074 -0.0024 18  GLU A CA  
136 C C   . GLU A 18 ? 0.2924 0.2947 0.2789 0.0238  -0.0144 -0.0006 18  GLU A C   
137 O O   . GLU A 18 ? 0.2903 0.2565 0.2511 0.0559  -0.0247 0.0120  18  GLU A O   
138 C CB  . GLU A 18 ? 0.3140 0.3251 0.3078 0.0067  -0.0168 0.0016  18  GLU A CB  
139 C CG  . GLU A 18 ? 0.3663 0.3853 0.3289 0.0018  0.0047  -0.0194 18  GLU A CG  
140 C CD  . GLU A 18 ? 0.5801 0.5069 0.5201 0.0996  -0.0177 0.0325  18  GLU A CD  
141 O OE1 . GLU A 18 ? 0.2911 0.4377 0.5224 -0.0935 0.0416  -0.0096 18  GLU A OE1 
142 O OE2 . GLU A 18 ? 0.4967 0.4002 0.4297 -0.0805 -0.0358 -0.0829 18  GLU A OE2 
143 N N   . PRO A 19 ? 0.3106 0.2973 0.2828 0.0179  -0.0112 -0.0015 19  PRO A N   
144 C CA  . PRO A 19 ? 0.2858 0.2961 0.2849 0.0030  0.0017  -0.0005 19  PRO A CA  
145 C C   . PRO A 19 ? 0.2639 0.2703 0.2701 0.0003  0.0021  -0.0024 19  PRO A C   
146 O O   . PRO A 19 ? 0.2204 0.3041 0.2399 0.0000  0.0231  -0.0115 19  PRO A O   
147 C CB  . PRO A 19 ? 0.3180 0.3134 0.2948 -0.0001 0.0013  -0.0054 19  PRO A CB  
148 C CG  . PRO A 19 ? 0.3367 0.3228 0.3368 0.0067  0.0010  -0.0027 19  PRO A CG  
149 C CD  . PRO A 19 ? 0.3170 0.3291 0.3032 0.0047  -0.0038 -0.0057 19  PRO A CD  
150 N N   . SER A 20 ? 0.2580 0.2567 0.2596 0.0062  -0.0008 0.0031  20  SER A N   
151 C CA  . SER A 20 ? 0.2457 0.2550 0.2411 0.0041  -0.0025 0.0011  20  SER A CA  
152 C C   . SER A 20 ? 0.2385 0.2309 0.2295 0.0060  -0.0065 0.0106  20  SER A C   
153 O O   . SER A 20 ? 0.2111 0.1827 0.2028 0.0080  -0.0025 0.0366  20  SER A O   
154 C CB  . SER A 20 ? 0.2650 0.2614 0.2235 0.0050  0.0005  0.0037  20  SER A CB  
155 O OG  . SER A 20 ? 0.2808 0.2873 0.2206 -0.0009 -0.0473 -0.0028 20  SER A OG  
156 N N   . ASP A 21 ? 0.2082 0.2206 0.2192 0.0139  -0.0214 0.0081  21  ASP A N   
157 C CA  . ASP A 21 ? 0.2131 0.2220 0.2310 0.0078  -0.0106 0.0028  21  ASP A CA  
158 C C   . ASP A 21 ? 0.2278 0.2230 0.2190 0.0018  0.0036  0.0051  21  ASP A C   
159 O O   . ASP A 21 ? 0.2345 0.2235 0.1580 -0.0038 0.0014  -0.0003 21  ASP A O   
160 C CB  . ASP A 21 ? 0.2319 0.2390 0.2665 0.0045  -0.0079 0.0045  21  ASP A CB  
161 C CG  . ASP A 21 ? 0.2792 0.2532 0.2893 0.0107  -0.0390 -0.0117 21  ASP A CG  
162 O OD1 . ASP A 21 ? 0.2741 0.2937 0.3775 -0.0136 -0.0470 0.0047  21  ASP A OD1 
163 O OD2 . ASP A 21 ? 0.3632 0.3211 0.4663 0.0256  -0.0281 -0.0274 21  ASP A OD2 
164 N N   . THR A 22 ? 0.2190 0.1905 0.2031 -0.0009 0.0025  0.0019  22  THR A N   
165 C CA  . THR A 22 ? 0.2273 0.2159 0.2237 0.0009  -0.0028 0.0042  22  THR A CA  
166 C C   . THR A 22 ? 0.2030 0.1945 0.1729 0.0039  -0.0070 0.0094  22  THR A C   
167 O O   . THR A 22 ? 0.2030 0.1960 0.1592 -0.0121 -0.0054 -0.0016 22  THR A O   
168 C CB  . THR A 22 ? 0.2070 0.2226 0.2233 0.0061  -0.0047 0.0119  22  THR A CB  
169 O OG1 . THR A 22 ? 0.1702 0.2362 0.2327 0.0057  -0.0403 0.0357  22  THR A OG1 
170 C CG2 . THR A 22 ? 0.2211 0.2423 0.2391 0.0086  0.0262  0.0072  22  THR A CG2 
171 N N   . ILE A 23 ? 0.2167 0.2011 0.1920 -0.0033 0.0045  -0.0100 23  ILE A N   
172 C CA  . ILE A 23 ? 0.2119 0.2057 0.2132 0.0087  -0.0072 -0.0080 23  ILE A CA  
173 C C   . ILE A 23 ? 0.2081 0.2035 0.2079 0.0198  0.0018  -0.0093 23  ILE A C   
174 O O   . ILE A 23 ? 0.1683 0.1892 0.1649 0.0035  0.0349  -0.0020 23  ILE A O   
175 C CB  . ILE A 23 ? 0.2180 0.2052 0.2069 -0.0013 -0.0142 -0.0117 23  ILE A CB  
176 C CG1 . ILE A 23 ? 0.2658 0.2632 0.2519 0.0082  -0.0300 -0.0193 23  ILE A CG1 
177 C CG2 . ILE A 23 ? 0.2083 0.2176 0.2140 0.0201  -0.0098 -0.0080 23  ILE A CG2 
178 C CD1 . ILE A 23 ? 0.2878 0.3528 0.3231 0.0160  -0.0068 -0.0118 23  ILE A CD1 
179 N N   . GLU A 24 ? 0.1842 0.2009 0.2052 0.0178  0.0106  -0.0162 24  GLU A N   
180 C CA  . GLU A 24 ? 0.2064 0.2206 0.2237 0.0039  -0.0113 -0.0008 24  GLU A CA  
181 C C   . GLU A 24 ? 0.1784 0.1899 0.1971 0.0118  -0.0060 -0.0059 24  GLU A C   
182 O O   . GLU A 24 ? 0.1601 0.2107 0.1738 0.0109  -0.0359 0.0001  24  GLU A O   
183 C CB  . GLU A 24 ? 0.1992 0.2165 0.2404 -0.0063 0.0018  -0.0225 24  GLU A CB  
184 C CG  . GLU A 24 ? 0.2597 0.3002 0.2575 0.0161  -0.0042 -0.0112 24  GLU A CG  
185 C CD  . GLU A 24 ? 0.2762 0.2613 0.2468 0.0347  -0.0165 -0.0006 24  GLU A CD  
186 O OE1 . GLU A 24 ? 0.2543 0.3760 0.3541 0.0823  -0.0064 0.0026  24  GLU A OE1 
187 O OE2 . GLU A 24 ? 0.2234 0.3718 0.3193 0.0937  -0.0056 -0.0424 24  GLU A OE2 
188 N N   . ASN A 25 ? 0.1573 0.1836 0.2104 0.0192  -0.0102 -0.0022 25  ASN A N   
189 C CA  . ASN A 25 ? 0.2181 0.2153 0.2360 0.0023  -0.0100 -0.0015 25  ASN A CA  
190 C C   . ASN A 25 ? 0.2008 0.2082 0.2156 0.0119  -0.0195 0.0023  25  ASN A C   
191 O O   . ASN A 25 ? 0.2048 0.1955 0.2282 0.0139  -0.0286 0.0055  25  ASN A O   
192 C CB  . ASN A 25 ? 0.2371 0.2371 0.2493 -0.0036 -0.0254 -0.0070 25  ASN A CB  
193 C CG  . ASN A 25 ? 0.2838 0.3045 0.2969 0.0102  -0.0080 -0.0016 25  ASN A CG  
194 O OD1 . ASN A 25 ? 0.2918 0.3530 0.4033 -0.0004 0.0260  0.0440  25  ASN A OD1 
195 N ND2 . ASN A 25 ? 0.3555 0.3148 0.3617 -0.0051 -0.0222 0.0295  25  ASN A ND2 
196 N N   . VAL A 26 ? 0.2017 0.2060 0.1933 -0.0009 -0.0211 0.0045  26  VAL A N   
197 C CA  . VAL A 26 ? 0.2102 0.2115 0.1992 0.0068  -0.0120 -0.0217 26  VAL A CA  
198 C C   . VAL A 26 ? 0.2044 0.2061 0.2188 0.0025  -0.0122 -0.0127 26  VAL A C   
199 O O   . VAL A 26 ? 0.1750 0.2201 0.1744 0.0087  -0.0149 -0.0264 26  VAL A O   
200 C CB  . VAL A 26 ? 0.2156 0.2105 0.2237 0.0068  -0.0094 -0.0082 26  VAL A CB  
201 C CG1 . VAL A 26 ? 0.1993 0.1907 0.1625 0.0318  0.0070  -0.0384 26  VAL A CG1 
202 C CG2 . VAL A 26 ? 0.2518 0.2243 0.2465 0.0047  -0.0075 -0.0125 26  VAL A CG2 
203 N N   . LYS A 27 ? 0.2129 0.2128 0.2231 0.0075  -0.0147 -0.0089 27  LYS A N   
204 C CA  . LYS A 27 ? 0.2311 0.2264 0.2165 0.0070  -0.0103 -0.0087 27  LYS A CA  
205 C C   . LYS A 27 ? 0.2486 0.2208 0.2064 0.0035  -0.0180 -0.0079 27  LYS A C   
206 O O   . LYS A 27 ? 0.2779 0.2181 0.1802 0.0114  -0.0463 0.0061  27  LYS A O   
207 C CB  . LYS A 27 ? 0.2358 0.2190 0.2163 -0.0106 -0.0232 0.0077  27  LYS A CB  
208 C CG  . LYS A 27 ? 0.2295 0.2316 0.2028 0.0208  -0.0253 0.0085  27  LYS A CG  
209 C CD  . LYS A 27 ? 0.1805 0.2281 0.2217 0.0241  -0.0435 -0.0222 27  LYS A CD  
210 C CE  . LYS A 27 ? 0.2186 0.2723 0.2510 -0.0085 -0.0373 -0.0120 27  LYS A CE  
211 N NZ  . LYS A 27 ? 0.1936 0.2204 0.1962 -0.0134 -0.0548 0.0049  27  LYS A NZ  
212 N N   . ALA A 28 ? 0.2397 0.2330 0.2154 0.0029  -0.0127 -0.0105 28  ALA A N   
213 C CA  . ALA A 28 ? 0.2531 0.2490 0.2418 0.0061  -0.0072 -0.0087 28  ALA A CA  
214 C C   . ALA A 28 ? 0.2426 0.2411 0.2452 0.0000  -0.0100 -0.0105 28  ALA A C   
215 O O   . ALA A 28 ? 0.2642 0.2578 0.2545 -0.0040 0.0047  -0.0173 28  ALA A O   
216 C CB  . ALA A 28 ? 0.2331 0.2551 0.2628 0.0171  -0.0030 -0.0010 28  ALA A CB  
217 N N   . LYS A 29 ? 0.2171 0.2279 0.2382 0.0088  -0.0218 -0.0058 29  LYS A N   
218 C CA  . LYS A 29 ? 0.2561 0.2564 0.2585 0.0046  -0.0140 -0.0042 29  LYS A CA  
219 C C   . LYS A 29 ? 0.2607 0.2596 0.2459 0.0015  -0.0189 0.0077  29  LYS A C   
220 O O   . LYS A 29 ? 0.2062 0.2301 0.1877 0.0098  -0.0555 0.0231  29  LYS A O   
221 C CB  . LYS A 29 ? 0.2572 0.2523 0.2524 0.0094  -0.0126 -0.0178 29  LYS A CB  
222 C CG  . LYS A 29 ? 0.3217 0.2732 0.2905 -0.0025 -0.0177 0.0046  29  LYS A CG  
223 C CD  . LYS A 29 ? 0.3154 0.3102 0.2938 0.0030  -0.0046 -0.0048 29  LYS A CD  
224 C CE  . LYS A 29 ? 0.3800 0.3796 0.3514 -0.0094 -0.0008 0.0079  29  LYS A CE  
225 N NZ  . LYS A 29 ? 0.4036 0.3721 0.3498 -0.0039 -0.0117 0.0227  29  LYS A NZ  
226 N N   . ILE A 30 ? 0.2682 0.2666 0.2596 -0.0019 -0.0223 0.0009  30  ILE A N   
227 C CA  . ILE A 30 ? 0.2980 0.2862 0.2877 0.0002  -0.0222 0.0049  30  ILE A CA  
228 C C   . ILE A 30 ? 0.3119 0.3108 0.3047 0.0065  -0.0185 0.0113  30  ILE A C   
229 O O   . ILE A 30 ? 0.3110 0.3144 0.2784 0.0006  -0.0287 0.0143  30  ILE A O   
230 C CB  . ILE A 30 ? 0.2875 0.2757 0.2945 0.0183  -0.0231 0.0149  30  ILE A CB  
231 C CG1 . ILE A 30 ? 0.2458 0.2593 0.2936 0.0176  -0.0293 0.0074  30  ILE A CG1 
232 C CG2 . ILE A 30 ? 0.3108 0.2845 0.2621 -0.0089 -0.0414 0.0017  30  ILE A CG2 
233 C CD1 . ILE A 30 ? 0.2826 0.3297 0.3258 0.0018  -0.0201 0.0053  30  ILE A CD1 
234 N N   . GLN A 31 ? 0.3515 0.3353 0.3199 -0.0045 -0.0104 0.0034  31  GLN A N   
235 C CA  . GLN A 31 ? 0.3706 0.3629 0.3561 -0.0032 -0.0017 0.0011  31  GLN A CA  
236 C C   . GLN A 31 ? 0.3797 0.3707 0.3684 -0.0106 0.0029  0.0014  31  GLN A C   
237 O O   . GLN A 31 ? 0.3902 0.3547 0.3574 -0.0294 0.0173  0.0007  31  GLN A O   
238 C CB  . GLN A 31 ? 0.3890 0.3851 0.3725 -0.0060 0.0000  -0.0014 31  GLN A CB  
239 C CG  . GLN A 31 ? 0.4095 0.4067 0.3754 -0.0059 0.0067  -0.0071 31  GLN A CG  
240 C CD  . GLN A 31 ? 0.4749 0.5281 0.4603 0.0105  -0.0094 0.0020  31  GLN A CD  
241 O OE1 . GLN A 31 ? 0.5022 0.5544 0.4981 -0.0009 0.0148  -0.0098 31  GLN A OE1 
242 N NE2 . GLN A 31 ? 0.5003 0.5723 0.5057 -0.0067 0.0179  -0.0098 31  GLN A NE2 
243 N N   . ASP A 32 ? 0.3866 0.3777 0.3845 -0.0002 0.0034  0.0022  32  ASP A N   
244 C CA  . ASP A 32 ? 0.4077 0.4106 0.4105 -0.0062 -0.0051 -0.0043 32  ASP A CA  
245 C C   . ASP A 32 ? 0.4172 0.4042 0.4162 -0.0037 -0.0075 0.0036  32  ASP A C   
246 O O   . ASP A 32 ? 0.4297 0.4027 0.4318 -0.0138 -0.0181 -0.0031 32  ASP A O   
247 C CB  . ASP A 32 ? 0.4229 0.4149 0.4289 -0.0132 -0.0049 0.0102  32  ASP A CB  
248 C CG  . ASP A 32 ? 0.4600 0.3986 0.3528 0.0284  0.0311  0.0603  32  ASP A CG  
249 O OD1 . ASP A 32 ? 0.5659 0.5838 0.6033 -0.0099 -0.0246 -0.0171 32  ASP A OD1 
250 O OD2 . ASP A 32 ? 0.5892 0.6485 0.6639 -0.0133 0.0400  -0.0536 32  ASP A OD2 
251 N N   . LYS A 33 ? 0.4246 0.4153 0.4265 -0.0048 -0.0090 0.0002  33  LYS A N   
252 C CA  . LYS A 33 ? 0.4479 0.4405 0.4486 -0.0023 -0.0045 -0.0046 33  LYS A CA  
253 C C   . LYS A 33 ? 0.4638 0.4505 0.4602 -0.0057 -0.0057 -0.0004 33  LYS A C   
254 O O   . LYS A 33 ? 0.4598 0.4271 0.4490 -0.0049 -0.0144 -0.0037 33  LYS A O   
255 C CB  . LYS A 33 ? 0.4475 0.4427 0.4516 0.0039  -0.0004 0.0005  33  LYS A CB  
256 C CG  . LYS A 33 ? 0.4400 0.4483 0.4402 0.0040  -0.0049 -0.0074 33  LYS A CG  
257 C CD  . LYS A 33 ? 0.4370 0.4431 0.4356 0.0130  -0.0023 -0.0082 33  LYS A CD  
258 C CE  . LYS A 33 ? 0.4335 0.4565 0.4395 -0.0098 -0.0060 -0.0066 33  LYS A CE  
259 N NZ  . LYS A 33 ? 0.4290 0.4482 0.3766 0.0080  0.0058  -0.0311 33  LYS A NZ  
260 N N   . GLU A 34 ? 0.4878 0.4758 0.4946 -0.0071 -0.0034 -0.0032 34  GLU A N   
261 C CA  . GLU A 34 ? 0.5210 0.5126 0.5134 -0.0018 -0.0053 0.0027  34  GLU A CA  
262 C C   . GLU A 34 ? 0.5409 0.5320 0.5351 -0.0021 -0.0012 0.0032  34  GLU A C   
263 O O   . GLU A 34 ? 0.5636 0.5382 0.5520 0.0018  -0.0046 0.0031  34  GLU A O   
264 C CB  . GLU A 34 ? 0.5165 0.5132 0.5173 -0.0030 -0.0012 0.0053  34  GLU A CB  
265 C CG  . GLU A 34 ? 0.5385 0.5378 0.5310 -0.0007 0.0024  -0.0004 34  GLU A CG  
266 C CD  . GLU A 34 ? 0.5476 0.5588 0.5470 -0.0036 -0.0035 -0.0011 34  GLU A CD  
267 O OE1 . GLU A 34 ? 0.5837 0.6038 0.6280 0.0113  0.0036  -0.0059 34  GLU A OE1 
268 O OE2 . GLU A 34 ? 0.5832 0.5835 0.5901 -0.0160 0.0044  -0.0347 34  GLU A OE2 
269 N N   . GLY A 35 ? 0.5593 0.5491 0.5570 0.0030  -0.0031 0.0030  35  GLY A N   
270 C CA  . GLY A 35 ? 0.5745 0.5699 0.5738 -0.0022 0.0016  0.0020  35  GLY A CA  
271 C C   . GLY A 35 ? 0.5994 0.5887 0.5934 -0.0012 -0.0001 0.0020  35  GLY A C   
272 O O   . GLY A 35 ? 0.6200 0.6042 0.6192 -0.0024 -0.0007 -0.0061 35  GLY A O   
273 N N   . GLY A 36 ? 0.6027 0.5972 0.5994 -0.0008 -0.0006 -0.0005 36  GLY A N   
274 C CA  . GLY A 36 ? 0.6043 0.6013 0.5997 -0.0009 0.0003  0.0006  36  GLY A CA  
275 C C   . GLY A 36 ? 0.6094 0.6065 0.6076 0.0000  -0.0001 0.0000  36  GLY A C   
276 O O   . GLY A 36 ? 0.6104 0.6050 0.6070 -0.0001 0.0003  -0.0003 36  GLY A O   
277 N N   . GLY A 37 ? 0.6118 0.6117 0.6110 0.0004  -0.0002 -0.0004 37  GLY A N   
278 C CA  . GLY A 37 ? 0.6131 0.6129 0.6138 0.0004  -0.0002 -0.0003 37  GLY A CA  
279 C C   . GLY A 37 ? 0.6163 0.6165 0.6175 0.0003  -0.0007 -0.0004 37  GLY A C   
280 O O   . GLY A 37 ? 0.6135 0.6165 0.6201 -0.0013 -0.0017 -0.0015 37  GLY A O   
281 N N   . GLY A 38 ? 0.6175 0.6166 0.6178 0.0000  -0.0001 -0.0001 38  GLY A N   
282 C CA  . GLY A 38 ? 0.6154 0.6153 0.6165 0.0007  0.0002  0.0001  38  GLY A CA  
283 C C   . GLY A 38 ? 0.6156 0.6153 0.6151 0.0006  0.0001  0.0005  38  GLY A C   
284 O O   . GLY A 38 ? 0.6093 0.6144 0.6117 0.0031  0.0000  0.0009  38  GLY A O   
285 N N   . GLY A 39 ? 0.6129 0.6126 0.6133 0.0007  0.0000  0.0000  39  GLY A N   
286 C CA  . GLY A 39 ? 0.6098 0.6097 0.6107 0.0003  -0.0005 0.0008  39  GLY A CA  
287 C C   . GLY A 39 ? 0.6069 0.6094 0.6086 0.0005  -0.0005 -0.0001 39  GLY A C   
288 O O   . GLY A 39 ? 0.6066 0.6113 0.6137 -0.0006 -0.0024 -0.0002 39  GLY A O   
289 N N   . GLY A 40 ? 0.6014 0.6033 0.6047 0.0002  -0.0005 0.0005  40  GLY A N   
290 C CA  . GLY A 40 ? 0.5940 0.5966 0.5972 -0.0001 0.0012  -0.0002 40  GLY A CA  
291 C C   . GLY A 40 ? 0.5904 0.5912 0.5912 -0.0004 0.0003  0.0007  40  GLY A C   
292 O O   . GLY A 40 ? 0.5870 0.5904 0.5910 -0.0001 0.0004  0.0007  40  GLY A O   
293 N N   . GLY A 41 ? 0.5808 0.5823 0.5845 0.0006  -0.0004 0.0001  41  GLY A N   
294 C CA  . GLY A 41 ? 0.5731 0.5698 0.5739 -0.0006 -0.0007 0.0001  41  GLY A CA  
295 C C   . GLY A 41 ? 0.5616 0.5620 0.5645 -0.0005 -0.0014 -0.0004 41  GLY A C   
296 O O   . GLY A 41 ? 0.5606 0.5610 0.5640 -0.0002 -0.0021 -0.0019 41  GLY A O   
297 N N   . GLY A 42 ? 0.5469 0.5484 0.5512 -0.0001 0.0003  0.0006  42  GLY A N   
298 C CA  . GLY A 42 ? 0.5300 0.5389 0.5386 0.0003  0.0002  -0.0003 42  GLY A CA  
299 C C   . GLY A 42 ? 0.5235 0.5260 0.5283 -0.0006 0.0016  0.0009  42  GLY A C   
300 O O   . GLY A 42 ? 0.5255 0.5293 0.5279 0.0003  0.0044  -0.0020 42  GLY A O   
301 N N   . GLY A 43 ? 0.5072 0.5216 0.5203 -0.0068 0.0033  0.0002  43  GLY A N   
302 C CA  . GLY A 43 ? 0.4877 0.4880 0.4907 -0.0044 -0.0020 0.0003  43  GLY A CA  
303 C C   . GLY A 43 ? 0.4651 0.4744 0.4681 -0.0020 0.0038  0.0013  43  GLY A C   
304 O O   . GLY A 43 ? 0.4781 0.4948 0.4743 0.0071  0.0105  0.0052  43  GLY A O   
305 N N   . ILE A 44 ? 0.4230 0.4354 0.4241 -0.0013 -0.0070 0.0056  44  ILE A N   
306 C CA  . ILE A 44 ? 0.3916 0.3967 0.3943 0.0024  -0.0010 0.0088  44  ILE A CA  
307 C C   . ILE A 44 ? 0.3433 0.3652 0.3555 -0.0035 -0.0024 0.0017  44  ILE A C   
308 O O   . ILE A 44 ? 0.3238 0.3470 0.3491 -0.0012 0.0012  0.0004  44  ILE A O   
309 C CB  . ILE A 44 ? 0.3910 0.3913 0.3961 0.0037  -0.0039 0.0086  44  ILE A CB  
310 C CG1 . ILE A 44 ? 0.3807 0.3951 0.3700 0.0014  -0.0038 -0.0043 44  ILE A CG1 
311 C CG2 . ILE A 44 ? 0.3914 0.4028 0.3959 -0.0045 -0.0041 0.0080  44  ILE A CG2 
312 C CD1 . ILE A 44 ? 0.3976 0.4104 0.3759 0.0017  -0.0027 0.0193  44  ILE A CD1 
313 N N   . PRO A 45 ? 0.3137 0.3398 0.3218 -0.0049 0.0069  0.0070  45  PRO A N   
314 C CA  . PRO A 45 ? 0.3106 0.3380 0.3200 0.0010  0.0028  0.0018  45  PRO A CA  
315 C C   . PRO A 45 ? 0.3022 0.3201 0.2951 -0.0061 0.0041  0.0144  45  PRO A C   
316 O O   . PRO A 45 ? 0.2529 0.2740 0.2300 0.0273  -0.0059 0.0352  45  PRO A O   
317 C CB  . PRO A 45 ? 0.3239 0.3387 0.3172 -0.0040 0.0011  0.0033  45  PRO A CB  
318 C CG  . PRO A 45 ? 0.3180 0.3501 0.3037 0.0080  0.0016  0.0028  45  PRO A CG  
319 C CD  . PRO A 45 ? 0.3339 0.3469 0.3030 -0.0058 -0.0074 0.0000  45  PRO A CD  
320 N N   . PRO A 46 ? 0.3019 0.3133 0.2970 0.0025  -0.0112 0.0131  46  PRO A N   
321 C CA  . PRO A 46 ? 0.2733 0.2978 0.2866 0.0088  -0.0016 0.0043  46  PRO A CA  
322 C C   . PRO A 46 ? 0.2544 0.2846 0.2772 0.0108  0.0003  -0.0030 46  PRO A C   
323 O O   . PRO A 46 ? 0.2257 0.2719 0.2769 -0.0015 0.0119  -0.0081 46  PRO A O   
324 C CB  . PRO A 46 ? 0.2702 0.2873 0.2899 0.0050  -0.0062 0.0069  46  PRO A CB  
325 C CG  . PRO A 46 ? 0.2956 0.3502 0.3045 0.0050  0.0056  0.0095  46  PRO A CG  
326 C CD  . PRO A 46 ? 0.3150 0.3357 0.3137 0.0043  -0.0059 0.0174  46  PRO A CD  
327 N N   . ASP A 47 ? 0.2295 0.2744 0.2592 0.0082  0.0082  -0.0007 47  ASP A N   
328 C CA  . ASP A 47 ? 0.2498 0.2836 0.2699 0.0184  0.0064  -0.0029 47  ASP A CA  
329 C C   . ASP A 47 ? 0.2310 0.2742 0.2591 0.0227  0.0121  -0.0082 47  ASP A C   
330 O O   . ASP A 47 ? 0.1774 0.2694 0.2221 0.0496  0.0136  -0.0157 47  ASP A O   
331 C CB  . ASP A 47 ? 0.2666 0.2974 0.2882 0.0119  0.0154  0.0064  47  ASP A CB  
332 C CG  . ASP A 47 ? 0.2553 0.3484 0.3194 0.0095  0.0349  -0.0051 47  ASP A CG  
333 O OD1 . ASP A 47 ? 0.3586 0.4197 0.4294 0.0294  0.0145  -0.0039 47  ASP A OD1 
334 O OD2 . ASP A 47 ? 0.2824 0.4309 0.4049 -0.0092 0.0132  -0.0206 47  ASP A OD2 
335 N N   . GLN A 48 ? 0.2458 0.2805 0.2645 0.0185  0.0084  -0.0065 48  GLN A N   
336 C CA  . GLN A 48 ? 0.2350 0.2716 0.2529 0.0179  0.0067  -0.0094 48  GLN A CA  
337 C C   . GLN A 48 ? 0.2462 0.2582 0.2524 0.0215  0.0059  -0.0035 48  GLN A C   
338 O O   . GLN A 48 ? 0.2284 0.2755 0.2557 0.0163  0.0215  -0.0165 48  GLN A O   
339 C CB  . GLN A 48 ? 0.2620 0.2908 0.2750 0.0224  -0.0106 0.0032  48  GLN A CB  
340 C CG  . GLN A 48 ? 0.3097 0.3434 0.3010 0.0261  0.0135  0.0034  48  GLN A CG  
341 C CD  . GLN A 48 ? 0.3571 0.4383 0.3498 0.0166  0.0167  0.0169  48  GLN A CD  
342 O OE1 . GLN A 48 ? 0.2723 0.4898 0.3765 0.0605  0.0158  0.0341  48  GLN A OE1 
343 N NE2 . GLN A 48 ? 0.3599 0.4886 0.4105 0.0050  0.0294  0.0241  48  GLN A NE2 
344 N N   . GLN A 49 ? 0.2293 0.2482 0.2344 0.0109  0.0081  -0.0044 49  GLN A N   
345 C CA  . GLN A 49 ? 0.1970 0.2128 0.2188 0.0126  -0.0013 -0.0061 49  GLN A CA  
346 C C   . GLN A 49 ? 0.1885 0.2085 0.2085 0.0130  -0.0036 0.0012  49  GLN A C   
347 O O   . GLN A 49 ? 0.1624 0.2160 0.2262 0.0092  -0.0144 -0.0105 49  GLN A O   
348 C CB  . GLN A 49 ? 0.1954 0.2015 0.2264 0.0189  0.0073  -0.0034 49  GLN A CB  
349 C CG  . GLN A 49 ? 0.1921 0.1807 0.2379 0.0159  0.0005  -0.0198 49  GLN A CG  
350 C CD  . GLN A 49 ? 0.1730 0.2281 0.2108 -0.0044 0.0107  -0.0229 49  GLN A CD  
351 O OE1 . GLN A 49 ? 0.2320 0.2660 0.1628 0.0302  -0.0577 -0.0294 49  GLN A OE1 
352 N NE2 . GLN A 49 ? 0.1826 0.2534 0.2435 0.0193  -0.0490 -0.0173 49  GLN A NE2 
353 N N   . ARG A 50 ? 0.1980 0.2064 0.2263 0.0030  -0.0067 0.0017  50  ARG A N   
354 C CA  . ARG A 50 ? 0.1985 0.2066 0.2034 0.0089  -0.0064 -0.0006 50  ARG A CA  
355 C C   . ARG A 50 ? 0.1870 0.1891 0.1991 0.0084  -0.0094 -0.0004 50  ARG A C   
356 O O   . ARG A 50 ? 0.1717 0.1749 0.2085 0.0408  -0.0172 0.0080  50  ARG A O   
357 C CB  . ARG A 50 ? 0.2005 0.2124 0.1998 0.0044  -0.0253 0.0044  50  ARG A CB  
358 C CG  . ARG A 50 ? 0.1549 0.1999 0.2152 0.0002  -0.0075 0.0039  50  ARG A CG  
359 C CD  . ARG A 50 ? 0.2538 0.2550 0.2485 0.0179  0.0032  -0.0122 50  ARG A CD  
360 N NE  . ARG A 50 ? 0.2518 0.2430 0.2613 -0.0052 0.0294  -0.0095 50  ARG A NE  
361 C CZ  . ARG A 50 ? 0.2433 0.2516 0.2654 0.0214  0.0115  -0.0043 50  ARG A CZ  
362 N NH1 . ARG A 50 ? 0.2685 0.3188 0.2884 0.0221  0.0466  0.0024  50  ARG A NH1 
363 N NH2 . ARG A 50 ? 0.3140 0.2566 0.2892 0.0452  0.0293  0.0138  50  ARG A NH2 
364 N N   . LEU A 51 ? 0.1984 0.1763 0.2010 0.0134  -0.0150 0.0038  51  LEU A N   
365 C CA  . LEU A 51 ? 0.1748 0.1948 0.1851 0.0073  -0.0088 0.0028  51  LEU A CA  
366 C C   . LEU A 51 ? 0.1658 0.1955 0.2177 0.0163  0.0003  0.0027  51  LEU A C   
367 O O   . LEU A 51 ? 0.1181 0.2109 0.2625 0.0245  -0.0252 -0.0023 51  LEU A O   
368 C CB  . LEU A 51 ? 0.1766 0.1970 0.1787 0.0339  0.0064  -0.0003 51  LEU A CB  
369 C CG  . LEU A 51 ? 0.2145 0.2289 0.2165 0.0143  -0.0244 0.0066  51  LEU A CG  
370 C CD1 . LEU A 51 ? 0.1850 0.2198 0.2081 0.0122  -0.0397 -0.0015 51  LEU A CD1 
371 C CD2 . LEU A 51 ? 0.2565 0.2359 0.1549 0.0068  -0.0137 0.0112  51  LEU A CD2 
372 N N   . ILE A 52 ? 0.1695 0.2020 0.2032 0.0087  -0.0153 0.0095  52  ILE A N   
373 C CA  . ILE A 52 ? 0.1715 0.2050 0.2020 0.0033  0.0059  -0.0075 52  ILE A CA  
374 C C   . ILE A 52 ? 0.1571 0.1951 0.1903 0.0096  -0.0111 -0.0070 52  ILE A C   
375 O O   . ILE A 52 ? 0.1434 0.1940 0.2140 0.0259  -0.0213 -0.0170 52  ILE A O   
376 C CB  . ILE A 52 ? 0.1686 0.2301 0.2049 0.0118  0.0063  -0.0073 52  ILE A CB  
377 C CG1 . ILE A 52 ? 0.2293 0.2632 0.2127 0.0142  0.0074  0.0070  52  ILE A CG1 
378 C CG2 . ILE A 52 ? 0.1650 0.2356 0.2153 0.0127  -0.0111 -0.0006 52  ILE A CG2 
379 C CD1 . ILE A 52 ? 0.2872 0.2779 0.1962 0.0071  -0.0123 -0.0018 52  ILE A CD1 
380 N N   . PHE A 53 ? 0.1805 0.2229 0.2186 0.0016  -0.0060 -0.0122 53  PHE A N   
381 C CA  . PHE A 53 ? 0.1762 0.2291 0.2046 0.0013  0.0044  -0.0058 53  PHE A CA  
382 C C   . PHE A 53 ? 0.1852 0.2416 0.2388 0.0013  0.0064  -0.0030 53  PHE A C   
383 O O   . PHE A 53 ? 0.1052 0.2406 0.2211 0.0226  0.0353  0.0040  53  PHE A O   
384 C CB  . PHE A 53 ? 0.2141 0.2682 0.2162 0.0014  0.0053  -0.0052 53  PHE A CB  
385 C CG  . PHE A 53 ? 0.2204 0.2682 0.2459 0.0135  0.0120  -0.0144 53  PHE A CG  
386 C CD1 . PHE A 53 ? 0.2889 0.3604 0.2696 0.0144  0.0150  -0.0189 53  PHE A CD1 
387 C CD2 . PHE A 53 ? 0.2249 0.3239 0.1890 0.0255  0.0686  0.0119  53  PHE A CD2 
388 C CE1 . PHE A 53 ? 0.2794 0.3374 0.2479 -0.0057 0.0048  0.0019  53  PHE A CE1 
389 C CE2 . PHE A 53 ? 0.2669 0.3264 0.2567 0.0189  0.0399  -0.0111 53  PHE A CE2 
390 C CZ  . PHE A 53 ? 0.2660 0.3127 0.2521 0.0135  -0.0028 -0.0154 53  PHE A CZ  
391 N N   . ALA A 54 ? 0.2027 0.2523 0.2420 0.0076  0.0027  -0.0014 54  ALA A N   
392 C CA  . ALA A 54 ? 0.2126 0.2432 0.2341 -0.0015 -0.0097 0.0014  54  ALA A CA  
393 C C   . ALA A 54 ? 0.2398 0.2465 0.2515 -0.0019 0.0009  -0.0072 54  ALA A C   
394 O O   . ALA A 54 ? 0.2025 0.2790 0.2811 0.0042  -0.0146 -0.0086 54  ALA A O   
395 C CB  . ALA A 54 ? 0.2576 0.2689 0.2571 -0.0130 -0.0085 -0.0216 54  ALA A CB  
396 N N   . GLY A 55 ? 0.2260 0.2419 0.2296 0.0146  -0.0066 -0.0040 55  GLY A N   
397 C CA  . GLY A 55 ? 0.2332 0.2492 0.2347 0.0108  -0.0206 -0.0037 55  GLY A CA  
398 C C   . GLY A 55 ? 0.2539 0.2474 0.2386 0.0089  -0.0156 -0.0087 55  GLY A C   
399 O O   . GLY A 55 ? 0.2698 0.2891 0.2741 0.0208  -0.0267 -0.0108 55  GLY A O   
400 N N   . LYS A 56 ? 0.2183 0.0109 0.0002 -0.0488 -0.0069 0.0015  56  LYS A N   
401 C CA  . LYS A 56 ? 0.2315 0.2522 0.2398 0.0023  -0.0091 -0.0005 56  LYS A CA  
402 C C   . LYS A 56 ? 0.1970 0.2286 0.2113 0.0154  -0.0053 0.0036  56  LYS A C   
403 O O   . LYS A 56 ? 0.1924 0.2312 0.2283 0.0394  -0.0153 0.0092  56  LYS A O   
404 C CB  . LYS A 56 ? 0.2130 0.2540 0.2393 0.0036  -0.0057 -0.0024 56  LYS A CB  
405 C CG  . LYS A 56 ? 0.2670 0.2977 0.2961 0.0067  0.0019  -0.0003 56  LYS A CG  
406 C CD  . LYS A 56 ? 0.3082 0.3072 0.3091 0.0118  0.0000  0.0174  56  LYS A CD  
407 C CE  . LYS A 56 ? 0.3480 0.3335 0.3674 -0.0142 0.0055  0.0197  56  LYS A CE  
408 N NZ  . LYS A 56 ? 0.3895 0.3887 0.4093 0.0022  -0.0159 0.0329  56  LYS A NZ  
409 N N   . GLN A 57 ? 0.2158 0.2417 0.2200 0.0025  -0.0124 0.0050  57  GLN A N   
410 C CA  . GLN A 57 ? 0.2281 0.2349 0.2254 0.0036  -0.0109 -0.0004 57  GLN A CA  
411 C C   . GLN A 57 ? 0.2273 0.2337 0.2308 -0.0030 -0.0078 -0.0028 57  GLN A C   
412 O O   . GLN A 57 ? 0.2296 0.2325 0.2373 -0.0045 -0.0253 0.0073  57  GLN A O   
413 C CB  . GLN A 57 ? 0.2238 0.2518 0.2390 -0.0019 -0.0070 0.0045  57  GLN A CB  
414 C CG  . GLN A 57 ? 0.2250 0.2648 0.2080 0.0066  0.0141  -0.0087 57  GLN A CG  
415 C CD  . GLN A 57 ? 0.2816 0.2939 0.2075 0.0154  -0.0368 -0.0140 57  GLN A CD  
416 O OE1 . GLN A 57 ? 0.3994 0.4256 0.2707 0.0232  -0.0162 0.0269  57  GLN A OE1 
417 N NE2 . GLN A 57 ? 0.3361 0.3342 0.2457 -0.0126 0.0031  -0.0167 57  GLN A NE2 
418 N N   . LEU A 58 ? 0.1889 0.2061 0.2076 0.0142  -0.0204 -0.0054 58  LEU A N   
419 C CA  . LEU A 58 ? 0.2139 0.2159 0.2208 0.0010  -0.0006 0.0013  58  LEU A CA  
420 C C   . LEU A 58 ? 0.2068 0.2170 0.2091 0.0006  0.0037  0.0066  58  LEU A C   
421 O O   . LEU A 58 ? 0.2576 0.2378 0.2787 -0.0205 0.0088  0.0132  58  LEU A O   
422 C CB  . LEU A 58 ? 0.1683 0.2152 0.2257 0.0249  -0.0033 -0.0058 58  LEU A CB  
423 C CG  . LEU A 58 ? 0.1636 0.2062 0.1725 0.0272  0.0372  -0.0289 58  LEU A CG  
424 C CD1 . LEU A 58 ? 0.1731 0.2358 0.2004 0.0137  -0.0196 0.0149  58  LEU A CD1 
425 C CD2 . LEU A 58 ? 0.2199 0.2438 0.1804 0.0033  -0.0121 0.0043  58  LEU A CD2 
426 N N   . GLU A 59 ? 0.1965 0.2063 0.2434 -0.0030 0.0058  0.0019  59  GLU A N   
427 C CA  . GLU A 59 ? 0.2228 0.2105 0.2214 0.0043  0.0068  -0.0001 59  GLU A CA  
428 C C   . GLU A 59 ? 0.2149 0.1876 0.2056 0.0037  0.0048  0.0018  59  GLU A C   
429 O O   . GLU A 59 ? 0.2411 0.1903 0.2093 -0.0100 -0.0080 -0.0110 59  GLU A O   
430 C CB  . GLU A 59 ? 0.1956 0.2144 0.2299 -0.0022 0.0167  -0.0128 59  GLU A CB  
431 C CG  . GLU A 59 ? 0.1961 0.2034 0.2060 0.0123  0.0258  -0.0216 59  GLU A CG  
432 C CD  . GLU A 59 ? 0.2369 0.2462 0.2787 -0.0069 -0.0078 0.0079  59  GLU A CD  
433 O OE1 . GLU A 59 ? 0.2231 0.2997 0.2078 0.0029  0.0126  -0.0050 59  GLU A OE1 
434 O OE2 . GLU A 59 ? 0.2741 0.2990 0.4546 0.0005  -0.0444 0.0087  59  GLU A OE2 
435 N N   . ASP A 60 ? 0.2150 0.2051 0.2336 0.0137  -0.0081 0.0003  60  ASP A N   
436 C CA  . ASP A 60 ? 0.2238 0.2069 0.2150 0.0012  -0.0034 -0.0118 60  ASP A CA  
437 C C   . ASP A 60 ? 0.2074 0.2101 0.2242 0.0096  -0.0019 -0.0090 60  ASP A C   
438 O O   . ASP A 60 ? 0.1881 0.2059 0.2160 0.0046  0.0123  -0.0293 60  ASP A O   
439 C CB  . ASP A 60 ? 0.1977 0.2136 0.2311 -0.0084 -0.0092 -0.0273 60  ASP A CB  
440 C CG  . ASP A 60 ? 0.1378 0.2251 0.1894 0.0130  0.0511  -0.0164 60  ASP A CG  
441 O OD1 . ASP A 60 ? 0.2834 0.2617 0.2923 -0.0146 -0.0322 -0.0084 60  ASP A OD1 
442 O OD2 . ASP A 60 ? 0.2341 0.3309 0.2968 0.0276  0.0299  0.0200  60  ASP A OD2 
443 N N   . GLY A 61 ? 0.2208 0.2000 0.2131 0.0086  -0.0014 -0.0056 61  GLY A N   
444 C CA  . GLY A 61 ? 0.2151 0.2151 0.2118 0.0150  -0.0078 -0.0004 61  GLY A CA  
445 C C   . GLY A 61 ? 0.1922 0.2136 0.2249 0.0365  0.0044  0.0017  61  GLY A C   
446 O O   . GLY A 61 ? 0.2126 0.2509 0.2170 0.0835  0.0387  -0.0071 61  GLY A O   
447 N N   . ARG A 62 ? 0.1679 0.1926 0.2131 0.0326  0.0090  -0.0097 62  ARG A N   
448 C CA  . ARG A 62 ? 0.2177 0.2183 0.2127 0.0015  -0.0010 -0.0025 62  ARG A CA  
449 C C   . ARG A 62 ? 0.2013 0.2038 0.1933 0.0114  0.0112  -0.0054 62  ARG A C   
450 O O   . ARG A 62 ? 0.2047 0.2316 0.1578 -0.0075 0.0247  0.0107  62  ARG A O   
451 C CB  . ARG A 62 ? 0.2288 0.2100 0.2174 0.0089  -0.0019 -0.0003 62  ARG A CB  
452 C CG  . ARG A 62 ? 0.1968 0.2155 0.1725 0.0220  -0.0121 -0.0034 62  ARG A CG  
453 C CD  . ARG A 62 ? 0.2372 0.2556 0.2313 0.0100  0.0000  -0.0185 62  ARG A CD  
454 N NE  . ARG A 62 ? 0.2502 0.2423 0.2987 -0.0182 -0.0210 -0.0045 62  ARG A NE  
455 C CZ  . ARG A 62 ? 0.2427 0.2639 0.1474 -0.0125 -0.0380 -0.0073 62  ARG A CZ  
456 N NH1 . ARG A 62 ? 0.3206 0.3282 0.2311 0.0030  -0.0225 -0.0047 62  ARG A NH1 
457 N NH2 . ARG A 62 ? 0.3492 0.2866 0.3084 -0.0176 0.0156  0.0205  62  ARG A NH2 
458 N N   . THR A 63 ? 0.2216 0.2361 0.2149 -0.0112 0.0174  0.0007  63  THR A N   
459 C CA  . THR A 63 ? 0.1943 0.2312 0.2244 -0.0054 -0.0011 -0.0097 63  THR A CA  
460 C C   . THR A 63 ? 0.2167 0.2418 0.2395 -0.0018 0.0016  -0.0116 63  THR A C   
461 O O   . THR A 63 ? 0.1822 0.2841 0.2652 -0.0066 0.0078  -0.0241 63  THR A O   
462 C CB  . THR A 63 ? 0.2039 0.2394 0.2258 -0.0060 0.0124  -0.0084 63  THR A CB  
463 O OG1 . THR A 63 ? 0.1716 0.3005 0.2824 -0.0352 -0.0293 -0.0063 63  THR A OG1 
464 C CG2 . THR A 63 ? 0.2427 0.2587 0.1615 -0.0057 -0.0184 -0.0531 63  THR A CG2 
465 N N   . LEU A 64 ? 0.1987 0.2309 0.2259 -0.0007 -0.0031 -0.0095 64  LEU A N   
466 C CA  . LEU A 64 ? 0.1986 0.2299 0.2251 0.0083  -0.0059 -0.0013 64  LEU A CA  
467 C C   . LEU A 64 ? 0.2092 0.2473 0.2447 0.0077  -0.0067 -0.0028 64  LEU A C   
468 O O   . LEU A 64 ? 0.1668 0.2337 0.2889 0.0484  0.0160  0.0049  64  LEU A O   
469 C CB  . LEU A 64 ? 0.1760 0.2232 0.2104 0.0284  0.0015  -0.0002 64  LEU A CB  
470 C CG  . LEU A 64 ? 0.2054 0.2090 0.1628 0.0010  -0.0498 0.0206  64  LEU A CG  
471 C CD1 . LEU A 64 ? 0.2693 0.2308 0.2469 -0.0052 -0.0005 -0.0060 64  LEU A CD1 
472 C CD2 . LEU A 64 ? 0.1809 0.2184 0.1583 0.0140  -0.0241 0.0279  64  LEU A CD2 
473 N N   . SER A 65 ? 0.2298 0.2386 0.2555 0.0126  0.0025  0.0071  65  SER A N   
474 C CA  . SER A 65 ? 0.2500 0.2676 0.2572 0.0063  0.0098  0.0047  65  SER A CA  
475 C C   . SER A 65 ? 0.2432 0.2591 0.2720 0.0056  0.0079  0.0083  65  SER A C   
476 O O   . SER A 65 ? 0.2884 0.2918 0.2934 0.0053  0.0227  0.0020  65  SER A O   
477 C CB  . SER A 65 ? 0.2419 0.2842 0.2818 0.0085  0.0086  -0.0079 65  SER A CB  
478 O OG  . SER A 65 ? 0.3259 0.3642 0.2127 0.0037  0.0002  -0.0125 65  SER A OG  
479 N N   . ASP A 66 ? 0.2575 0.2742 0.2791 0.0004  -0.0032 0.0178  66  ASP A N   
480 C CA  . ASP A 66 ? 0.2739 0.2735 0.2788 0.0047  -0.0053 0.0071  66  ASP A CA  
481 C C   . ASP A 66 ? 0.2551 0.2820 0.2782 0.0012  -0.0104 0.0057  66  ASP A C   
482 O O   . ASP A 66 ? 0.2865 0.2779 0.2859 -0.0220 -0.0102 -0.0036 66  ASP A O   
483 C CB  . ASP A 66 ? 0.2668 0.2742 0.2890 -0.0087 0.0005  0.0070  66  ASP A CB  
484 C CG  . ASP A 66 ? 0.3183 0.3332 0.3069 0.0140  0.0199  0.0124  66  ASP A CG  
485 O OD1 . ASP A 66 ? 0.2995 0.2999 0.3766 0.0293  0.0283  0.0423  66  ASP A OD1 
486 O OD2 . ASP A 66 ? 0.3496 0.3343 0.1883 0.0101  0.0250  0.0184  66  ASP A OD2 
487 N N   . TYR A 67 ? 0.2484 0.2611 0.2597 0.0116  -0.0193 -0.0044 67  TYR A N   
488 C CA  . TYR A 67 ? 0.2589 0.2704 0.2679 0.0097  -0.0062 0.0030  67  TYR A CA  
489 C C   . TYR A 67 ? 0.2692 0.2701 0.2716 0.0137  -0.0096 0.0037  67  TYR A C   
490 O O   . TYR A 67 ? 0.2269 0.3040 0.2623 0.0397  -0.0262 0.0086  67  TYR A O   
491 C CB  . TYR A 67 ? 0.2468 0.2572 0.2573 0.0017  -0.0057 -0.0037 67  TYR A CB  
492 C CG  . TYR A 67 ? 0.2168 0.2306 0.2449 -0.0066 -0.0170 0.0050  67  TYR A CG  
493 C CD1 . TYR A 67 ? 0.1884 0.2545 0.1839 -0.0077 -0.0062 -0.0061 67  TYR A CD1 
494 C CD2 . TYR A 67 ? 0.2054 0.2359 0.2150 -0.0005 0.0052  0.0126  67  TYR A CD2 
495 C CE1 . TYR A 67 ? 0.2390 0.2573 0.2553 -0.0027 0.0059  -0.0175 67  TYR A CE1 
496 C CE2 . TYR A 67 ? 0.1962 0.2315 0.2260 -0.0304 -0.0078 -0.0091 67  TYR A CE2 
497 C CZ  . TYR A 67 ? 0.2148 0.2238 0.2220 -0.0297 -0.0214 -0.0117 67  TYR A CZ  
498 O OH  . TYR A 67 ? 0.2188 0.2351 0.2820 -0.0154 0.0154  -0.0090 67  TYR A OH  
499 N N   . ASN A 68 ? 0.2734 0.2819 0.2754 0.0199  -0.0202 -0.0042 68  ASN A N   
500 C CA  . ASN A 68 ? 0.3144 0.3059 0.2992 0.0062  -0.0026 0.0005  68  ASN A CA  
501 C C   . ASN A 68 ? 0.3220 0.3101 0.3028 0.0155  -0.0088 -0.0069 68  ASN A C   
502 O O   . ASN A 68 ? 0.3391 0.3165 0.3233 0.0406  0.0017  -0.0009 68  ASN A O   
503 C CB  . ASN A 68 ? 0.3155 0.3122 0.3240 0.0129  -0.0068 0.0019  68  ASN A CB  
504 C CG  . ASN A 68 ? 0.3970 0.3622 0.3807 -0.0160 0.0060  0.0149  68  ASN A CG  
505 O OD1 . ASN A 68 ? 0.4924 0.4065 0.4909 -0.0217 0.0160  -0.0059 68  ASN A OD1 
506 N ND2 . ASN A 68 ? 0.3595 0.3977 0.4250 -0.0043 0.0209  0.0310  68  ASN A ND2 
507 N N   . ILE A 69 ? 0.3194 0.2980 0.3055 0.0086  0.0008  -0.0049 69  ILE A N   
508 C CA  . ILE A 69 ? 0.3374 0.3144 0.3184 0.0033  -0.0007 0.0020  69  ILE A CA  
509 C C   . ILE A 69 ? 0.3387 0.3175 0.3202 -0.0051 -0.0107 0.0063  69  ILE A C   
510 O O   . ILE A 69 ? 0.3827 0.3507 0.3252 -0.0085 -0.0122 -0.0026 69  ILE A O   
511 C CB  . ILE A 69 ? 0.3349 0.2996 0.3168 -0.0018 -0.0041 0.0041  69  ILE A CB  
512 C CG1 . ILE A 69 ? 0.3263 0.2969 0.3245 0.0045  0.0007  -0.0063 69  ILE A CG1 
513 C CG2 . ILE A 69 ? 0.3422 0.3321 0.3073 -0.0025 -0.0096 0.0077  69  ILE A CG2 
514 C CD1 . ILE A 69 ? 0.3064 0.2868 0.2983 0.0046  0.0073  -0.0059 69  ILE A CD1 
515 N N   . GLN A 70 ? 0.3499 0.3216 0.3206 -0.0067 0.0053  -0.0021 70  GLN A N   
516 C CA  . GLN A 70 ? 0.3626 0.3412 0.3361 -0.0028 -0.0003 0.0046  70  GLN A CA  
517 C C   . GLN A 70 ? 0.3708 0.3390 0.3302 0.0003  0.0031  0.0033  70  GLN A C   
518 O O   . GLN A 70 ? 0.3823 0.3228 0.3054 -0.0015 0.0019  0.0213  70  GLN A O   
519 C CB  . GLN A 70 ? 0.3751 0.3567 0.3614 0.0012  0.0034  -0.0016 70  GLN A CB  
520 C CG  . GLN A 70 ? 0.4345 0.4129 0.4422 0.0004  -0.0025 -0.0062 70  GLN A CG  
521 C CD  . GLN A 70 ? 0.5099 0.3530 0.3873 -0.0288 0.0216  -0.0285 70  GLN A CD  
522 O OE1 . GLN A 70 ? 0.5495 0.5571 0.5307 0.0249  -0.0002 0.0022  70  GLN A OE1 
523 N NE2 . GLN A 70 ? 0.5856 0.6384 0.5878 0.0186  -0.0063 0.0582  70  GLN A NE2 
524 N N   . LYS A 71 ? 0.3670 0.3331 0.3193 -0.0015 0.0002  0.0075  71  LYS A N   
525 C CA  . LYS A 71 ? 0.3616 0.3383 0.3226 -0.0005 -0.0048 0.0035  71  LYS A CA  
526 C C   . LYS A 71 ? 0.3382 0.3142 0.2958 -0.0025 -0.0015 0.0016  71  LYS A C   
527 O O   . LYS A 71 ? 0.3635 0.2838 0.2425 -0.0019 -0.0155 0.0036  71  LYS A O   
528 C CB  . LYS A 71 ? 0.3751 0.3457 0.3381 0.0006  -0.0077 0.0011  71  LYS A CB  
529 C CG  . LYS A 71 ? 0.3802 0.3735 0.3595 -0.0055 -0.0005 0.0083  71  LYS A CG  
530 C CD  . LYS A 71 ? 0.4084 0.3922 0.3813 -0.0059 -0.0022 0.0029  71  LYS A CD  
531 C CE  . LYS A 71 ? 0.4611 0.4292 0.4279 -0.0056 -0.0054 -0.0188 71  LYS A CE  
532 N NZ  . LYS A 71 ? 0.4656 0.4558 0.4564 -0.0141 -0.0058 -0.0048 71  LYS A NZ  
533 N N   . GLU A 72 ? 0.3309 0.3132 0.2899 -0.0001 -0.0019 0.0059  72  GLU A N   
534 C CA  . GLU A 72 ? 0.3137 0.3091 0.3001 0.0051  0.0026  -0.0018 72  GLU A CA  
535 C C   . GLU A 72 ? 0.2883 0.2939 0.2798 0.0054  0.0100  0.0071  72  GLU A C   
536 O O   . GLU A 72 ? 0.2915 0.3160 0.2756 0.0135  0.0404  0.0113  72  GLU A O   
537 C CB  . GLU A 72 ? 0.3093 0.2956 0.2714 0.0062  -0.0010 0.0047  72  GLU A CB  
538 C CG  . GLU A 72 ? 0.3363 0.3091 0.3176 0.0205  -0.0094 -0.0170 72  GLU A CG  
539 C CD  . GLU A 72 ? 0.3730 0.3624 0.3408 0.0071  0.0051  -0.0130 72  GLU A CD  
540 O OE1 . GLU A 72 ? 0.3845 0.4142 0.4449 -0.0032 0.0044  -0.0264 72  GLU A OE1 
541 O OE2 . GLU A 72 ? 0.4238 0.4414 0.4349 -0.0293 0.0000  -0.0288 72  GLU A OE2 
542 N N   . SER A 73 ? 0.2824 0.2859 0.2656 0.0088  0.0007  -0.0042 73  SER A N   
543 C CA  . SER A 73 ? 0.2547 0.2703 0.2437 0.0069  -0.0014 0.0031  73  SER A CA  
544 C C   . SER A 73 ? 0.2029 0.2533 0.2273 0.0061  0.0064  -0.0086 73  SER A C   
545 O O   . SER A 73 ? 0.1578 0.2496 0.1925 0.0162  -0.0187 -0.0314 73  SER A O   
546 C CB  . SER A 73 ? 0.2593 0.2664 0.2361 -0.0017 0.0087  0.0005  73  SER A CB  
547 O OG  . SER A 73 ? 0.3503 0.3354 0.2997 -0.0052 0.0334  0.0084  73  SER A OG  
548 N N   . THR A 74 ? 0.2042 0.2594 0.2157 0.0028  0.0110  -0.0037 74  THR A N   
549 C CA  . THR A 74 ? 0.2331 0.2436 0.2149 0.0008  0.0027  -0.0087 74  THR A CA  
550 C C   . THR A 74 ? 0.2030 0.2433 0.1958 -0.0052 -0.0020 -0.0161 74  THR A C   
551 O O   . THR A 74 ? 0.2607 0.2975 0.2322 -0.0271 0.0288  -0.0473 74  THR A O   
552 C CB  . THR A 74 ? 0.2452 0.2607 0.1956 0.0037  -0.0041 0.0009  74  THR A CB  
553 O OG1 . THR A 74 ? 0.2942 0.2351 0.1613 0.0146  -0.0468 0.0251  74  THR A OG1 
554 C CG2 . THR A 74 ? 0.2474 0.2723 0.2289 0.0189  0.0173  0.0014  74  THR A CG2 
555 N N   . LEU A 75 ? 0.2110 0.2149 0.1754 -0.0035 -0.0080 0.0023  75  LEU A N   
556 C CA  . LEU A 75 ? 0.2123 0.2121 0.1879 0.0013  -0.0036 0.0062  75  LEU A CA  
557 C C   . LEU A 75 ? 0.2094 0.2020 0.1598 0.0037  -0.0160 0.0177  75  LEU A C   
558 O O   . LEU A 75 ? 0.2165 0.2409 0.1228 -0.0142 -0.0228 0.0252  75  LEU A O   
559 C CB  . LEU A 75 ? 0.1953 0.2177 0.1683 0.0028  0.0025  -0.0163 75  LEU A CB  
560 C CG  . LEU A 75 ? 0.2603 0.2131 0.2342 0.0040  -0.0045 -0.0003 75  LEU A CG  
561 C CD1 . LEU A 75 ? 0.2359 0.2424 0.2569 -0.0012 0.0217  0.0002  75  LEU A CD1 
562 C CD2 . LEU A 75 ? 0.2131 0.2359 0.2269 0.0213  0.0132  -0.0027 75  LEU A CD2 
563 N N   . HIS A 76 ? 0.1738 0.2027 0.1744 0.0030  -0.0053 0.0087  76  HIS A N   
564 C CA  . HIS A 76 ? 0.1858 0.1928 0.1767 0.0042  -0.0112 0.0141  76  HIS A CA  
565 C C   . HIS A 76 ? 0.1310 0.1613 0.1481 0.0122  -0.0084 0.0089  76  HIS A C   
566 O O   . HIS A 76 ? 0.0734 0.1483 0.0699 0.0211  -0.0282 0.0071  76  HIS A O   
567 C CB  A HIS A 76 ? 0.1711 0.2026 0.1909 -0.0059 -0.0073 0.0039  76  HIS A CB  
568 C CB  B HIS A 76 ? 0.1645 0.2137 0.1702 0.0100  0.0105  0.0059  76  HIS A CB  
569 C CG  A HIS A 76 ? 0.2001 0.2507 0.2373 -0.0024 0.0000  0.0098  76  HIS A CG  
570 C CG  B HIS A 76 ? 0.1677 0.1602 0.1614 0.0081  0.0031  0.0114  76  HIS A CG  
571 N ND1 A HIS A 76 ? 0.2267 0.3169 0.3104 -0.0070 -0.0139 -0.0063 76  HIS A ND1 
572 N ND1 B HIS A 76 ? 0.1309 0.1798 0.1492 0.0283  0.0325  -0.0147 76  HIS A ND1 
573 C CD2 A HIS A 76 ? 0.2489 0.3033 0.3043 -0.0065 0.0040  0.0139  76  HIS A CD2 
574 C CD2 B HIS A 76 ? 0.0693 0.1587 0.1198 0.0270  0.0235  0.0039  76  HIS A CD2 
575 C CE1 A HIS A 76 ? 0.2427 0.2870 0.3177 -0.0151 0.0225  -0.0171 76  HIS A CE1 
576 C CE1 B HIS A 76 ? 0.1247 0.1222 0.0912 0.0078  0.0325  0.0149  76  HIS A CE1 
577 N NE2 A HIS A 76 ? 0.2735 0.3405 0.3254 0.0185  0.0105  0.0085  76  HIS A NE2 
578 N NE2 B HIS A 76 ? 0.1472 0.1503 0.1569 0.0109  0.0387  -0.0213 76  HIS A NE2 
579 N N   . LEU A 77 ? 0.1891 0.1496 0.1699 0.0292  -0.0171 0.0027  77  LEU A N   
580 C CA  . LEU A 77 ? 0.1772 0.1784 0.1566 0.0124  -0.0077 0.0141  77  LEU A CA  
581 C C   . LEU A 77 ? 0.1916 0.1932 0.1636 0.0155  -0.0014 -0.0019 77  LEU A C   
582 O O   . LEU A 77 ? 0.1971 0.2019 0.2038 0.0301  -0.0069 -0.0010 77  LEU A O   
583 C CB  . LEU A 77 ? 0.1932 0.2002 0.1981 0.0237  0.0205  0.0117  77  LEU A CB  
584 C CG  . LEU A 77 ? 0.2196 0.2436 0.1977 0.0084  0.0192  0.0015  77  LEU A CG  
585 C CD1 . LEU A 77 ? 0.2890 0.2593 0.2028 0.0032  -0.0089 -0.0205 77  LEU A CD1 
586 C CD2 . LEU A 77 ? 0.2620 0.2225 0.2428 0.0150  -0.0145 0.0213  77  LEU A CD2 
587 N N   . VAL A 78 ? 0.1897 0.1927 0.1928 0.0207  -0.0089 0.0044  78  VAL A N   
588 C CA  . VAL A 78 ? 0.1870 0.1988 0.1569 0.0085  0.0053  0.0072  78  VAL A CA  
589 C C   . VAL A 78 ? 0.1820 0.2065 0.1799 0.0100  0.0063  0.0002  78  VAL A C   
590 O O   . VAL A 78 ? 0.1938 0.2148 0.1490 -0.0039 0.0004  0.0261  78  VAL A O   
591 C CB  . VAL A 78 ? 0.1874 0.2215 0.1539 0.0208  0.0125  -0.0004 78  VAL A CB  
592 C CG1 . VAL A 78 ? 0.1279 0.2213 0.1736 0.0363  0.0021  0.0116  78  VAL A CG1 
593 C CG2 . VAL A 78 ? 0.1343 0.2012 0.1454 0.0055  0.0023  -0.0156 78  VAL A CG2 
594 N N   . LEU A 79 ? 0.2351 0.2399 0.2163 0.0070  -0.0094 0.0110  79  LEU A N   
595 C CA  . LEU A 79 ? 0.2629 0.2683 0.2632 0.0054  -0.0056 0.0050  79  LEU A CA  
596 C C   . LEU A 79 ? 0.2792 0.2770 0.2779 0.0033  -0.0088 -0.0035 79  LEU A C   
597 O O   . LEU A 79 ? 0.2385 0.2368 0.2718 0.0187  -0.0551 -0.0131 79  LEU A O   
598 C CB  . LEU A 79 ? 0.2381 0.2567 0.2381 0.0145  -0.0039 0.0127  79  LEU A CB  
599 C CG  . LEU A 79 ? 0.2543 0.2688 0.2489 0.0017  -0.0029 0.0104  79  LEU A CG  
600 C CD1 . LEU A 79 ? 0.2753 0.3145 0.3306 -0.0057 -0.0072 0.0126  79  LEU A CD1 
601 C CD2 . LEU A 79 ? 0.2816 0.2810 0.2894 0.0151  0.0110  0.0144  79  LEU A CD2 
602 N N   . ARG A 80 ? 0.3200 0.3134 0.3068 0.0033  -0.0102 -0.0029 80  ARG A N   
603 C CA  . ARG A 80 ? 0.3381 0.3279 0.3253 0.0072  -0.0046 -0.0044 80  ARG A CA  
604 C C   . ARG A 80 ? 0.3580 0.3504 0.3352 0.0160  0.0059  -0.0065 80  ARG A C   
605 O O   . ARG A 80 ? 0.3671 0.3506 0.3170 0.0351  0.0172  -0.0224 80  ARG A O   
606 C CB  . ARG A 80 ? 0.3335 0.3312 0.3321 0.0006  -0.0087 -0.0071 80  ARG A CB  
607 C CG  . ARG A 80 ? 0.3766 0.3636 0.3739 -0.0016 -0.0084 -0.0046 80  ARG A CG  
608 C CD  . ARG A 80 ? 0.4271 0.4534 0.4475 0.0055  -0.0066 0.0032  80  ARG A CD  
609 N NE  . ARG A 80 ? 0.4605 0.4474 0.4367 0.0130  -0.0057 0.0006  80  ARG A NE  
610 C CZ  . ARG A 80 ? 0.4826 0.4743 0.4803 0.0139  0.0174  0.0043  80  ARG A CZ  
611 N NH1 . ARG A 80 ? 0.4524 0.4273 0.4268 -0.0049 -0.0025 0.0081  80  ARG A NH1 
612 N NH2 . ARG A 80 ? 0.4727 0.4707 0.4802 -0.0061 0.0143  0.0179  80  ARG A NH2 
613 N N   . LEU A 81 ? 0.3745 0.3691 0.3581 0.0143  0.0059  -0.0029 81  LEU A N   
614 C CA  . LEU A 81 ? 0.3814 0.3752 0.3696 0.0052  0.0061  -0.0014 81  LEU A CA  
615 C C   . LEU A 81 ? 0.4054 0.3827 0.3714 0.0009  0.0094  -0.0043 81  LEU A C   
616 O O   . LEU A 81 ? 0.4393 0.3982 0.3818 0.0002  0.0240  -0.0099 81  LEU A O   
617 C CB  . LEU A 81 ? 0.3853 0.3896 0.3865 0.0023  0.0066  -0.0002 81  LEU A CB  
618 C CG  . LEU A 81 ? 0.3784 0.3877 0.3782 0.0069  0.0042  -0.0047 81  LEU A CG  
619 C CD1 . LEU A 81 ? 0.4075 0.4090 0.4010 0.0168  0.0064  0.0025  81  LEU A CD1 
620 C CD2 . LEU A 81 ? 0.4068 0.4210 0.3957 0.0133  -0.0059 0.0002  81  LEU A CD2 
621 O O   . HOH B .  ? 0.1677 0.0084 0.0002 -0.0375 -0.0053 0.0012  85  HOH A O   
622 O O   . HOH B .  ? 0.2022 0.0101 0.0002 -0.0452 -0.0064 0.0014  86  HOH A O   
623 O O   . HOH B .  ? 0.2178 0.0109 0.0002 -0.0487 -0.0069 0.0015  87  HOH A O   
624 O O   . HOH B .  ? 0.2240 0.0112 0.0002 -0.0501 -0.0071 0.0016  88  HOH A O   
625 O O   . HOH B .  ? 0.2390 0.0119 0.0002 -0.0534 -0.0076 0.0017  89  HOH A O   
626 O O   . HOH B .  ? 0.2491 0.0124 0.0003 -0.0557 -0.0079 0.0018  90  HOH A O   
627 O O   . HOH B .  ? 0.2839 0.0142 0.0003 -0.0635 -0.0090 0.0020  91  HOH A O   
628 O O   . HOH B .  ? 0.2562 0.0128 0.0003 -0.0573 -0.0081 0.0018  92  HOH A O   
629 O O   . HOH B .  ? 0.3049 0.0152 0.0003 -0.0681 -0.0097 0.0022  93  HOH A O   
630 O O   . HOH B .  ? 0.2961 0.0148 0.0003 -0.0662 -0.0094 0.0021  94  HOH A O   
631 O O   . HOH B .  ? 0.3134 0.0157 0.0003 -0.0701 -0.0099 0.0022  95  HOH A O   
632 O O   . HOH B .  ? 0.3053 0.0153 0.0003 -0.0682 -0.0097 0.0022  96  HOH A O   
633 O O   . HOH B .  ? 0.2975 0.0149 0.0003 -0.0665 -0.0094 0.0021  97  HOH A O   
634 O O   . HOH B .  ? 0.3104 0.0155 0.0003 -0.0694 -0.0098 0.0022  98  HOH A O   
635 O O   . HOH B .  ? 0.3338 0.0167 0.0003 -0.0746 -0.0106 0.0024  99  HOH A O   
636 O O   . HOH B .  ? 0.3185 0.0159 0.0003 -0.0712 -0.0101 0.0023  100 HOH A O   
637 O O   . HOH B .  ? 0.3157 0.0158 0.0003 -0.0706 -0.0100 0.0022  101 HOH A O   
638 O O   . HOH B .  ? 0.3261 0.0163 0.0003 -0.0729 -0.0103 0.0023  102 HOH A O   
639 O O   . HOH B .  ? 0.3098 0.0155 0.0003 -0.0692 -0.0098 0.0022  103 HOH A O   
640 O O   . HOH B .  ? 0.3516 0.0176 0.0004 -0.0786 -0.0111 0.0025  104 HOH A O   
641 O O   . HOH B .  ? 0.3718 0.0186 0.0004 -0.0831 -0.0118 0.0026  105 HOH A O   
642 O O   . HOH B .  ? 0.3585 0.0179 0.0004 -0.0801 -0.0114 0.0025  106 HOH A O   
643 O O   . HOH B .  ? 0.3289 0.0164 0.0003 -0.0735 -0.0104 0.0023  107 HOH A O   
644 O O   . HOH B .  ? 0.3437 0.0172 0.0003 -0.0768 -0.0109 0.0024  108 HOH A O   
645 O O   . HOH B .  ? 0.3661 0.0183 0.0004 -0.0818 -0.0116 0.0026  109 HOH A O   
646 O O   . HOH B .  ? 0.3586 0.0179 0.0004 -0.0802 -0.0114 0.0025  110 HOH A O   
647 O O   . HOH B .  ? 0.3813 0.0190 0.0004 -0.0852 -0.0121 0.0027  111 HOH A O   
648 O O   . HOH B .  ? 0.3737 0.0187 0.0004 -0.0835 -0.0118 0.0026  112 HOH A O   
649 O O   . HOH B .  ? 0.3759 0.0188 0.0004 -0.0840 -0.0119 0.0027  113 HOH A O   
650 O O   . HOH B .  ? 0.3861 0.0193 0.0004 -0.0863 -0.0122 0.0027  114 HOH A O   
651 O O   . HOH B .  ? 0.4146 0.0207 0.0004 -0.0927 -0.0131 0.0029  115 HOH A O   
652 O O   . HOH B .  ? 0.3777 0.0189 0.0004 -0.0844 -0.0120 0.0027  116 HOH A O   
653 O O   . HOH B .  ? 0.3720 0.0186 0.0004 -0.0832 -0.0118 0.0026  117 HOH A O   
654 O O   . HOH B .  ? 0.3924 0.0196 0.0004 -0.0877 -0.0124 0.0028  118 HOH A O   
655 O O   . HOH B .  ? 0.4155 0.0208 0.0004 -0.0929 -0.0132 0.0029  119 HOH A O   
656 O O   . HOH B .  ? 0.3812 0.0190 0.0004 -0.0852 -0.0121 0.0027  120 HOH A O   
657 O O   . HOH B .  ? 0.3911 0.0195 0.0004 -0.0874 -0.0124 0.0028  121 HOH A O   
658 O O   . HOH B .  ? 0.3928 0.0196 0.0004 -0.0878 -0.0124 0.0028  122 HOH A O   
659 O O   . HOH B .  ? 0.3651 0.0182 0.0004 -0.0816 -0.0116 0.0026  123 HOH A O   
660 O O   . HOH B .  ? 0.4140 0.0207 0.0004 -0.0925 -0.0131 0.0029  124 HOH A O   
661 O O   . HOH B .  ? 0.4591 0.0229 0.0005 -0.1026 -0.0145 0.0033  125 HOH A O   
662 O O   . HOH B .  ? 0.4367 0.0218 0.0004 -0.0976 -0.0138 0.0031  126 HOH A O   
663 O O   . HOH B .  ? 0.4102 0.0205 0.0004 -0.0917 -0.0130 0.0029  127 HOH A O   
664 O O   . HOH B .  ? 0.4741 0.0237 0.0005 -0.1060 -0.0150 0.0034  128 HOH A O   
665 O O   . HOH B .  ? 0.4578 0.0229 0.0005 -0.1023 -0.0145 0.0032  129 HOH A O   
666 O O   . HOH B .  ? 0.4916 0.0246 0.0005 -0.1099 -0.0156 0.0035  130 HOH A O   
667 O O   . HOH B .  ? 0.4512 0.0225 0.0005 -0.1008 -0.0143 0.0032  131 HOH A O   
668 O O   . HOH B .  ? 0.5166 0.0258 0.0005 -0.1155 -0.0164 0.0037  132 HOH A O   
669 O O   . HOH B .  ? 0.4684 0.0234 0.0005 -0.1047 -0.0148 0.0033  133 HOH A O   
670 O O   . HOH B .  ? 0.4554 0.0227 0.0005 -0.1018 -0.0144 0.0032  134 HOH A O   
671 O O   . HOH B .  ? 0.5098 0.0255 0.0005 -0.1139 -0.0162 0.0036  135 HOH A O   
672 O O   . HOH B .  ? 0.5016 0.0251 0.0005 -0.1121 -0.0159 0.0036  136 HOH A O   
673 O O   . HOH B .  ? 0.4413 0.0220 0.0004 -0.0986 -0.0140 0.0031  137 HOH A O   
674 O O   . HOH B .  ? 0.4838 0.0242 0.0005 -0.1081 -0.0153 0.0034  138 HOH A O   
675 O O   . HOH B .  ? 0.4974 0.0248 0.0005 -0.1112 -0.0158 0.0035  139 HOH A O   
676 O O   . HOH B .  ? 0.4874 0.0243 0.0005 -0.1089 -0.0154 0.0035  140 HOH A O   
677 O O   . HOH B .  ? 0.4495 0.0225 0.0005 -0.1005 -0.0142 0.0032  141 HOH A O   
678 O O   . HOH B .  ? 0.4860 0.0243 0.0005 -0.1086 -0.0154 0.0034  142 HOH A O   
679 O O   . HOH B .  ? 0.4798 0.0240 0.0005 -0.1072 -0.0152 0.0034  143 HOH A O   
680 O O   . HOH B .  ? 0.5266 0.0263 0.0005 -0.1177 -0.0167 0.0037  144 HOH A O   
681 O O   . HOH B .  ? 0.5398 0.0270 0.0005 -0.1206 -0.0171 0.0038  145 HOH A O   
682 O O   . HOH B .  ? 0.5818 0.0291 0.0006 -0.1300 -0.0184 0.0041  146 HOH A O   
683 O O   . HOH B .  ? 0.6144 0.0307 0.0006 -0.1373 -0.0195 0.0044  147 HOH A O   
684 O O   . HOH B .  ? 0.5536 0.0277 0.0006 -0.1237 -0.0175 0.0039  148 HOH A O   
685 O O   . HOH B .  ? 0.5872 0.0293 0.0006 -0.1312 -0.0186 0.0042  149 HOH A O   
686 O O   . HOH B .  ? 0.5481 0.0274 0.0006 -0.1225 -0.0174 0.0039  150 HOH A O   
687 O O   . HOH B .  ? 0.5015 0.0251 0.0005 -0.1121 -0.0159 0.0036  151 HOH A O   
688 O O   . HOH B .  ? 0.5415 0.0271 0.0005 -0.1210 -0.0172 0.0038  152 HOH A O   
689 O O   . HOH B .  ? 0.5478 0.0274 0.0006 -0.1224 -0.0174 0.0039  153 HOH A O   
690 O O   . HOH B .  ? 0.5560 0.0278 0.0006 -0.1243 -0.0176 0.0039  154 HOH A O   
691 O O   . HOH B .  ? 0.5623 0.0281 0.0006 -0.1257 -0.0178 0.0040  155 HOH A O   
692 O O   . HOH B .  ? 0.6150 0.0307 0.0006 -0.1374 -0.0195 0.0044  156 HOH A O   
693 O O   . HOH B .  ? 0.5609 0.0280 0.0006 -0.1254 -0.0178 0.0040  157 HOH A O   
694 O O   . HOH B .  ? 0.5939 0.0297 0.0006 -0.1327 -0.0188 0.0042  158 HOH A O   
695 O O   . HOH B .  ? 0.6286 0.0314 0.0006 -0.1405 -0.0199 0.0045  159 HOH A O   
696 O O   . HOH B .  ? 0.6017 0.0301 0.0006 -0.1345 -0.0191 0.0043  160 HOH A O   
697 O O   . HOH B .  ? 0.6585 0.0329 0.0007 -0.1472 -0.0209 0.0047  161 HOH A O   
698 O O   . HOH B .  ? 0.6402 0.0320 0.0006 -0.1431 -0.0203 0.0045  162 HOH A O   
699 O O   . HOH B .  ? 0.7268 0.0363 0.0007 -0.1624 -0.0230 0.0051  163 HOH A O   
700 O O   . HOH B .  ? 0.5661 0.0283 0.0006 -0.1265 -0.0179 0.0040  164 HOH A O   
701 O O   . HOH B .  ? 0.6603 0.0330 0.0007 -0.1476 -0.0209 0.0047  165 HOH A O   
702 O O   . HOH B .  ? 0.7083 0.0354 0.0007 -0.1583 -0.0224 0.0050  166 HOH A O   
703 O O   . HOH B .  ? 0.8649 0.0432 0.0009 -0.1933 -0.0274 0.0061  167 HOH A O   
# 
loop_
_pdbx_poly_seq_scheme.asym_id 
_pdbx_poly_seq_scheme.entity_id 
_pdbx_poly_seq_scheme.seq_id 
_pdbx_poly_seq_scheme.mon_id 
_pdbx_poly_seq_scheme.ndb_seq_num 
_pdbx_poly_seq_scheme.pdb_seq_num 
_pdbx_poly_seq_scheme.auth_seq_num 
_pdbx_poly_seq_scheme.pdb_mon_id 
_pdbx_poly_seq_scheme.auth_mon_id 
_pdbx_poly_seq_scheme.pdb_strand_id 
_pdbx_poly_seq_scheme.pdb_ins_code 
_pdbx_poly_seq_scheme.hetero 
A 1 1  MET 1  1  1  MET MET A . n 
A 1 2  GLN 2  2  2  GLN GLN A . n 
A 1 3  ILE 3  3  3  ILE ILE A . n 
A 1 4  PHE 4  4  4  PHE PHE A . n 
A 1 5  VAL 5  5  5  VAL VAL A . n 
A 1 6  LYS 6  6  6  LYS LYS A . n 
A 1 7  THR 7  7  7  THR THR A . n 
A 1 8  LEU 8  8  8  LEU LEU A . n 
A 1 9  THR 9  9  9  THR THR A . n 
A 1 10 GLY 10 10 10 GLY GLY A . n 
A 1 11 LYS 11 11 11 LYS LYS A . n 
A 1 12 THR 12 12 12 THR THR A . n 
A 1 13 ILE 13 13 13 ILE ILE A . n 
A 1 14 THR 14 14 14 THR THR A . n 
A 1 15 LEU 15 15 15 LEU LEU A . n 
A 1 16 GLU 16 16 16 GLU GLU A . n 
A 1 17 VAL 17 17 17 VAL VAL A . n 
A 1 18 GLU 18 18 18 GLU GLU A . n 
A 1 19 PRO 19 19 19 PRO PRO A . n 
A 1 20 SER 20 20 20 SER SER A . n 
A 1 21 ASP 21 21 21 ASP ASP A . n 
A 1 22 THR 22 22 22 THR THR A . n 
A 1 23 ILE 23 23 23 ILE ILE A . n 
A 1 24 GLU 24 24 24 GLU GLU A . n 
A 1 25 ASN 25 25 25 ASN ASN A . n 
A 1 26 VAL 26 26 26 VAL VAL A . n 
A 1 27 LYS 27 27 27 LYS LYS A . n 
A 1 28 ALA 28 28 28 ALA ALA A . n 
A 1 29 LYS 29 29 29 LYS LYS A . n 
A 1 30 ILE 30 30 30 ILE ILE A . n 
A 1 31 GLN 31 31 31 GLN GLN A . n 
A 1 32 ASP 32 32 32 ASP ASP A . n 
A 1 33 LYS 33 33 33 LYS LYS A . n 
A 1 34 GLU 34 34 34 GLU GLU A . n 
A 1 35 GLY 35 35 35 GLY GLY A . n 
A 1 36 GLY 36 36 36 GLY GLY A . n 
A 1 37 GLY 37 37 37 GLY GLY A . n 
A 1 38 GLY 38 38 38 GLY GLY A . n 
A 1 39 GLY 39 39 39 GLY GLY A . n 
A 1 40 GLY 40 40 40 GLY GLY A . n 
A 1 41 GLY 41 41 41 GLY GLY A . n 
A 1 42 GLY 42 42 42 GLY GLY A . n 
A 1 43 GLY 43 43 43 GLY GLY A . n 
A 1 44 ILE 44 44 44 ILE ILE A . n 
A 1 45 PRO 45 45 45 PRO PRO A . n 
A 1 46 PRO 46 46 46 PRO PRO A . n 
A 1 47 ASP 47 47 47 ASP ASP A . n 
A 1 48 GLN 48 48 48 GLN GLN A . n 
A 1 49 GLN 49 49 49 GLN GLN A . n 
A 1 50 ARG 50 50 50 ARG ARG A . n 
A 1 51 LEU 51 51 51 LEU LEU A . n 
A 1 52 ILE 52 52 52 ILE ILE A . n 
A 1 53 PHE 53 53 53 PHE PHE A . n 
A 1 54 ALA 54 54 54 ALA ALA A . n 
A 1 55 GLY 55 55 55 GLY GLY A . n 
A 1 56 LYS 56 56 56 LYS LYS A . n 
A 1 57 GLN 57 57 57 GLN GLN A . n 
A 1 58 LEU 58 58 58 LEU LEU A . n 
A 1 59 GLU 59 59 59 GLU GLU A . n 
A 1 60 ASP 60 60 60 ASP ASP A . n 
A 1 61 GLY 61 61 61 GLY GLY A . n 
A 1 62 ARG 62 62 62 ARG ARG A . n 
A 1 63 THR 63 63 63 THR THR A . n 
A 1 64 LEU 64 64 64 LEU LEU A . n 
A 1 65 SER 65 65 65 SER SER A . n 
A 1 66 ASP 66 66 66 ASP ASP A . n 
A 1 67 TYR 67 67 67 TYR TYR A . n 
A 1 68 ASN 68 68 68 ASN ASN A . n 
A 1 69 ILE 69 69 69 ILE ILE A . n 
A 1 70 GLN 70 70 70 GLN GLN A . n 
A 1 71 LYS 71 71 71 LYS LYS A . n 
A 1 72 GLU 72 72 72 GLU GLU A . n 
A 1 73 SER 73 73 73 SER SER A . n 
A 1 74 THR 74 74 74 THR THR A . n 
A 1 75 LEU 75 75 75 LEU LEU A . n 
A 1 76 HIS 76 76 76 HIS HIS A . n 
A 1 77 LEU 77 77 77 LEU LEU A . n 
A 1 78 VAL 78 78 78 VAL VAL A . n 
A 1 79 LEU 79 79 79 LEU LEU A . n 
A 1 80 ARG 80 80 80 ARG ARG A . n 
A 1 81 LEU 81 81 81 LEU LEU A . n 
A 1 82 ARG 82 82 ?  ?   ?   A . n 
A 1 83 GLY 83 83 ?  ?   ?   A . n 
A 1 84 GLY 84 84 ?  ?   ?   A . n 
# 
loop_
_pdbx_nonpoly_scheme.asym_id 
_pdbx_nonpoly_scheme.entity_id 
_pdbx_nonpoly_scheme.mon_id 
_pdbx_nonpoly_scheme.ndb_seq_num 
_pdbx_nonpoly_scheme.pdb_seq_num 
_pdbx_nonpoly_scheme.auth_seq_num 
_pdbx_nonpoly_scheme.pdb_mon_id 
_pdbx_nonpoly_scheme.auth_mon_id 
_pdbx_nonpoly_scheme.pdb_strand_id 
_pdbx_nonpoly_scheme.pdb_ins_code 
B 2 HOH 1  85  1  HOH HOH A . 
B 2 HOH 2  86  2  HOH HOH A . 
B 2 HOH 3  87  3  HOH HOH A . 
B 2 HOH 4  88  4  HOH HOH A . 
B 2 HOH 5  89  5  HOH HOH A . 
B 2 HOH 6  90  6  HOH HOH A . 
B 2 HOH 7  91  7  HOH HOH A . 
B 2 HOH 8  92  8  HOH HOH A . 
B 2 HOH 9  93  9  HOH HOH A . 
B 2 HOH 10 94  10 HOH HOH A . 
B 2 HOH 11 95  11 HOH HOH A . 
B 2 HOH 12 96  12 HOH HOH A . 
B 2 HOH 13 97  13 HOH HOH A . 
B 2 HOH 14 98  14 HOH HOH A . 
B 2 HOH 15 99  15 HOH HOH A . 
B 2 HOH 16 100 16 HOH HOH A . 
B 2 HOH 17 101 17 HOH HOH A . 
B 2 HOH 18 102 18 HOH HOH A . 
B 2 HOH 19 103 19 HOH HOH A . 
B 2 HOH 20 104 20 HOH HOH A . 
B 2 HOH 21 105 21 HOH HOH A . 
B 2 HOH 22 106 22 HOH HOH A . 
B 2 HOH 23 107 23 HOH HOH A . 
B 2 HOH 24 108 24 HOH HOH A . 
B 2 HOH 25 109 25 HOH HOH A . 
B 2 HOH 26 110 26 HOH HOH A . 
B 2 HOH 27 111 27 HOH HOH A . 
B 2 HOH 28 112 28 HOH HOH A . 
B 2 HOH 29 113 29 HOH HOH A . 
B 2 HOH 30 114 30 HOH HOH A . 
B 2 HOH 31 115 31 HOH HOH A . 
B 2 HOH 32 116 32 HOH HOH A . 
B 2 HOH 33 117 33 HOH HOH A . 
B 2 HOH 34 118 34 HOH HOH A . 
B 2 HOH 35 119 35 HOH HOH A . 
B 2 HOH 36 120 36 HOH HOH A . 
B 2 HOH 37 121 37 HOH HOH A . 
B 2 HOH 38 122 38 HOH HOH A . 
B 2 HOH 39 123 39 HOH HOH A . 
B 2 HOH 40 124 40 HOH HOH A . 
B 2 HOH 41 125 41 HOH HOH A . 
B 2 HOH 42 126 42 HOH HOH A . 
B 2 HOH 43 127 44 HOH HOH A . 
B 2 HOH 44 128 45 HOH HOH A . 
B 2 HOH 45 129 46 HOH HOH A . 
B 2 HOH 46 130 47 HOH HOH A . 
B 2 HOH 47 131 49 HOH HOH A . 
B 2 HOH 48 132 50 HOH HOH A . 
B 2 HOH 49 133 51 HOH HOH A . 
B 2 HOH 50 134 52 HOH HOH A . 
B 2 HOH 51 135 53 HOH HOH A . 
B 2 HOH 52 136 54 HOH HOH A . 
B 2 HOH 53 137 55 HOH HOH A . 
B 2 HOH 54 138 56 HOH HOH A . 
B 2 HOH 55 139 57 HOH HOH A . 
B 2 HOH 56 140 58 HOH HOH A . 
B 2 HOH 57 141 59 HOH HOH A . 
B 2 HOH 58 142 60 HOH HOH A . 
B 2 HOH 59 143 61 HOH HOH A . 
B 2 HOH 60 144 62 HOH HOH A . 
B 2 HOH 61 145 63 HOH HOH A . 
B 2 HOH 62 146 64 HOH HOH A . 
B 2 HOH 63 147 65 HOH HOH A . 
B 2 HOH 64 148 66 HOH HOH A . 
B 2 HOH 65 149 67 HOH HOH A . 
B 2 HOH 66 150 68 HOH HOH A . 
B 2 HOH 67 151 69 HOH HOH A . 
B 2 HOH 68 152 70 HOH HOH A . 
B 2 HOH 69 153 71 HOH HOH A . 
B 2 HOH 70 154 72 HOH HOH A . 
B 2 HOH 71 155 73 HOH HOH A . 
B 2 HOH 72 156 74 HOH HOH A . 
B 2 HOH 73 157 75 HOH HOH A . 
B 2 HOH 74 158 76 HOH HOH A . 
B 2 HOH 75 159 77 HOH HOH A . 
B 2 HOH 76 160 78 HOH HOH A . 
B 2 HOH 77 161 79 HOH HOH A . 
B 2 HOH 78 162 80 HOH HOH A . 
B 2 HOH 79 163 81 HOH HOH A . 
B 2 HOH 80 164 82 HOH HOH A . 
B 2 HOH 81 165 84 HOH HOH A . 
B 2 HOH 82 166 86 HOH HOH A . 
B 2 HOH 83 167 87 HOH HOH A . 
# 
_pdbx_struct_assembly.id                   1 
_pdbx_struct_assembly.details              author_defined_assembly 
_pdbx_struct_assembly.method_details       ? 
_pdbx_struct_assembly.oligomeric_details   monomeric 
_pdbx_struct_assembly.oligomeric_count     1 
# 
_pdbx_struct_assembly_gen.assembly_id       1 
_pdbx_struct_assembly_gen.oper_expression   1 
_pdbx_struct_assembly_gen.asym_id_list      A,B 
# 
_pdbx_struct_oper_list.id                   1 
_pdbx_struct_oper_list.type                 'identity operation' 
_pdbx_struct_oper_list.name                 1_555 
_pdbx_struct_oper_list.symmetry_operation   x,y,z 
_pdbx_struct_oper_list.matrix[1][1]         1.0000000000 
_pdbx_struct_oper_list.matrix[1][2]         0.0000000000 
_pdbx_struct_oper_list.matrix[1][3]         0.0000000000 
_pdbx_struct_oper_list.vector[1]            0.0000000000 
_pdbx_struct_oper_list.matrix[2][1]         0.0000000000 
_pdbx_struct_oper_list.matrix[2][2]         1.0000000000 
_pdbx_struct_oper_list.matrix[2][3]         0.0000000000 
_pdbx_struct_oper_list.vector[2]            0.0000000000 
_pdbx_struct_oper_list.matrix[3][1]         0.0000000000 
_pdbx_struct_oper_list.matrix[3][2]         0.0000000000 
_pdbx_struct_oper_list.matrix[3][3]         1.0000000000 
_pdbx_struct_oper_list.vector[3]            0.0000000000 
# 
loop_
_pdbx_audit_revision_history.ordinal 
_pdbx_audit_revision_history.data_content_type 
_pdbx_audit_revision_history.major_revision 
_pdbx_audit_revision_history.minor_revision 
_pdbx_audit_revision_history.revision_date 
1 'Structure model' 1 0 2006-05-16 
2 'Structure model' 1 1 2008-04-01 
3 'Structure model' 1 2 2011-07-13 
4 'Structure model' 1 3 2023-08-30 
# 
_pdbx_audit_revision_details.ordinal             1 
_pdbx_audit_revision_details.revision_ordinal    1 
_pdbx_audit_revision_details.data_content_type   'Structure model' 
_pdbx_audit_revision_details.provider            repository 
_pdbx_audit_revision_details.type                'Initial release' 
_pdbx_audit_revision_details.description         ? 
_pdbx_audit_revision_details.details             ? 
# 
loop_
_pdbx_audit_revision_group.ordinal 
_pdbx_audit_revision_group.revision_ordinal 
_pdbx_audit_revision_group.data_content_type 
_pdbx_audit_revision_group.group 
1 2 'Structure model' 'Version format compliance' 
2 3 'Structure model' 'Version format compliance' 
3 4 'Structure model' 'Data collection'           
4 4 'Structure model' 'Database references'       
5 4 'Structure model' 'Refinement description'    
# 
loop_
_pdbx_audit_revision_category.ordinal 
_pdbx_audit_revision_category.revision_ordinal 
_pdbx_audit_revision_category.data_content_type 
_pdbx_audit_revision_category.category 
1 4 'Structure model' chem_comp_atom                
2 4 'Structure model' chem_comp_bond                
3 4 'Structure model' database_2                    
4 4 'Structure model' pdbx_initial_refinement_model 
5 4 'Structure model' struct_ref_seq_dif            
# 
loop_
_pdbx_audit_revision_item.ordinal 
_pdbx_audit_revision_item.revision_ordinal 
_pdbx_audit_revision_item.data_content_type 
_pdbx_audit_revision_item.item 
1 4 'Structure model' '_database_2.pdbx_DOI'                
2 4 'Structure model' '_database_2.pdbx_database_accession' 
3 4 'Structure model' '_struct_ref_seq_dif.details'         
# 
loop_
_software.name 
_software.version 
_software.date 
_software.type 
_software.contact_author 
_software.contact_author_email 
_software.classification 
_software.location 
_software.language 
_software.citation_id 
_software.pdbx_ordinal 
d*TREK      9.1L  'Jan 3 2004'   package 'Pflugrath, J.W.' jwp@RigakuMSC.com           'data scaling'    
http://www.msc.com/protein/dtrek.html       ?       ? 1 
PHASER      .     ?              program 'R. J. Read'      cimr-phaser@lists.cam.ac.uk phasing           
http://www-structmed.cimr.cam.ac.uk/phaser/ ?       ? 2 
REFMAC      .     ?              program 'Murshudov, G.N.' ccp4@dl.ac.uk               refinement        
http://www.ccp4.ac.uk/main.html             Fortran ? 3 
PDB_EXTRACT 1.701 'Nov. 1, 2005' package PDB               sw-help@rcsb.rutgers.edu    'data extraction' 
http://pdb.rutgers.edu/software/            C++     ? 4 
# 
_pdbx_validate_close_contact.id               1 
_pdbx_validate_close_contact.PDB_model_num    1 
_pdbx_validate_close_contact.auth_atom_id_1   NZ 
_pdbx_validate_close_contact.auth_asym_id_1   A 
_pdbx_validate_close_contact.auth_comp_id_1   LYS 
_pdbx_validate_close_contact.auth_seq_id_1    6 
_pdbx_validate_close_contact.PDB_ins_code_1   ? 
_pdbx_validate_close_contact.label_alt_id_1   ? 
_pdbx_validate_close_contact.auth_atom_id_2   O 
_pdbx_validate_close_contact.auth_asym_id_2   A 
_pdbx_validate_close_contact.auth_comp_id_2   HOH 
_pdbx_validate_close_contact.auth_seq_id_2    127 
_pdbx_validate_close_contact.PDB_ins_code_2   ? 
_pdbx_validate_close_contact.label_alt_id_2   ? 
_pdbx_validate_close_contact.dist             2.13 
# 
loop_
_pdbx_unobs_or_zero_occ_residues.id 
_pdbx_unobs_or_zero_occ_residues.PDB_model_num 
_pdbx_unobs_or_zero_occ_residues.polymer_flag 
_pdbx_unobs_or_zero_occ_residues.occupancy_flag 
_pdbx_unobs_or_zero_occ_residues.auth_asym_id 
_pdbx_unobs_or_zero_occ_residues.auth_comp_id 
_pdbx_unobs_or_zero_occ_residues.auth_seq_id 
_pdbx_unobs_or_zero_occ_residues.PDB_ins_code 
_pdbx_unobs_or_zero_occ_residues.label_asym_id 
_pdbx_unobs_or_zero_occ_residues.label_comp_id 
_pdbx_unobs_or_zero_occ_residues.label_seq_id 
1 1 Y 1 A ARG 82 ? A ARG 82 
2 1 Y 1 A GLY 83 ? A GLY 83 
3 1 Y 1 A GLY 84 ? A GLY 84 
# 
loop_
_chem_comp_atom.comp_id 
_chem_comp_atom.atom_id 
_chem_comp_atom.type_symbol 
_chem_comp_atom.pdbx_aromatic_flag 
_chem_comp_atom.pdbx_stereo_config 
_chem_comp_atom.pdbx_ordinal 
ALA N    N N N 1   
ALA CA   C N S 2   
ALA C    C N N 3   
ALA O    O N N 4   
ALA CB   C N N 5   
ALA OXT  O N N 6   
ALA H    H N N 7   
ALA H2   H N N 8   
ALA HA   H N N 9   
ALA HB1  H N N 10  
ALA HB2  H N N 11  
ALA HB3  H N N 12  
ALA HXT  H N N 13  
ARG N    N N N 14  
ARG CA   C N S 15  
ARG C    C N N 16  
ARG O    O N N 17  
ARG CB   C N N 18  
ARG CG   C N N 19  
ARG CD   C N N 20  
ARG NE   N N N 21  
ARG CZ   C N N 22  
ARG NH1  N N N 23  
ARG NH2  N N N 24  
ARG OXT  O N N 25  
ARG H    H N N 26  
ARG H2   H N N 27  
ARG HA   H N N 28  
ARG HB2  H N N 29  
ARG HB3  H N N 30  
ARG HG2  H N N 31  
ARG HG3  H N N 32  
ARG HD2  H N N 33  
ARG HD3  H N N 34  
ARG HE   H N N 35  
ARG HH11 H N N 36  
ARG HH12 H N N 37  
ARG HH21 H N N 38  
ARG HH22 H N N 39  
ARG HXT  H N N 40  
ASN N    N N N 41  
ASN CA   C N S 42  
ASN C    C N N 43  
ASN O    O N N 44  
ASN CB   C N N 45  
ASN CG   C N N 46  
ASN OD1  O N N 47  
ASN ND2  N N N 48  
ASN OXT  O N N 49  
ASN H    H N N 50  
ASN H2   H N N 51  
ASN HA   H N N 52  
ASN HB2  H N N 53  
ASN HB3  H N N 54  
ASN HD21 H N N 55  
ASN HD22 H N N 56  
ASN HXT  H N N 57  
ASP N    N N N 58  
ASP CA   C N S 59  
ASP C    C N N 60  
ASP O    O N N 61  
ASP CB   C N N 62  
ASP CG   C N N 63  
ASP OD1  O N N 64  
ASP OD2  O N N 65  
ASP OXT  O N N 66  
ASP H    H N N 67  
ASP H2   H N N 68  
ASP HA   H N N 69  
ASP HB2  H N N 70  
ASP HB3  H N N 71  
ASP HD2  H N N 72  
ASP HXT  H N N 73  
GLN N    N N N 74  
GLN CA   C N S 75  
GLN C    C N N 76  
GLN O    O N N 77  
GLN CB   C N N 78  
GLN CG   C N N 79  
GLN CD   C N N 80  
GLN OE1  O N N 81  
GLN NE2  N N N 82  
GLN OXT  O N N 83  
GLN H    H N N 84  
GLN H2   H N N 85  
GLN HA   H N N 86  
GLN HB2  H N N 87  
GLN HB3  H N N 88  
GLN HG2  H N N 89  
GLN HG3  H N N 90  
GLN HE21 H N N 91  
GLN HE22 H N N 92  
GLN HXT  H N N 93  
GLU N    N N N 94  
GLU CA   C N S 95  
GLU C    C N N 96  
GLU O    O N N 97  
GLU CB   C N N 98  
GLU CG   C N N 99  
GLU CD   C N N 100 
GLU OE1  O N N 101 
GLU OE2  O N N 102 
GLU OXT  O N N 103 
GLU H    H N N 104 
GLU H2   H N N 105 
GLU HA   H N N 106 
GLU HB2  H N N 107 
GLU HB3  H N N 108 
GLU HG2  H N N 109 
GLU HG3  H N N 110 
GLU HE2  H N N 111 
GLU HXT  H N N 112 
GLY N    N N N 113 
GLY CA   C N N 114 
GLY C    C N N 115 
GLY O    O N N 116 
GLY OXT  O N N 117 
GLY H    H N N 118 
GLY H2   H N N 119 
GLY HA2  H N N 120 
GLY HA3  H N N 121 
GLY HXT  H N N 122 
HIS N    N N N 123 
HIS CA   C N S 124 
HIS C    C N N 125 
HIS O    O N N 126 
HIS CB   C N N 127 
HIS CG   C Y N 128 
HIS ND1  N Y N 129 
HIS CD2  C Y N 130 
HIS CE1  C Y N 131 
HIS NE2  N Y N 132 
HIS OXT  O N N 133 
HIS H    H N N 134 
HIS H2   H N N 135 
HIS HA   H N N 136 
HIS HB2  H N N 137 
HIS HB3  H N N 138 
HIS HD1  H N N 139 
HIS HD2  H N N 140 
HIS HE1  H N N 141 
HIS HE2  H N N 142 
HIS HXT  H N N 143 
HOH O    O N N 144 
HOH H1   H N N 145 
HOH H2   H N N 146 
ILE N    N N N 147 
ILE CA   C N S 148 
ILE C    C N N 149 
ILE O    O N N 150 
ILE CB   C N S 151 
ILE CG1  C N N 152 
ILE CG2  C N N 153 
ILE CD1  C N N 154 
ILE OXT  O N N 155 
ILE H    H N N 156 
ILE H2   H N N 157 
ILE HA   H N N 158 
ILE HB   H N N 159 
ILE HG12 H N N 160 
ILE HG13 H N N 161 
ILE HG21 H N N 162 
ILE HG22 H N N 163 
ILE HG23 H N N 164 
ILE HD11 H N N 165 
ILE HD12 H N N 166 
ILE HD13 H N N 167 
ILE HXT  H N N 168 
LEU N    N N N 169 
LEU CA   C N S 170 
LEU C    C N N 171 
LEU O    O N N 172 
LEU CB   C N N 173 
LEU CG   C N N 174 
LEU CD1  C N N 175 
LEU CD2  C N N 176 
LEU OXT  O N N 177 
LEU H    H N N 178 
LEU H2   H N N 179 
LEU HA   H N N 180 
LEU HB2  H N N 181 
LEU HB3  H N N 182 
LEU HG   H N N 183 
LEU HD11 H N N 184 
LEU HD12 H N N 185 
LEU HD13 H N N 186 
LEU HD21 H N N 187 
LEU HD22 H N N 188 
LEU HD23 H N N 189 
LEU HXT  H N N 190 
LYS N    N N N 191 
LYS CA   C N S 192 
LYS C    C N N 193 
LYS O    O N N 194 
LYS CB   C N N 195 
LYS CG   C N N 196 
LYS CD   C N N 197 
LYS CE   C N N 198 
LYS NZ   N N N 199 
LYS OXT  O N N 200 
LYS H    H N N 201 
LYS H2   H N N 202 
LYS HA   H N N 203 
LYS HB2  H N N 204 
LYS HB3  H N N 205 
LYS HG2  H N N 206 
LYS HG3  H N N 207 
LYS HD2  H N N 208 
LYS HD3  H N N 209 
LYS HE2  H N N 210 
LYS HE3  H N N 211 
LYS HZ1  H N N 212 
LYS HZ2  H N N 213 
LYS HZ3  H N N 214 
LYS HXT  H N N 215 
MET N    N N N 216 
MET CA   C N S 217 
MET C    C N N 218 
MET O    O N N 219 
MET CB   C N N 220 
MET CG   C N N 221 
MET SD   S N N 222 
MET CE   C N N 223 
MET OXT  O N N 224 
MET H    H N N 225 
MET H2   H N N 226 
MET HA   H N N 227 
MET HB2  H N N 228 
MET HB3  H N N 229 
MET HG2  H N N 230 
MET HG3  H N N 231 
MET HE1  H N N 232 
MET HE2  H N N 233 
MET HE3  H N N 234 
MET HXT  H N N 235 
PHE N    N N N 236 
PHE CA   C N S 237 
PHE C    C N N 238 
PHE O    O N N 239 
PHE CB   C N N 240 
PHE CG   C Y N 241 
PHE CD1  C Y N 242 
PHE CD2  C Y N 243 
PHE CE1  C Y N 244 
PHE CE2  C Y N 245 
PHE CZ   C Y N 246 
PHE OXT  O N N 247 
PHE H    H N N 248 
PHE H2   H N N 249 
PHE HA   H N N 250 
PHE HB2  H N N 251 
PHE HB3  H N N 252 
PHE HD1  H N N 253 
PHE HD2  H N N 254 
PHE HE1  H N N 255 
PHE HE2  H N N 256 
PHE HZ   H N N 257 
PHE HXT  H N N 258 
PRO N    N N N 259 
PRO CA   C N S 260 
PRO C    C N N 261 
PRO O    O N N 262 
PRO CB   C N N 263 
PRO CG   C N N 264 
PRO CD   C N N 265 
PRO OXT  O N N 266 
PRO H    H N N 267 
PRO HA   H N N 268 
PRO HB2  H N N 269 
PRO HB3  H N N 270 
PRO HG2  H N N 271 
PRO HG3  H N N 272 
PRO HD2  H N N 273 
PRO HD3  H N N 274 
PRO HXT  H N N 275 
SER N    N N N 276 
SER CA   C N S 277 
SER C    C N N 278 
SER O    O N N 279 
SER CB   C N N 280 
SER OG   O N N 281 
SER OXT  O N N 282 
SER H    H N N 283 
SER H2   H N N 284 
SER HA   H N N 285 
SER HB2  H N N 286 
SER HB3  H N N 287 
SER HG   H N N 288 
SER HXT  H N N 289 
THR N    N N N 290 
THR CA   C N S 291 
THR C    C N N 292 
THR O    O N N 293 
THR CB   C N R 294 
THR OG1  O N N 295 
THR CG2  C N N 296 
THR OXT  O N N 297 
THR H    H N N 298 
THR H2   H N N 299 
THR HA   H N N 300 
THR HB   H N N 301 
THR HG1  H N N 302 
THR HG21 H N N 303 
THR HG22 H N N 304 
THR HG23 H N N 305 
THR HXT  H N N 306 
TYR N    N N N 307 
TYR CA   C N S 308 
TYR C    C N N 309 
TYR O    O N N 310 
TYR CB   C N N 311 
TYR CG   C Y N 312 
TYR CD1  C Y N 313 
TYR CD2  C Y N 314 
TYR CE1  C Y N 315 
TYR CE2  C Y N 316 
TYR CZ   C Y N 317 
TYR OH   O N N 318 
TYR OXT  O N N 319 
TYR H    H N N 320 
TYR H2   H N N 321 
TYR HA   H N N 322 
TYR HB2  H N N 323 
TYR HB3  H N N 324 
TYR HD1  H N N 325 
TYR HD2  H N N 326 
TYR HE1  H N N 327 
TYR HE2  H N N 328 
TYR HH   H N N 329 
TYR HXT  H N N 330 
VAL N    N N N 331 
VAL CA   C N S 332 
VAL C    C N N 333 
VAL O    O N N 334 
VAL CB   C N N 335 
VAL CG1  C N N 336 
VAL CG2  C N N 337 
VAL OXT  O N N 338 
VAL H    H N N 339 
VAL H2   H N N 340 
VAL HA   H N N 341 
VAL HB   H N N 342 
VAL HG11 H N N 343 
VAL HG12 H N N 344 
VAL HG13 H N N 345 
VAL HG21 H N N 346 
VAL HG22 H N N 347 
VAL HG23 H N N 348 
VAL HXT  H N N 349 
# 
loop_
_chem_comp_bond.comp_id 
_chem_comp_bond.atom_id_1 
_chem_comp_bond.atom_id_2 
_chem_comp_bond.value_order 
_chem_comp_bond.pdbx_aromatic_flag 
_chem_comp_bond.pdbx_stereo_config 
_chem_comp_bond.pdbx_ordinal 
ALA N   CA   sing N N 1   
ALA N   H    sing N N 2   
ALA N   H2   sing N N 3   
ALA CA  C    sing N N 4   
ALA CA  CB   sing N N 5   
ALA CA  HA   sing N N 6   
ALA C   O    doub N N 7   
ALA C   OXT  sing N N 8   
ALA CB  HB1  sing N N 9   
ALA CB  HB2  sing N N 10  
ALA CB  HB3  sing N N 11  
ALA OXT HXT  sing N N 12  
ARG N   CA   sing N N 13  
ARG N   H    sing N N 14  
ARG N   H2   sing N N 15  
ARG CA  C    sing N N 16  
ARG CA  CB   sing N N 17  
ARG CA  HA   sing N N 18  
ARG C   O    doub N N 19  
ARG C   OXT  sing N N 20  
ARG CB  CG   sing N N 21  
ARG CB  HB2  sing N N 22  
ARG CB  HB3  sing N N 23  
ARG CG  CD   sing N N 24  
ARG CG  HG2  sing N N 25  
ARG CG  HG3  sing N N 26  
ARG CD  NE   sing N N 27  
ARG CD  HD2  sing N N 28  
ARG CD  HD3  sing N N 29  
ARG NE  CZ   sing N N 30  
ARG NE  HE   sing N N 31  
ARG CZ  NH1  sing N N 32  
ARG CZ  NH2  doub N N 33  
ARG NH1 HH11 sing N N 34  
ARG NH1 HH12 sing N N 35  
ARG NH2 HH21 sing N N 36  
ARG NH2 HH22 sing N N 37  
ARG OXT HXT  sing N N 38  
ASN N   CA   sing N N 39  
ASN N   H    sing N N 40  
ASN N   H2   sing N N 41  
ASN CA  C    sing N N 42  
ASN CA  CB   sing N N 43  
ASN CA  HA   sing N N 44  
ASN C   O    doub N N 45  
ASN C   OXT  sing N N 46  
ASN CB  CG   sing N N 47  
ASN CB  HB2  sing N N 48  
ASN CB  HB3  sing N N 49  
ASN CG  OD1  doub N N 50  
ASN CG  ND2  sing N N 51  
ASN ND2 HD21 sing N N 52  
ASN ND2 HD22 sing N N 53  
ASN OXT HXT  sing N N 54  
ASP N   CA   sing N N 55  
ASP N   H    sing N N 56  
ASP N   H2   sing N N 57  
ASP CA  C    sing N N 58  
ASP CA  CB   sing N N 59  
ASP CA  HA   sing N N 60  
ASP C   O    doub N N 61  
ASP C   OXT  sing N N 62  
ASP CB  CG   sing N N 63  
ASP CB  HB2  sing N N 64  
ASP CB  HB3  sing N N 65  
ASP CG  OD1  doub N N 66  
ASP CG  OD2  sing N N 67  
ASP OD2 HD2  sing N N 68  
ASP OXT HXT  sing N N 69  
GLN N   CA   sing N N 70  
GLN N   H    sing N N 71  
GLN N   H2   sing N N 72  
GLN CA  C    sing N N 73  
GLN CA  CB   sing N N 74  
GLN CA  HA   sing N N 75  
GLN C   O    doub N N 76  
GLN C   OXT  sing N N 77  
GLN CB  CG   sing N N 78  
GLN CB  HB2  sing N N 79  
GLN CB  HB3  sing N N 80  
GLN CG  CD   sing N N 81  
GLN CG  HG2  sing N N 82  
GLN CG  HG3  sing N N 83  
GLN CD  OE1  doub N N 84  
GLN CD  NE2  sing N N 85  
GLN NE2 HE21 sing N N 86  
GLN NE2 HE22 sing N N 87  
GLN OXT HXT  sing N N 88  
GLU N   CA   sing N N 89  
GLU N   H    sing N N 90  
GLU N   H2   sing N N 91  
GLU CA  C    sing N N 92  
GLU CA  CB   sing N N 93  
GLU CA  HA   sing N N 94  
GLU C   O    doub N N 95  
GLU C   OXT  sing N N 96  
GLU CB  CG   sing N N 97  
GLU CB  HB2  sing N N 98  
GLU CB  HB3  sing N N 99  
GLU CG  CD   sing N N 100 
GLU CG  HG2  sing N N 101 
GLU CG  HG3  sing N N 102 
GLU CD  OE1  doub N N 103 
GLU CD  OE2  sing N N 104 
GLU OE2 HE2  sing N N 105 
GLU OXT HXT  sing N N 106 
GLY N   CA   sing N N 107 
GLY N   H    sing N N 108 
GLY N   H2   sing N N 109 
GLY CA  C    sing N N 110 
GLY CA  HA2  sing N N 111 
GLY CA  HA3  sing N N 112 
GLY C   O    doub N N 113 
GLY C   OXT  sing N N 114 
GLY OXT HXT  sing N N 115 
HIS N   CA   sing N N 116 
HIS N   H    sing N N 117 
HIS N   H2   sing N N 118 
HIS CA  C    sing N N 119 
HIS CA  CB   sing N N 120 
HIS CA  HA   sing N N 121 
HIS C   O    doub N N 122 
HIS C   OXT  sing N N 123 
HIS CB  CG   sing N N 124 
HIS CB  HB2  sing N N 125 
HIS CB  HB3  sing N N 126 
HIS CG  ND1  sing Y N 127 
HIS CG  CD2  doub Y N 128 
HIS ND1 CE1  doub Y N 129 
HIS ND1 HD1  sing N N 130 
HIS CD2 NE2  sing Y N 131 
HIS CD2 HD2  sing N N 132 
HIS CE1 NE2  sing Y N 133 
HIS CE1 HE1  sing N N 134 
HIS NE2 HE2  sing N N 135 
HIS OXT HXT  sing N N 136 
HOH O   H1   sing N N 137 
HOH O   H2   sing N N 138 
ILE N   CA   sing N N 139 
ILE N   H    sing N N 140 
ILE N   H2   sing N N 141 
ILE CA  C    sing N N 142 
ILE CA  CB   sing N N 143 
ILE CA  HA   sing N N 144 
ILE C   O    doub N N 145 
ILE C   OXT  sing N N 146 
ILE CB  CG1  sing N N 147 
ILE CB  CG2  sing N N 148 
ILE CB  HB   sing N N 149 
ILE CG1 CD1  sing N N 150 
ILE CG1 HG12 sing N N 151 
ILE CG1 HG13 sing N N 152 
ILE CG2 HG21 sing N N 153 
ILE CG2 HG22 sing N N 154 
ILE CG2 HG23 sing N N 155 
ILE CD1 HD11 sing N N 156 
ILE CD1 HD12 sing N N 157 
ILE CD1 HD13 sing N N 158 
ILE OXT HXT  sing N N 159 
LEU N   CA   sing N N 160 
LEU N   H    sing N N 161 
LEU N   H2   sing N N 162 
LEU CA  C    sing N N 163 
LEU CA  CB   sing N N 164 
LEU CA  HA   sing N N 165 
LEU C   O    doub N N 166 
LEU C   OXT  sing N N 167 
LEU CB  CG   sing N N 168 
LEU CB  HB2  sing N N 169 
LEU CB  HB3  sing N N 170 
LEU CG  CD1  sing N N 171 
LEU CG  CD2  sing N N 172 
LEU CG  HG   sing N N 173 
LEU CD1 HD11 sing N N 174 
LEU CD1 HD12 sing N N 175 
LEU CD1 HD13 sing N N 176 
LEU CD2 HD21 sing N N 177 
LEU CD2 HD22 sing N N 178 
LEU CD2 HD23 sing N N 179 
LEU OXT HXT  sing N N 180 
LYS N   CA   sing N N 181 
LYS N   H    sing N N 182 
LYS N   H2   sing N N 183 
LYS CA  C    sing N N 184 
LYS CA  CB   sing N N 185 
LYS CA  HA   sing N N 186 
LYS C   O    doub N N 187 
LYS C   OXT  sing N N 188 
LYS CB  CG   sing N N 189 
LYS CB  HB2  sing N N 190 
LYS CB  HB3  sing N N 191 
LYS CG  CD   sing N N 192 
LYS CG  HG2  sing N N 193 
LYS CG  HG3  sing N N 194 
LYS CD  CE   sing N N 195 
LYS CD  HD2  sing N N 196 
LYS CD  HD3  sing N N 197 
LYS CE  NZ   sing N N 198 
LYS CE  HE2  sing N N 199 
LYS CE  HE3  sing N N 200 
LYS NZ  HZ1  sing N N 201 
LYS NZ  HZ2  sing N N 202 
LYS NZ  HZ3  sing N N 203 
LYS OXT HXT  sing N N 204 
MET N   CA   sing N N 205 
MET N   H    sing N N 206 
MET N   H2   sing N N 207 
MET CA  C    sing N N 208 
MET CA  CB   sing N N 209 
MET CA  HA   sing N N 210 
MET C   O    doub N N 211 
MET C   OXT  sing N N 212 
MET CB  CG   sing N N 213 
MET CB  HB2  sing N N 214 
MET CB  HB3  sing N N 215 
MET CG  SD   sing N N 216 
MET CG  HG2  sing N N 217 
MET CG  HG3  sing N N 218 
MET SD  CE   sing N N 219 
MET CE  HE1  sing N N 220 
MET CE  HE2  sing N N 221 
MET CE  HE3  sing N N 222 
MET OXT HXT  sing N N 223 
PHE N   CA   sing N N 224 
PHE N   H    sing N N 225 
PHE N   H2   sing N N 226 
PHE CA  C    sing N N 227 
PHE CA  CB   sing N N 228 
PHE CA  HA   sing N N 229 
PHE C   O    doub N N 230 
PHE C   OXT  sing N N 231 
PHE CB  CG   sing N N 232 
PHE CB  HB2  sing N N 233 
PHE CB  HB3  sing N N 234 
PHE CG  CD1  doub Y N 235 
PHE CG  CD2  sing Y N 236 
PHE CD1 CE1  sing Y N 237 
PHE CD1 HD1  sing N N 238 
PHE CD2 CE2  doub Y N 239 
PHE CD2 HD2  sing N N 240 
PHE CE1 CZ   doub Y N 241 
PHE CE1 HE1  sing N N 242 
PHE CE2 CZ   sing Y N 243 
PHE CE2 HE2  sing N N 244 
PHE CZ  HZ   sing N N 245 
PHE OXT HXT  sing N N 246 
PRO N   CA   sing N N 247 
PRO N   CD   sing N N 248 
PRO N   H    sing N N 249 
PRO CA  C    sing N N 250 
PRO CA  CB   sing N N 251 
PRO CA  HA   sing N N 252 
PRO C   O    doub N N 253 
PRO C   OXT  sing N N 254 
PRO CB  CG   sing N N 255 
PRO CB  HB2  sing N N 256 
PRO CB  HB3  sing N N 257 
PRO CG  CD   sing N N 258 
PRO CG  HG2  sing N N 259 
PRO CG  HG3  sing N N 260 
PRO CD  HD2  sing N N 261 
PRO CD  HD3  sing N N 262 
PRO OXT HXT  sing N N 263 
SER N   CA   sing N N 264 
SER N   H    sing N N 265 
SER N   H2   sing N N 266 
SER CA  C    sing N N 267 
SER CA  CB   sing N N 268 
SER CA  HA   sing N N 269 
SER C   O    doub N N 270 
SER C   OXT  sing N N 271 
SER CB  OG   sing N N 272 
SER CB  HB2  sing N N 273 
SER CB  HB3  sing N N 274 
SER OG  HG   sing N N 275 
SER OXT HXT  sing N N 276 
THR N   CA   sing N N 277 
THR N   H    sing N N 278 
THR N   H2   sing N N 279 
THR CA  C    sing N N 280 
THR CA  CB   sing N N 281 
THR CA  HA   sing N N 282 
THR C   O    doub N N 283 
THR C   OXT  sing N N 284 
THR CB  OG1  sing N N 285 
THR CB  CG2  sing N N 286 
THR CB  HB   sing N N 287 
THR OG1 HG1  sing N N 288 
THR CG2 HG21 sing N N 289 
THR CG2 HG22 sing N N 290 
THR CG2 HG23 sing N N 291 
THR OXT HXT  sing N N 292 
TYR N   CA   sing N N 293 
TYR N   H    sing N N 294 
TYR N   H2   sing N N 295 
TYR CA  C    sing N N 296 
TYR CA  CB   sing N N 297 
TYR CA  HA   sing N N 298 
TYR C   O    doub N N 299 
TYR C   OXT  sing N N 300 
TYR CB  CG   sing N N 301 
TYR CB  HB2  sing N N 302 
TYR CB  HB3  sing N N 303 
TYR CG  CD1  doub Y N 304 
TYR CG  CD2  sing Y N 305 
TYR CD1 CE1  sing Y N 306 
TYR CD1 HD1  sing N N 307 
TYR CD2 CE2  doub Y N 308 
TYR CD2 HD2  sing N N 309 
TYR CE1 CZ   doub Y N 310 
TYR CE1 HE1  sing N N 311 
TYR CE2 CZ   sing Y N 312 
TYR CE2 HE2  sing N N 313 
TYR CZ  OH   sing N N 314 
TYR OH  HH   sing N N 315 
TYR OXT HXT  sing N N 316 
VAL N   CA   sing N N 317 
VAL N   H    sing N N 318 
VAL N   H2   sing N N 319 
VAL CA  C    sing N N 320 
VAL CA  CB   sing N N 321 
VAL CA  HA   sing N N 322 
VAL C   O    doub N N 323 
VAL C   OXT  sing N N 324 
VAL CB  CG1  sing N N 325 
VAL CB  CG2  sing N N 326 
VAL CB  HB   sing N N 327 
VAL CG1 HG11 sing N N 328 
VAL CG1 HG12 sing N N 329 
VAL CG1 HG13 sing N N 330 
VAL CG2 HG21 sing N N 331 
VAL CG2 HG22 sing N N 332 
VAL CG2 HG23 sing N N 333 
VAL OXT HXT  sing N N 334 
# 
_pdbx_entity_nonpoly.entity_id   2 
_pdbx_entity_nonpoly.name        water 
_pdbx_entity_nonpoly.comp_id     HOH 
# 
_pdbx_initial_refinement_model.id               1 
_pdbx_initial_refinement_model.entity_id_list   ? 
_pdbx_initial_refinement_model.type             'experimental model' 
_pdbx_initial_refinement_model.source_name      PDB 
_pdbx_initial_refinement_model.accession_code   2GBM 
_pdbx_initial_refinement_model.details          'PDB ENTRY 2GBM' 
# 
